data_6IK6
#
_entry.id   6IK6
#
_cell.length_a   94.032
_cell.length_b   110.730
_cell.length_c   162.141
_cell.angle_alpha   90.00
_cell.angle_beta   90.00
_cell.angle_gamma   90.00
#
_symmetry.space_group_name_H-M   'P 21 21 21'
#
loop_
_entity.id
_entity.type
_entity.pdbx_description
1 polymer Beta-galactosidase
2 branched 2-acetamido-2-deoxy-beta-D-glucopyranose-(1-4)-2-acetamido-2-deoxy-beta-D-glucopyranose
3 branched beta-D-galactopyranose-(1-4)-beta-D-galactopyranose
4 non-polymer 'CHLORIDE ION'
5 non-polymer 2-acetamido-2-deoxy-beta-D-glucopyranose
6 water water
#
_entity_poly.entity_id   1
_entity_poly.type   'polypeptide(L)'
_entity_poly.pdbx_seq_one_letter_code
;EAEAEFSVSYDDRAIIINGKRKILISGSIHYPRSTPQMWPDLIQKAKDGGLDVIETYVFWNGHEPSPGKYNFEGRYDLVR
FIKMVQRAGLYVNLRIGPYVCAEWNFGGFPVWLKYVPGMEFRTNNQPFKVAMQGFVQKIVNMMKSENLFESQGGPIIMAQ
IENAYGPVEWEIGAPGKAYTKWAAQMAVGLKTGVPWIMCKQEDAPDPVIDTCNGFYCEGFRPNKPYKPKMWTEVWTGWYT
KFGGPIPQRPAEDIAFSVARFVQNNGSFFNYYMYHGGTNFGRTSSGLFIATSYDYDAPLDEYGLLNEPKYGHLRDLHKAI
KLSEPALVSSYAAVTSLGSNQEAHVYRSKSGACAAFLSNYDSRYSVKVTFQNRPYNLPPWSISILPDCKTAVYNTAQVNS
QSSSIKMTPAGGGLSWQSYNEETPTADDSDTLTANGLWEQKNVTRDSSDYLWYMTNVNIASNEGFLKNGKDPYLTVMSAG
HVLHVFVNGKLSGTVYGTLDNPKLTYSGNVKLRAGINKISLLSVSVGLPNVGVHYDTWNAGVLGPVTLSGLNEGSRNLAK
QKWSYKVGLKGESLSLHSLSGSSSVEWVRGSLMAQKQPLTWYKATFNAPGGNDPLALDMASMGKGQIWINGEGVGRHWPG
YIAQGDCSKCSYAGTFNEKKCQTNCGQPSQRWYHVPRSWLKPSGNLLVVFEEWGGNPTGISLVRRSRSAAAASFLEQK
;
_entity_poly.pdbx_strand_id   A,B
#
# COMPACT_ATOMS: atom_id res chain seq x y z
N GLU A 5 -16.95 7.27 -18.31
CA GLU A 5 -17.71 7.75 -17.16
C GLU A 5 -16.80 8.23 -16.04
N PHE A 6 -15.67 7.54 -15.87
CA PHE A 6 -14.66 7.90 -14.88
C PHE A 6 -13.31 7.97 -15.61
N SER A 7 -12.98 9.15 -16.13
CA SER A 7 -11.68 9.38 -16.72
C SER A 7 -11.20 10.80 -16.45
N VAL A 8 -9.90 10.94 -16.20
CA VAL A 8 -9.24 12.23 -16.20
C VAL A 8 -8.23 12.24 -17.35
N SER A 9 -8.26 13.30 -18.15
CA SER A 9 -7.31 13.51 -19.23
C SER A 9 -7.02 15.00 -19.32
N TYR A 10 -6.47 15.45 -20.45
CA TYR A 10 -6.07 16.83 -20.59
C TYR A 10 -6.13 17.27 -22.03
N ASP A 11 -6.09 18.58 -22.24
CA ASP A 11 -5.77 19.14 -23.54
C ASP A 11 -4.79 20.30 -23.34
N ASP A 12 -4.82 21.26 -24.24
CA ASP A 12 -3.93 22.41 -24.21
C ASP A 12 -4.35 23.46 -23.19
N ARG A 13 -5.45 23.21 -22.49
CA ARG A 13 -6.06 24.21 -21.64
C ARG A 13 -6.13 23.81 -20.17
N ALA A 14 -6.33 22.53 -19.86
CA ALA A 14 -6.55 22.12 -18.48
C ALA A 14 -6.50 20.60 -18.39
N ILE A 15 -6.41 20.10 -17.15
CA ILE A 15 -6.78 18.72 -16.86
C ILE A 15 -8.30 18.57 -17.07
N ILE A 16 -8.72 17.38 -17.48
CA ILE A 16 -10.10 17.09 -17.87
C ILE A 16 -10.61 15.95 -16.98
N ILE A 17 -11.31 16.28 -15.90
CA ILE A 17 -11.85 15.26 -15.01
C ILE A 17 -13.28 15.01 -15.44
N ASN A 18 -13.53 13.79 -15.95
CA ASN A 18 -14.87 13.36 -16.39
C ASN A 18 -15.43 14.28 -17.46
N GLY A 19 -14.62 14.51 -18.50
CA GLY A 19 -15.03 15.30 -19.62
C GLY A 19 -14.94 16.80 -19.46
N LYS A 20 -14.90 17.33 -18.25
CA LYS A 20 -14.85 18.78 -18.12
C LYS A 20 -13.46 19.29 -17.76
N ARG A 21 -13.10 20.42 -18.37
CA ARG A 21 -11.90 21.15 -18.01
C ARG A 21 -12.05 21.79 -16.64
N LYS A 22 -10.99 21.75 -15.85
CA LYS A 22 -10.99 22.28 -14.50
C LYS A 22 -9.77 23.18 -14.29
N ILE A 23 -9.99 24.33 -13.65
CA ILE A 23 -8.88 25.19 -13.19
C ILE A 23 -8.59 24.78 -11.74
N LEU A 24 -7.69 23.82 -11.56
CA LEU A 24 -7.54 23.16 -10.26
C LEU A 24 -6.57 23.92 -9.34
N ILE A 25 -7.02 24.17 -8.11
CA ILE A 25 -6.21 24.77 -7.06
C ILE A 25 -5.75 23.68 -6.08
N SER A 26 -4.44 23.55 -5.90
CA SER A 26 -3.86 22.49 -5.08
C SER A 26 -3.02 23.04 -3.92
N GLY A 27 -2.64 22.13 -3.02
CA GLY A 27 -1.84 22.46 -1.86
C GLY A 27 -1.14 21.22 -1.36
N SER A 28 0.06 21.39 -0.82
CA SER A 28 0.87 20.26 -0.38
C SER A 28 0.70 20.01 1.12
N ILE A 29 0.58 18.73 1.46
CA ILE A 29 0.47 18.26 2.84
C ILE A 29 1.14 16.90 2.84
N HIS A 30 2.24 16.78 3.57
CA HIS A 30 2.96 15.52 3.64
C HIS A 30 2.45 14.74 4.86
N TYR A 31 1.85 13.56 4.59
CA TYR A 31 1.16 12.83 5.65
C TYR A 31 2.05 12.53 6.85
N PRO A 32 3.31 12.11 6.74
CA PRO A 32 4.10 11.85 7.95
C PRO A 32 4.56 13.11 8.67
N ARG A 33 4.39 14.30 8.10
CA ARG A 33 4.81 15.50 8.81
C ARG A 33 3.72 16.07 9.69
N SER A 34 2.63 15.32 9.89
CA SER A 34 1.61 15.58 10.91
C SER A 34 1.15 14.22 11.45
N THR A 35 0.09 14.24 12.29
CA THR A 35 -0.42 12.95 12.80
C THR A 35 -1.81 12.64 12.22
N PRO A 36 -2.18 11.35 12.16
CA PRO A 36 -3.51 11.00 11.65
C PRO A 36 -4.63 11.70 12.38
N GLN A 37 -4.45 11.95 13.67
CA GLN A 37 -5.44 12.72 14.41
C GLN A 37 -5.57 14.14 13.90
N MET A 38 -4.58 14.65 13.16
CA MET A 38 -4.65 16.01 12.65
C MET A 38 -5.18 16.08 11.23
N TRP A 39 -4.87 15.06 10.43
CA TRP A 39 -5.23 15.01 9.01
C TRP A 39 -6.62 15.54 8.72
N PRO A 40 -7.69 15.11 9.39
CA PRO A 40 -9.00 15.68 9.08
C PRO A 40 -9.04 17.18 9.29
N ASP A 41 -8.40 17.68 10.33
CA ASP A 41 -8.49 19.11 10.57
C ASP A 41 -7.76 19.89 9.48
N LEU A 42 -6.53 19.47 9.16
CA LEU A 42 -5.78 20.08 8.07
C LEU A 42 -6.62 20.12 6.80
N ILE A 43 -7.03 18.93 6.34
CA ILE A 43 -7.82 18.77 5.12
C ILE A 43 -9.05 19.69 5.13
N GLN A 44 -9.75 19.72 6.26
CA GLN A 44 -10.89 20.63 6.35
C GLN A 44 -10.44 22.08 6.16
N LYS A 45 -9.32 22.45 6.80
CA LYS A 45 -8.86 23.83 6.71
C LYS A 45 -8.40 24.16 5.29
N ALA A 46 -7.77 23.18 4.63
CA ALA A 46 -7.39 23.29 3.23
C ALA A 46 -8.59 23.57 2.33
N LYS A 47 -9.57 22.66 2.32
CA LYS A 47 -10.79 22.89 1.54
C LYS A 47 -11.40 24.27 1.83
N ASP A 48 -11.62 24.60 3.11
CA ASP A 48 -12.13 25.93 3.44
C ASP A 48 -11.16 27.02 3.00
N GLY A 49 -9.92 26.66 2.69
CA GLY A 49 -8.98 27.62 2.17
C GLY A 49 -9.09 27.85 0.69
N GLY A 50 -9.95 27.09 0.02
CA GLY A 50 -10.14 27.22 -1.40
C GLY A 50 -9.50 26.14 -2.25
N LEU A 51 -9.05 25.05 -1.65
CA LEU A 51 -8.29 24.03 -2.35
C LEU A 51 -9.20 22.97 -2.94
N ASP A 52 -8.89 22.58 -4.18
CA ASP A 52 -9.59 21.47 -4.84
C ASP A 52 -8.80 20.16 -4.77
N VAL A 53 -7.48 20.25 -4.66
CA VAL A 53 -6.59 19.10 -4.71
C VAL A 53 -5.67 19.14 -3.50
N ILE A 54 -5.39 17.96 -2.94
CA ILE A 54 -4.33 17.78 -1.96
C ILE A 54 -3.15 17.09 -2.63
N GLU A 55 -1.96 17.68 -2.48
CA GLU A 55 -0.71 17.15 -3.03
C GLU A 55 0.15 16.58 -1.91
N THR A 56 0.81 15.44 -2.19
CA THR A 56 1.70 14.80 -1.22
C THR A 56 2.72 13.95 -1.96
N TYR A 57 3.92 13.86 -1.40
CA TYR A 57 4.94 12.89 -1.81
C TYR A 57 4.65 11.53 -1.18
N VAL A 58 5.33 10.51 -1.68
CA VAL A 58 5.40 9.21 -1.00
C VAL A 58 6.80 9.05 -0.43
N PHE A 59 6.88 8.57 0.81
CA PHE A 59 8.16 8.60 1.53
C PHE A 59 8.73 7.19 1.65
N TRP A 60 9.46 6.79 0.61
CA TRP A 60 9.92 5.41 0.43
C TRP A 60 10.69 4.89 1.64
N ASN A 61 11.71 5.63 2.09
CA ASN A 61 12.49 5.15 3.24
C ASN A 61 11.64 5.10 4.49
N GLY A 62 10.60 5.92 4.58
CA GLY A 62 9.66 5.78 5.67
C GLY A 62 8.89 4.47 5.58
N HIS A 63 8.60 4.03 4.35
CA HIS A 63 7.70 2.92 4.10
C HIS A 63 8.40 1.56 4.06
N GLU A 64 9.69 1.51 3.76
CA GLU A 64 10.43 0.25 3.70
C GLU A 64 11.77 0.43 4.40
N PRO A 65 11.74 0.59 5.73
CA PRO A 65 13.01 0.68 6.50
C PRO A 65 13.93 -0.51 6.30
N SER A 66 13.40 -1.73 6.37
CA SER A 66 14.16 -2.92 6.02
C SER A 66 13.75 -3.39 4.63
N PRO A 67 14.71 -3.91 3.82
CA PRO A 67 14.32 -4.54 2.55
C PRO A 67 13.33 -5.66 2.77
N GLY A 68 12.09 -5.45 2.35
CA GLY A 68 11.05 -6.44 2.60
C GLY A 68 10.06 -6.01 3.68
N LYS A 69 10.54 -5.52 4.81
CA LYS A 69 9.67 -5.13 5.92
C LYS A 69 9.06 -3.75 5.62
N TYR A 70 7.77 -3.71 5.27
CA TYR A 70 7.08 -2.48 4.92
C TYR A 70 6.39 -1.85 6.14
N ASN A 71 6.16 -0.53 6.08
CA ASN A 71 5.45 0.22 7.12
C ASN A 71 4.39 1.11 6.49
N PHE A 72 3.12 0.93 6.92
CA PHE A 72 2.02 1.81 6.55
C PHE A 72 1.07 2.07 7.72
N GLU A 73 1.60 2.15 8.95
CA GLU A 73 0.82 2.34 10.16
C GLU A 73 0.98 3.76 10.70
N GLY A 74 -0.04 4.25 11.40
CA GLY A 74 0.08 5.55 12.04
C GLY A 74 0.11 6.69 11.04
N ARG A 75 1.02 7.64 11.26
CA ARG A 75 1.18 8.75 10.32
C ARG A 75 1.87 8.32 9.02
N TYR A 76 2.24 7.06 8.87
CA TYR A 76 2.66 6.53 7.57
C TYR A 76 1.56 5.70 6.91
N ASP A 77 0.32 5.78 7.38
CA ASP A 77 -0.78 5.12 6.68
C ASP A 77 -1.17 6.03 5.53
N LEU A 78 -0.61 5.73 4.36
CA LEU A 78 -0.83 6.53 3.16
C LEU A 78 -2.26 6.38 2.64
N VAL A 79 -2.73 5.13 2.56
CA VAL A 79 -4.10 4.83 2.16
C VAL A 79 -5.10 5.53 3.07
N ARG A 80 -4.88 5.46 4.39
CA ARG A 80 -5.77 6.15 5.33
C ARG A 80 -5.89 7.62 4.96
N PHE A 81 -4.74 8.26 4.75
CA PHE A 81 -4.70 9.69 4.46
C PHE A 81 -5.53 10.04 3.22
N ILE A 82 -5.25 9.39 2.09
CA ILE A 82 -5.92 9.72 0.83
C ILE A 82 -7.44 9.58 0.97
N LYS A 83 -7.91 8.47 1.55
CA LYS A 83 -9.34 8.32 1.76
C LYS A 83 -9.90 9.44 2.63
N MET A 84 -9.10 9.96 3.56
CA MET A 84 -9.54 11.12 4.32
C MET A 84 -9.69 12.35 3.43
N VAL A 85 -8.89 12.45 2.36
CA VAL A 85 -9.08 13.51 1.38
C VAL A 85 -10.35 13.27 0.59
N GLN A 86 -10.52 12.05 0.07
CA GLN A 86 -11.72 11.69 -0.67
C GLN A 86 -12.98 11.97 0.16
N ARG A 87 -12.99 11.57 1.43
CA ARG A 87 -14.16 11.86 2.27
C ARG A 87 -14.45 13.35 2.32
N ALA A 88 -13.45 14.19 2.09
CA ALA A 88 -13.63 15.63 2.07
C ALA A 88 -14.04 16.13 0.69
N GLY A 89 -14.05 15.26 -0.31
CA GLY A 89 -14.41 15.68 -1.65
C GLY A 89 -13.33 16.46 -2.35
N LEU A 90 -12.07 16.20 -2.00
CA LEU A 90 -10.93 16.81 -2.63
C LEU A 90 -10.19 15.75 -3.42
N TYR A 91 -9.47 16.19 -4.46
CA TYR A 91 -8.65 15.31 -5.28
C TYR A 91 -7.23 15.22 -4.73
N VAL A 92 -6.46 14.25 -5.23
CA VAL A 92 -5.09 14.04 -4.78
C VAL A 92 -4.15 14.00 -5.99
N ASN A 93 -3.09 14.82 -5.94
CA ASN A 93 -1.93 14.69 -6.81
C ASN A 93 -0.88 13.92 -6.02
N LEU A 94 -0.59 12.69 -6.46
CA LEU A 94 0.27 11.79 -5.70
C LEU A 94 1.64 11.76 -6.37
N ARG A 95 2.59 12.47 -5.78
CA ARG A 95 3.95 12.57 -6.29
C ARG A 95 4.73 11.42 -5.69
N ILE A 96 4.94 10.38 -6.49
CA ILE A 96 5.42 9.12 -5.93
C ILE A 96 6.95 9.06 -5.87
N GLY A 97 7.64 9.66 -6.83
CA GLY A 97 9.06 9.76 -6.77
C GLY A 97 9.72 8.63 -7.52
N PRO A 98 10.38 7.71 -6.81
CA PRO A 98 10.56 7.64 -5.35
C PRO A 98 11.53 8.68 -4.76
N TYR A 99 12.48 9.19 -5.55
CA TYR A 99 13.23 10.36 -5.12
C TYR A 99 12.28 11.55 -4.95
N VAL A 100 12.43 12.29 -3.86
CA VAL A 100 11.41 13.31 -3.60
C VAL A 100 12.04 14.62 -3.13
N CYS A 101 13.36 14.63 -2.96
CA CYS A 101 14.01 15.79 -2.39
C CYS A 101 13.32 16.10 -1.06
N ALA A 102 12.38 17.05 -1.08
CA ALA A 102 11.44 17.32 0.00
C ALA A 102 12.09 17.80 1.31
N GLU A 103 13.38 18.06 1.34
CA GLU A 103 14.12 18.29 2.59
C GLU A 103 13.96 17.10 3.54
N TRP A 104 13.91 15.92 2.94
CA TRP A 104 13.63 14.67 3.63
C TRP A 104 14.87 13.79 3.59
N ASN A 105 15.10 13.06 4.68
CA ASN A 105 16.30 12.26 4.87
C ASN A 105 16.71 11.51 3.61
N PHE A 106 17.91 11.83 3.10
CA PHE A 106 18.49 11.12 1.97
C PHE A 106 17.62 11.27 0.72
N GLY A 107 16.72 12.25 0.71
CA GLY A 107 15.80 12.49 -0.39
C GLY A 107 14.69 11.47 -0.53
N GLY A 108 14.51 10.59 0.45
CA GLY A 108 13.48 9.58 0.43
C GLY A 108 13.98 8.16 0.26
N PHE A 109 15.12 7.97 -0.43
CA PHE A 109 15.67 6.62 -0.55
C PHE A 109 15.95 6.03 0.82
N PRO A 110 15.67 4.73 1.02
CA PRO A 110 16.16 4.05 2.23
C PRO A 110 17.66 3.88 2.15
N VAL A 111 18.33 4.06 3.29
CA VAL A 111 19.79 4.02 3.26
C VAL A 111 20.28 2.66 2.78
N TRP A 112 19.57 1.58 3.15
CA TRP A 112 20.05 0.26 2.73
C TRP A 112 20.17 0.15 1.22
N LEU A 113 19.31 0.82 0.45
CA LEU A 113 19.44 0.80 -1.00
C LEU A 113 20.85 1.17 -1.47
N LYS A 114 21.48 2.16 -0.81
CA LYS A 114 22.85 2.59 -1.13
C LYS A 114 23.81 1.43 -1.26
N TYR A 115 23.56 0.34 -0.53
CA TYR A 115 24.51 -0.74 -0.32
C TYR A 115 24.08 -2.05 -0.97
N VAL A 116 22.95 -2.06 -1.67
CA VAL A 116 22.67 -3.06 -2.69
C VAL A 116 23.84 -3.14 -3.66
N PRO A 117 24.29 -4.32 -4.07
CA PRO A 117 25.50 -4.40 -4.90
C PRO A 117 25.25 -3.86 -6.29
N GLY A 118 26.29 -3.29 -6.88
CA GLY A 118 26.21 -2.71 -8.21
C GLY A 118 25.43 -1.42 -8.33
N MET A 119 24.81 -0.95 -7.24
CA MET A 119 23.84 0.15 -7.27
C MET A 119 24.44 1.51 -7.64
N GLU A 120 23.66 2.28 -8.40
CA GLU A 120 23.85 3.72 -8.58
C GLU A 120 22.49 4.40 -8.57
N PHE A 121 22.35 5.45 -7.78
CA PHE A 121 21.09 6.16 -7.68
C PHE A 121 20.83 7.03 -8.92
N ARG A 122 19.54 7.14 -9.26
CA ARG A 122 19.00 8.13 -10.20
C ARG A 122 19.76 8.16 -11.53
N THR A 123 19.94 6.97 -12.11
CA THR A 123 20.63 6.86 -13.40
C THR A 123 20.20 5.56 -14.09
N ASN A 124 20.89 5.25 -15.19
CA ASN A 124 20.58 4.10 -16.03
C ASN A 124 21.26 2.85 -15.46
N ASN A 125 20.78 2.46 -14.28
CA ASN A 125 21.42 1.46 -13.42
C ASN A 125 20.38 0.39 -13.12
N GLN A 126 20.71 -0.87 -13.45
CA GLN A 126 19.65 -1.89 -13.39
C GLN A 126 19.30 -2.32 -11.97
N PRO A 127 20.24 -2.35 -11.02
CA PRO A 127 19.81 -2.53 -9.62
C PRO A 127 18.88 -1.44 -9.13
N PHE A 128 19.19 -0.17 -9.45
CA PHE A 128 18.29 0.92 -9.11
C PHE A 128 16.93 0.75 -9.79
N LYS A 129 16.95 0.49 -11.11
CA LYS A 129 15.71 0.38 -11.87
C LYS A 129 14.78 -0.67 -11.26
N VAL A 130 15.29 -1.86 -10.95
CA VAL A 130 14.39 -2.89 -10.43
C VAL A 130 13.81 -2.46 -9.09
N ALA A 131 14.65 -1.86 -8.22
CA ALA A 131 14.20 -1.46 -6.90
C ALA A 131 13.12 -0.38 -7.00
N MET A 132 13.36 0.63 -7.86
CA MET A 132 12.42 1.72 -8.04
C MET A 132 11.10 1.23 -8.64
N GLN A 133 11.19 0.46 -9.73
CA GLN A 133 9.99 -0.11 -10.34
C GLN A 133 9.20 -0.90 -9.32
N GLY A 134 9.91 -1.70 -8.51
CA GLY A 134 9.30 -2.45 -7.43
C GLY A 134 8.49 -1.60 -6.48
N PHE A 135 9.13 -0.60 -5.87
CA PHE A 135 8.39 0.25 -4.93
C PHE A 135 7.29 1.03 -5.64
N VAL A 136 7.52 1.44 -6.88
CA VAL A 136 6.53 2.26 -7.57
C VAL A 136 5.28 1.44 -7.87
N GLN A 137 5.44 0.30 -8.56
CA GLN A 137 4.25 -0.53 -8.85
C GLN A 137 3.59 -0.98 -7.55
N LYS A 138 4.37 -1.34 -6.54
CA LYS A 138 3.84 -1.63 -5.20
C LYS A 138 2.91 -0.53 -4.73
N ILE A 139 3.27 0.72 -4.99
CA ILE A 139 2.44 1.84 -4.51
C ILE A 139 1.26 2.05 -5.45
N VAL A 140 1.48 1.90 -6.76
CA VAL A 140 0.38 2.02 -7.70
C VAL A 140 -0.64 0.91 -7.45
N ASN A 141 -0.17 -0.34 -7.35
CA ASN A 141 -1.05 -1.45 -6.98
C ASN A 141 -1.85 -1.15 -5.73
N MET A 142 -1.18 -0.65 -4.69
CA MET A 142 -1.87 -0.34 -3.45
C MET A 142 -3.03 0.61 -3.70
N MET A 143 -2.77 1.70 -4.42
CA MET A 143 -3.82 2.64 -4.80
C MET A 143 -4.92 1.96 -5.59
N LYS A 144 -4.53 1.27 -6.68
CA LYS A 144 -5.45 0.47 -7.49
C LYS A 144 -6.34 -0.41 -6.62
N SER A 145 -5.73 -1.26 -5.81
CA SER A 145 -6.45 -2.29 -5.08
C SER A 145 -7.31 -1.75 -3.94
N GLU A 146 -7.34 -0.44 -3.71
CA GLU A 146 -8.37 0.16 -2.88
C GLU A 146 -9.17 1.17 -3.69
N ASN A 147 -9.10 1.02 -5.02
CA ASN A 147 -9.75 1.85 -6.03
C ASN A 147 -9.73 3.32 -5.62
N LEU A 148 -8.52 3.88 -5.64
CA LEU A 148 -8.25 5.25 -5.23
C LEU A 148 -7.95 6.16 -6.40
N PHE A 149 -7.66 5.62 -7.58
CA PHE A 149 -7.48 6.45 -8.76
C PHE A 149 -8.83 6.95 -9.27
N GLU A 150 -8.81 8.16 -9.86
CA GLU A 150 -10.04 8.75 -10.40
C GLU A 150 -10.69 7.83 -11.44
N SER A 151 -9.86 7.16 -12.24
CA SER A 151 -10.29 6.09 -13.14
C SER A 151 -11.30 5.16 -12.49
N GLN A 152 -11.20 4.99 -11.17
CA GLN A 152 -12.02 4.04 -10.43
C GLN A 152 -12.89 4.72 -9.38
N GLY A 153 -13.22 6.00 -9.59
CA GLY A 153 -14.03 6.75 -8.67
C GLY A 153 -13.32 7.29 -7.44
N GLY A 154 -12.00 7.07 -7.32
CA GLY A 154 -11.20 7.58 -6.22
C GLY A 154 -10.66 8.97 -6.51
N PRO A 155 -9.89 9.53 -5.56
CA PRO A 155 -9.55 10.95 -5.66
C PRO A 155 -8.29 11.29 -6.44
N ILE A 156 -7.46 10.31 -6.81
CA ILE A 156 -6.13 10.57 -7.38
C ILE A 156 -6.28 11.01 -8.84
N ILE A 157 -6.14 12.31 -9.11
CA ILE A 157 -6.30 12.78 -10.48
C ILE A 157 -4.99 12.78 -11.28
N MET A 158 -3.84 12.55 -10.65
CA MET A 158 -2.56 12.48 -11.35
C MET A 158 -1.49 11.97 -10.39
N ALA A 159 -0.40 11.46 -10.95
CA ALA A 159 0.74 10.96 -10.19
C ALA A 159 2.04 11.49 -10.79
N GLN A 160 3.04 11.73 -9.92
CA GLN A 160 4.35 12.20 -10.37
C GLN A 160 5.42 11.11 -10.22
N ILE A 161 6.26 11.00 -11.26
CA ILE A 161 7.40 10.08 -11.29
C ILE A 161 8.69 10.90 -11.23
N GLU A 162 9.70 10.34 -10.57
CA GLU A 162 10.96 11.03 -10.28
C GLU A 162 10.63 12.32 -9.52
N ASN A 163 11.56 13.28 -9.46
CA ASN A 163 11.25 14.63 -8.98
C ASN A 163 12.35 15.59 -9.42
N ALA A 164 12.00 16.56 -10.26
CA ALA A 164 12.96 17.54 -10.77
C ALA A 164 14.25 16.87 -11.25
N TYR A 165 14.11 15.77 -11.97
CA TYR A 165 15.31 15.09 -12.46
C TYR A 165 16.02 15.84 -13.59
N GLY A 166 15.39 16.87 -14.16
CA GLY A 166 15.91 17.56 -15.32
C GLY A 166 17.30 18.14 -15.17
N PRO A 167 17.51 18.99 -14.17
CA PRO A 167 18.88 19.48 -13.91
C PRO A 167 19.89 18.39 -13.62
N VAL A 168 19.51 17.31 -12.93
CA VAL A 168 20.47 16.22 -12.72
C VAL A 168 20.78 15.53 -14.05
N GLU A 169 19.74 15.31 -14.87
CA GLU A 169 19.95 14.71 -16.18
C GLU A 169 20.88 15.55 -17.04
N TRP A 170 20.66 16.87 -17.09
CA TRP A 170 21.56 17.75 -17.83
C TRP A 170 23.02 17.49 -17.46
N GLU A 171 23.29 17.30 -16.17
CA GLU A 171 24.66 17.09 -15.72
C GLU A 171 25.19 15.72 -16.12
N ILE A 172 24.36 14.67 -16.00
CA ILE A 172 24.91 13.34 -16.20
C ILE A 172 24.69 12.82 -17.61
N GLY A 173 24.05 13.60 -18.48
CA GLY A 173 24.01 13.29 -19.90
C GLY A 173 23.29 11.98 -20.24
N ALA A 174 23.91 11.22 -21.16
CA ALA A 174 23.28 10.08 -21.82
C ALA A 174 22.55 9.11 -20.91
N PRO A 175 23.15 8.59 -19.84
CA PRO A 175 22.39 7.66 -18.99
C PRO A 175 21.20 8.34 -18.33
N GLY A 176 21.33 9.65 -18.05
CA GLY A 176 20.20 10.39 -17.50
C GLY A 176 19.03 10.43 -18.45
N LYS A 177 19.31 10.67 -19.74
CA LYS A 177 18.25 10.73 -20.72
C LYS A 177 17.60 9.35 -20.91
N ALA A 178 18.44 8.31 -21.02
CA ALA A 178 17.94 6.94 -21.02
C ALA A 178 17.07 6.68 -19.79
N TYR A 179 17.56 7.07 -18.61
CA TYR A 179 16.82 6.85 -17.37
C TYR A 179 15.45 7.54 -17.41
N THR A 180 15.38 8.81 -17.87
CA THR A 180 14.07 9.47 -17.85
C THR A 180 13.13 8.80 -18.83
N LYS A 181 13.64 8.37 -19.99
CA LYS A 181 12.85 7.56 -20.89
C LYS A 181 12.30 6.33 -20.17
N TRP A 182 13.19 5.56 -19.53
CA TRP A 182 12.75 4.36 -18.85
C TRP A 182 11.69 4.68 -17.81
N ALA A 183 11.89 5.73 -17.03
CA ALA A 183 11.00 6.03 -15.91
C ALA A 183 9.61 6.44 -16.38
N ALA A 184 9.54 7.24 -17.44
CA ALA A 184 8.25 7.65 -17.99
C ALA A 184 7.48 6.45 -18.56
N GLN A 185 8.14 5.64 -19.41
CA GLN A 185 7.45 4.47 -19.95
C GLN A 185 7.01 3.52 -18.83
N MET A 186 7.90 3.28 -17.85
CA MET A 186 7.60 2.41 -16.72
C MET A 186 6.38 2.89 -15.96
N ALA A 187 6.29 4.21 -15.75
CA ALA A 187 5.22 4.73 -14.91
C ALA A 187 3.88 4.69 -15.62
N VAL A 188 3.82 5.13 -16.89
CA VAL A 188 2.53 5.07 -17.59
C VAL A 188 2.18 3.61 -17.86
N GLY A 189 3.19 2.76 -18.09
CA GLY A 189 2.93 1.34 -18.27
C GLY A 189 2.16 0.70 -17.14
N LEU A 190 2.25 1.28 -15.94
CA LEU A 190 1.41 0.80 -14.85
C LEU A 190 -0.06 1.08 -15.09
N LYS A 191 -0.41 1.73 -16.19
CA LYS A 191 -1.80 1.78 -16.66
C LYS A 191 -2.73 2.19 -15.51
N THR A 192 -2.61 3.47 -15.17
CA THR A 192 -3.37 4.02 -14.06
C THR A 192 -4.66 4.69 -14.50
N GLY A 193 -4.79 5.04 -15.78
CA GLY A 193 -5.98 5.73 -16.23
C GLY A 193 -6.06 7.19 -15.81
N VAL A 194 -5.09 7.69 -15.06
CA VAL A 194 -4.94 9.12 -14.81
C VAL A 194 -3.58 9.50 -15.38
N PRO A 195 -3.33 10.80 -15.60
CA PRO A 195 -2.07 11.19 -16.27
C PRO A 195 -0.88 11.22 -15.31
N TRP A 196 0.30 11.09 -15.91
CA TRP A 196 1.58 11.19 -15.21
C TRP A 196 2.26 12.52 -15.52
N ILE A 197 3.01 13.03 -14.54
CA ILE A 197 3.70 14.31 -14.65
C ILE A 197 5.14 14.15 -14.17
N MET A 198 5.99 15.07 -14.62
CA MET A 198 7.34 15.24 -14.11
C MET A 198 7.60 16.74 -14.01
N CYS A 199 8.12 17.19 -12.88
CA CYS A 199 8.50 18.60 -12.73
C CYS A 199 9.95 18.78 -13.12
N LYS A 200 10.23 19.94 -13.71
CA LYS A 200 11.54 20.28 -14.24
C LYS A 200 12.05 19.14 -15.14
N GLN A 201 11.32 18.93 -16.23
CA GLN A 201 11.66 17.85 -17.13
C GLN A 201 11.18 18.16 -18.56
N GLU A 202 11.81 19.12 -19.25
CA GLU A 202 11.39 19.45 -20.62
C GLU A 202 11.51 18.23 -21.55
N ASP A 203 12.54 17.42 -21.33
CA ASP A 203 12.76 16.08 -21.87
C ASP A 203 11.51 15.20 -21.92
N ALA A 204 10.53 15.48 -21.06
CA ALA A 204 9.49 14.53 -20.69
C ALA A 204 8.79 13.96 -21.93
N PRO A 205 8.75 12.64 -22.09
CA PRO A 205 8.09 12.05 -23.26
C PRO A 205 6.57 12.07 -23.15
N ASP A 206 5.91 12.06 -24.32
CA ASP A 206 4.48 11.82 -24.34
C ASP A 206 4.18 10.46 -23.72
N PRO A 207 3.06 10.31 -22.99
CA PRO A 207 2.03 11.34 -22.74
C PRO A 207 2.20 12.05 -21.41
N VAL A 208 3.43 12.18 -20.90
CA VAL A 208 3.68 12.76 -19.59
C VAL A 208 3.70 14.28 -19.70
N ILE A 209 3.11 14.96 -18.72
CA ILE A 209 3.07 16.42 -18.68
C ILE A 209 4.27 16.92 -17.85
N ASP A 210 5.11 17.76 -18.45
CA ASP A 210 6.13 18.44 -17.66
C ASP A 210 5.56 19.72 -17.02
N THR A 211 5.92 19.94 -15.77
CA THR A 211 5.44 21.05 -14.94
C THR A 211 6.65 21.89 -14.53
N CYS A 212 6.42 22.98 -13.78
CA CYS A 212 7.56 23.61 -13.12
C CYS A 212 7.26 23.92 -11.65
N ASN A 213 8.37 24.10 -10.92
CA ASN A 213 8.40 24.56 -9.54
C ASN A 213 9.07 25.92 -9.50
N GLY A 214 8.69 26.72 -8.52
CA GLY A 214 9.42 27.94 -8.25
C GLY A 214 8.60 28.91 -7.45
N PHE A 215 9.23 30.04 -7.14
CA PHE A 215 8.50 31.19 -6.60
C PHE A 215 7.55 31.77 -7.64
N TYR A 216 7.93 31.75 -8.91
CA TYR A 216 7.14 32.29 -10.00
C TYR A 216 7.31 31.36 -11.17
N CYS A 217 6.23 31.09 -11.85
CA CYS A 217 6.32 30.15 -12.95
C CYS A 217 5.51 30.59 -14.17
N GLU A 218 5.27 31.90 -14.33
CA GLU A 218 4.28 32.43 -15.27
C GLU A 218 4.74 32.39 -16.71
N GLY A 219 6.04 32.39 -16.95
CA GLY A 219 6.55 32.25 -18.30
C GLY A 219 6.79 30.84 -18.72
N PHE A 220 6.51 29.89 -17.84
CA PHE A 220 6.60 28.49 -18.21
C PHE A 220 5.55 28.17 -19.26
N ARG A 221 5.93 27.31 -20.20
CA ARG A 221 4.98 26.54 -20.98
C ARG A 221 5.50 25.12 -21.00
N PRO A 222 4.62 24.13 -21.09
CA PRO A 222 5.10 22.75 -21.19
C PRO A 222 5.67 22.45 -22.57
N ASN A 223 6.12 21.23 -22.78
CA ASN A 223 6.97 20.88 -23.90
C ASN A 223 6.20 20.41 -25.13
N LYS A 224 4.88 20.39 -25.09
CA LYS A 224 4.04 20.24 -26.28
C LYS A 224 2.87 21.20 -26.17
N PRO A 225 2.39 21.75 -27.28
CA PRO A 225 1.26 22.70 -27.22
C PRO A 225 -0.06 22.06 -26.86
N TYR A 226 -0.16 20.73 -26.84
CA TYR A 226 -1.37 20.04 -26.42
C TYR A 226 -1.33 19.59 -24.96
N LYS A 227 -0.21 19.94 -24.18
CA LYS A 227 -0.27 19.70 -22.75
C LYS A 227 -0.59 20.98 -21.99
N PRO A 228 -1.21 20.89 -20.81
CA PRO A 228 -1.64 22.09 -20.09
C PRO A 228 -0.54 22.64 -19.18
N LYS A 229 -0.73 23.90 -18.77
CA LYS A 229 0.30 24.63 -18.02
C LYS A 229 0.10 24.42 -16.52
N MET A 230 1.01 23.68 -15.88
CA MET A 230 0.85 23.24 -14.50
C MET A 230 2.04 23.64 -13.62
N TRP A 231 1.73 24.24 -12.46
CA TRP A 231 2.70 24.74 -11.48
C TRP A 231 2.60 23.86 -10.23
N THR A 232 3.49 22.87 -10.14
CA THR A 232 3.49 21.86 -9.08
C THR A 232 4.10 22.31 -7.76
N GLU A 233 4.82 23.44 -7.71
CA GLU A 233 5.37 23.91 -6.43
C GLU A 233 5.41 25.44 -6.44
N VAL A 234 4.32 26.06 -5.97
CA VAL A 234 4.36 27.47 -5.61
C VAL A 234 5.01 27.56 -4.23
N TRP A 235 6.27 28.02 -4.18
CA TRP A 235 7.05 28.03 -2.94
C TRP A 235 6.50 29.08 -2.00
N THR A 236 5.80 28.64 -0.96
CA THR A 236 5.06 29.56 -0.09
C THR A 236 5.94 30.18 0.97
N GLY A 237 7.25 29.89 0.91
CA GLY A 237 8.27 30.49 1.74
C GLY A 237 9.54 29.73 1.49
N TRP A 238 10.15 29.19 2.54
CA TRP A 238 11.34 28.36 2.39
C TRP A 238 11.41 27.47 3.61
N TYR A 239 12.38 26.56 3.61
CA TYR A 239 12.59 25.70 4.76
C TYR A 239 13.51 26.36 5.79
N THR A 240 13.46 25.86 7.02
CA THR A 240 14.41 26.29 8.03
C THR A 240 15.54 25.27 8.15
N LYS A 241 16.77 25.78 8.18
CA LYS A 241 17.95 24.98 8.43
C LYS A 241 18.48 25.27 9.82
N PHE A 242 19.03 24.25 10.44
CA PHE A 242 19.78 24.47 11.67
C PHE A 242 20.91 25.48 11.43
N GLY A 243 20.97 26.50 12.29
CA GLY A 243 21.88 27.61 12.10
C GLY A 243 21.43 28.69 11.13
N GLY A 244 20.20 28.61 10.60
CA GLY A 244 19.68 29.61 9.71
C GLY A 244 18.45 30.30 10.27
N PRO A 245 18.00 31.38 9.62
CA PRO A 245 16.81 32.09 10.09
C PRO A 245 15.51 31.46 9.59
N ILE A 246 14.41 31.97 10.12
CA ILE A 246 13.07 31.53 9.72
C ILE A 246 12.65 32.32 8.49
N PRO A 247 12.58 31.70 7.31
CA PRO A 247 12.28 32.45 6.10
C PRO A 247 10.78 32.59 5.91
N GLN A 248 10.39 33.74 5.38
CA GLN A 248 9.00 34.07 5.12
C GLN A 248 8.85 34.60 3.70
N ARG A 249 7.66 34.40 3.12
CA ARG A 249 7.32 34.97 1.83
C ARG A 249 6.03 35.75 1.97
N PRO A 250 5.99 37.03 1.58
CA PRO A 250 4.76 37.84 1.75
C PRO A 250 3.59 37.33 0.92
N ALA A 251 2.38 37.43 1.50
CA ALA A 251 1.17 36.90 0.88
C ALA A 251 0.78 37.68 -0.39
N GLU A 252 0.88 39.01 -0.37
CA GLU A 252 0.69 39.76 -1.62
C GLU A 252 1.60 39.24 -2.72
N ASP A 253 2.81 38.77 -2.38
CA ASP A 253 3.70 38.26 -3.41
C ASP A 253 3.25 36.89 -3.91
N ILE A 254 2.83 36.01 -3.00
CA ILE A 254 2.35 34.70 -3.45
C ILE A 254 1.14 34.89 -4.34
N ALA A 255 0.24 35.81 -3.95
CA ALA A 255 -0.98 36.03 -4.72
C ALA A 255 -0.65 36.58 -6.10
N PHE A 256 0.16 37.64 -6.14
CA PHE A 256 0.65 38.16 -7.41
C PHE A 256 1.26 37.05 -8.26
N SER A 257 2.10 36.20 -7.67
CA SER A 257 2.75 35.17 -8.47
C SER A 257 1.73 34.19 -9.02
N VAL A 258 0.69 33.89 -8.25
CA VAL A 258 -0.29 32.94 -8.73
C VAL A 258 -1.19 33.58 -9.80
N ALA A 259 -1.75 34.74 -9.49
CA ALA A 259 -2.48 35.52 -10.47
C ALA A 259 -1.71 35.67 -11.78
N ARG A 260 -0.42 36.02 -11.71
CA ARG A 260 0.38 36.15 -12.92
C ARG A 260 0.37 34.86 -13.73
N PHE A 261 0.39 33.71 -13.05
CA PHE A 261 0.45 32.42 -13.73
C PHE A 261 -0.92 32.04 -14.31
N VAL A 262 -1.96 32.13 -13.48
CA VAL A 262 -3.33 31.88 -13.93
C VAL A 262 -3.69 32.82 -15.08
N GLN A 263 -3.23 34.07 -15.03
CA GLN A 263 -3.66 35.05 -16.03
C GLN A 263 -3.14 34.72 -17.42
N ASN A 264 -2.06 33.94 -17.50
CA ASN A 264 -1.38 33.62 -18.74
C ASN A 264 -1.41 32.10 -18.92
N ASN A 265 -2.63 31.55 -18.82
CA ASN A 265 -3.00 30.14 -19.03
C ASN A 265 -2.50 29.18 -17.98
N GLY A 266 -2.33 29.67 -16.76
CA GLY A 266 -2.18 28.78 -15.66
C GLY A 266 -3.44 27.99 -15.57
N SER A 267 -3.30 26.70 -15.41
CA SER A 267 -4.43 25.79 -15.29
C SER A 267 -4.41 25.02 -13.99
N PHE A 268 -3.22 24.67 -13.49
CA PHE A 268 -3.04 23.91 -12.27
C PHE A 268 -1.95 24.59 -11.45
N PHE A 269 -2.22 24.86 -10.17
CA PHE A 269 -1.15 25.44 -9.35
C PHE A 269 -1.23 24.92 -7.91
N ASN A 270 -0.11 24.38 -7.41
CA ASN A 270 -0.02 23.79 -6.09
C ASN A 270 0.92 24.60 -5.21
N TYR A 271 0.46 24.92 -4.00
CA TYR A 271 1.31 25.59 -3.03
C TYR A 271 2.25 24.59 -2.37
N TYR A 272 3.52 24.95 -2.23
CA TYR A 272 4.49 24.13 -1.49
C TYR A 272 5.12 25.00 -0.41
N MET A 273 4.84 24.72 0.86
CA MET A 273 3.80 23.82 1.34
C MET A 273 2.52 24.59 1.60
N TYR A 274 1.40 23.87 1.66
CA TYR A 274 0.19 24.41 2.24
C TYR A 274 0.13 24.16 3.76
N HIS A 275 0.44 22.93 4.18
CA HIS A 275 0.82 22.63 5.56
C HIS A 275 2.18 21.94 5.56
N GLY A 276 3.18 22.61 6.11
CA GLY A 276 4.52 22.05 6.15
C GLY A 276 4.70 21.04 7.25
N GLY A 277 4.34 21.40 8.47
CA GLY A 277 4.37 20.45 9.56
C GLY A 277 5.70 20.35 10.28
N THR A 278 6.09 19.13 10.66
CA THR A 278 7.23 18.85 11.54
C THR A 278 8.03 17.67 10.99
N ASN A 279 9.35 17.71 11.15
CA ASN A 279 10.19 16.56 10.83
C ASN A 279 10.42 15.75 12.11
N PHE A 280 9.46 14.89 12.43
CA PHE A 280 9.48 14.09 13.66
C PHE A 280 10.59 13.07 13.66
N GLY A 281 11.05 12.69 14.85
CA GLY A 281 11.99 11.58 14.94
C GLY A 281 13.35 11.90 14.33
N ARG A 282 14.05 10.85 13.90
CA ARG A 282 15.40 11.01 13.37
C ARG A 282 15.56 10.40 11.97
N THR A 283 14.47 10.25 11.21
CA THR A 283 14.53 9.71 9.86
C THR A 283 13.45 10.40 9.02
N SER A 284 13.62 11.69 8.82
CA SER A 284 12.63 12.57 8.23
C SER A 284 13.33 13.83 7.74
N SER A 285 13.79 14.65 8.68
CA SER A 285 14.63 15.80 8.34
C SER A 285 15.85 15.36 7.52
N GLY A 286 16.28 16.25 6.63
CA GLY A 286 17.47 16.07 5.83
C GLY A 286 18.64 16.91 6.31
N LEU A 287 19.71 16.88 5.53
CA LEU A 287 20.97 17.50 5.94
C LEU A 287 20.80 18.90 6.52
N PHE A 288 20.98 19.05 7.83
CA PHE A 288 20.93 20.31 8.56
C PHE A 288 19.54 20.93 8.56
N ILE A 289 18.51 20.15 8.19
CA ILE A 289 17.14 20.66 8.11
C ILE A 289 16.54 20.69 9.51
N ALA A 290 16.14 21.88 9.96
CA ALA A 290 15.50 22.04 11.26
C ALA A 290 14.35 21.04 11.44
N THR A 291 14.05 20.73 12.71
CA THR A 291 12.90 19.87 12.99
C THR A 291 11.59 20.53 12.57
N SER A 292 11.50 21.87 12.68
CA SER A 292 10.29 22.56 12.26
C SER A 292 10.27 22.72 10.74
N TYR A 293 9.19 22.29 10.13
CA TYR A 293 8.93 22.48 8.71
C TYR A 293 7.86 23.55 8.45
N ASP A 294 7.90 24.68 9.16
CA ASP A 294 6.81 25.65 9.05
C ASP A 294 6.66 26.17 7.64
N TYR A 295 7.72 26.67 7.06
CA TYR A 295 7.75 27.05 5.67
C TYR A 295 6.92 28.29 5.38
N ASP A 296 6.50 29.01 6.42
CA ASP A 296 5.55 30.13 6.31
C ASP A 296 4.28 29.73 5.57
N ALA A 297 3.93 28.45 5.67
CA ALA A 297 2.83 27.87 4.92
C ALA A 297 1.47 28.42 5.38
N PRO A 298 0.45 28.38 4.52
CA PRO A 298 -0.89 28.86 4.93
C PRO A 298 -1.42 28.27 6.23
N LEU A 299 -1.27 26.96 6.44
CA LEU A 299 -1.46 26.35 7.76
C LEU A 299 -0.09 26.20 8.41
N ASP A 300 0.13 26.85 9.56
CA ASP A 300 1.44 26.84 10.18
C ASP A 300 1.81 25.44 10.69
N GLU A 301 3.05 25.30 11.21
CA GLU A 301 3.58 23.98 11.56
C GLU A 301 2.64 23.21 12.46
N TYR A 302 1.91 23.91 13.34
CA TYR A 302 1.02 23.32 14.34
C TYR A 302 -0.42 23.15 13.87
N GLY A 303 -0.73 23.52 12.62
CA GLY A 303 -2.06 23.36 12.05
C GLY A 303 -2.95 24.57 12.18
N LEU A 304 -2.45 25.65 12.74
CA LEU A 304 -3.26 26.83 12.94
C LEU A 304 -3.27 27.67 11.66
N LEU A 305 -4.24 28.56 11.55
CA LEU A 305 -4.29 29.42 10.39
C LEU A 305 -3.19 30.47 10.50
N ASN A 306 -2.28 30.46 9.52
CA ASN A 306 -1.26 31.51 9.37
C ASN A 306 -1.89 32.70 8.64
N GLU A 307 -2.62 33.63 9.49
CA GLU A 307 -3.22 34.81 8.89
C GLU A 307 -2.21 35.96 8.82
N PRO A 308 -2.30 36.83 7.78
CA PRO A 308 -3.37 36.89 6.76
C PRO A 308 -3.19 36.01 5.52
N LYS A 309 -2.04 35.34 5.39
CA LYS A 309 -1.78 34.58 4.18
C LYS A 309 -2.91 33.58 3.88
N TYR A 310 -3.38 32.85 4.90
CA TYR A 310 -4.46 31.88 4.67
C TYR A 310 -5.67 32.54 4.03
N GLY A 311 -6.17 33.61 4.66
CA GLY A 311 -7.40 34.21 4.20
C GLY A 311 -7.24 34.88 2.85
N HIS A 312 -6.07 35.47 2.62
CA HIS A 312 -5.80 36.13 1.35
C HIS A 312 -5.76 35.15 0.18
N LEU A 313 -5.16 33.97 0.38
CA LEU A 313 -5.20 32.98 -0.68
C LEU A 313 -6.60 32.38 -0.83
N ARG A 314 -7.35 32.31 0.27
CA ARG A 314 -8.74 31.93 0.20
C ARG A 314 -9.50 32.86 -0.76
N ASP A 315 -9.29 34.16 -0.61
CA ASP A 315 -10.03 35.10 -1.46
C ASP A 315 -9.54 35.06 -2.89
N LEU A 316 -8.22 34.94 -3.11
CA LEU A 316 -7.72 34.69 -4.45
C LEU A 316 -8.53 33.58 -5.10
N HIS A 317 -8.51 32.40 -4.48
CA HIS A 317 -9.29 31.25 -4.93
C HIS A 317 -10.75 31.60 -5.28
N LYS A 318 -11.42 32.41 -4.45
CA LYS A 318 -12.81 32.73 -4.72
C LYS A 318 -12.93 33.48 -6.04
N ALA A 319 -12.05 34.47 -6.25
CA ALA A 319 -12.03 35.19 -7.51
C ALA A 319 -11.72 34.27 -8.68
N ILE A 320 -10.87 33.25 -8.48
CA ILE A 320 -10.58 32.31 -9.57
C ILE A 320 -11.81 31.48 -9.90
N LYS A 321 -12.55 31.04 -8.87
CA LYS A 321 -13.68 30.14 -9.10
C LYS A 321 -14.84 30.83 -9.80
N LEU A 322 -15.05 32.13 -9.51
CA LEU A 322 -15.95 32.96 -10.29
C LEU A 322 -15.50 33.08 -11.74
N SER A 323 -14.19 33.19 -11.96
CA SER A 323 -13.67 33.28 -13.32
C SER A 323 -13.64 31.94 -14.05
N GLU A 324 -13.74 30.82 -13.34
CA GLU A 324 -13.43 29.54 -13.95
C GLU A 324 -14.24 29.24 -15.20
N PRO A 325 -15.55 29.57 -15.28
CA PRO A 325 -16.29 29.24 -16.52
C PRO A 325 -15.74 29.95 -17.75
N ALA A 326 -15.44 31.25 -17.64
CA ALA A 326 -14.77 31.95 -18.75
C ALA A 326 -13.39 31.34 -19.00
N LEU A 327 -12.72 30.88 -17.94
CA LEU A 327 -11.33 30.45 -18.03
C LEU A 327 -11.18 29.13 -18.77
N VAL A 328 -12.15 28.22 -18.64
CA VAL A 328 -12.03 26.93 -19.33
C VAL A 328 -12.59 26.98 -20.75
N SER A 329 -13.36 28.02 -21.08
CA SER A 329 -13.98 28.19 -22.39
C SER A 329 -13.35 29.34 -23.18
N SER A 330 -12.09 29.66 -22.93
CA SER A 330 -11.36 30.61 -23.76
C SER A 330 -9.87 30.51 -23.44
N TYR A 331 -9.08 31.19 -24.25
CA TYR A 331 -7.64 31.28 -24.08
C TYR A 331 -7.26 32.70 -23.69
N ALA A 332 -6.03 32.86 -23.22
CA ALA A 332 -5.56 34.14 -22.71
C ALA A 332 -5.07 35.02 -23.86
N ALA A 333 -5.66 36.20 -23.97
CA ALA A 333 -5.25 37.21 -24.94
C ALA A 333 -4.82 38.46 -24.17
N VAL A 334 -3.63 38.96 -24.51
CA VAL A 334 -3.00 40.04 -23.74
C VAL A 334 -3.14 41.36 -24.51
N THR A 335 -3.21 42.46 -23.75
CA THR A 335 -3.33 43.79 -24.31
C THR A 335 -2.52 44.76 -23.46
N SER A 336 -1.60 45.47 -24.09
CA SER A 336 -0.78 46.47 -23.42
C SER A 336 -1.67 47.56 -22.80
N LEU A 337 -1.37 47.91 -21.54
CA LEU A 337 -2.08 48.98 -20.84
C LEU A 337 -1.17 50.14 -20.48
N GLY A 338 0.11 50.06 -20.80
CA GLY A 338 1.12 50.91 -20.22
C GLY A 338 2.46 50.21 -20.28
N SER A 339 3.51 50.97 -19.93
CA SER A 339 4.87 50.44 -20.07
C SER A 339 5.12 49.24 -19.16
N ASN A 340 4.38 49.12 -18.06
CA ASN A 340 4.47 47.95 -17.20
C ASN A 340 3.10 47.51 -16.72
N GLN A 341 2.07 47.67 -17.57
CA GLN A 341 0.70 47.30 -17.22
C GLN A 341 0.07 46.57 -18.40
N GLU A 342 -0.53 45.41 -18.14
CA GLU A 342 -1.18 44.64 -19.17
C GLU A 342 -2.57 44.27 -18.71
N ALA A 343 -3.40 43.84 -19.66
CA ALA A 343 -4.63 43.11 -19.37
C ALA A 343 -4.59 41.74 -20.04
N HIS A 344 -4.92 40.71 -19.28
CA HIS A 344 -5.08 39.35 -19.79
C HIS A 344 -6.57 39.03 -19.71
N VAL A 345 -7.18 38.72 -20.86
CA VAL A 345 -8.65 38.64 -20.98
C VAL A 345 -9.03 37.26 -21.50
N TYR A 346 -10.04 36.65 -20.88
CA TYR A 346 -10.57 35.34 -21.30
C TYR A 346 -12.01 35.53 -21.70
N ARG A 347 -12.25 35.91 -22.95
CA ARG A 347 -13.61 36.15 -23.45
C ARG A 347 -14.11 34.89 -24.15
N SER A 348 -15.22 34.35 -23.65
CA SER A 348 -15.78 33.12 -24.22
C SER A 348 -16.77 33.45 -25.32
N LYS A 349 -16.90 32.52 -26.27
CA LYS A 349 -17.99 32.60 -27.25
C LYS A 349 -19.33 32.72 -26.54
N SER A 350 -19.56 31.86 -25.53
CA SER A 350 -20.73 31.97 -24.67
C SER A 350 -21.00 33.40 -24.23
N GLY A 351 -19.97 34.09 -23.75
CA GLY A 351 -20.16 35.47 -23.36
C GLY A 351 -19.58 35.74 -22.00
N ALA A 352 -19.29 34.68 -21.26
CA ALA A 352 -18.47 34.80 -20.07
C ALA A 352 -17.15 35.48 -20.43
N CYS A 353 -16.65 36.28 -19.51
CA CYS A 353 -15.48 37.10 -19.77
C CYS A 353 -14.82 37.39 -18.44
N ALA A 354 -13.58 36.96 -18.27
CA ALA A 354 -12.79 37.33 -17.11
C ALA A 354 -11.53 38.02 -17.60
N ALA A 355 -11.10 39.02 -16.86
CA ALA A 355 -9.92 39.80 -17.22
C ALA A 355 -9.05 40.02 -15.98
N PHE A 356 -7.74 40.09 -16.21
CA PHE A 356 -6.75 40.35 -15.18
C PHE A 356 -6.01 41.63 -15.53
N LEU A 357 -6.13 42.65 -14.70
CA LEU A 357 -5.43 43.91 -14.89
C LEU A 357 -4.18 43.95 -13.99
N SER A 358 -3.01 44.12 -14.58
CA SER A 358 -1.75 43.90 -13.87
C SER A 358 -0.92 45.17 -13.83
N ASN A 359 -0.10 45.29 -12.78
CA ASN A 359 0.86 46.40 -12.63
C ASN A 359 2.20 45.84 -12.12
N TYR A 360 3.14 45.67 -13.04
CA TYR A 360 4.45 45.14 -12.70
C TYR A 360 5.39 46.18 -12.11
N ASP A 361 4.99 47.44 -12.02
CA ASP A 361 5.82 48.44 -11.33
C ASP A 361 5.91 48.09 -9.85
N SER A 362 7.12 47.93 -9.35
CA SER A 362 7.33 47.55 -7.96
C SER A 362 7.37 48.73 -7.00
N ARG A 363 7.11 49.95 -7.49
CA ARG A 363 7.33 51.15 -6.67
C ARG A 363 6.12 52.08 -6.60
N TYR A 364 5.35 52.21 -7.68
CA TYR A 364 4.31 53.23 -7.79
C TYR A 364 2.95 52.61 -8.10
N SER A 365 1.89 53.15 -7.51
CA SER A 365 0.53 52.83 -7.96
C SER A 365 0.31 53.31 -9.39
N VAL A 366 -0.67 52.70 -10.07
CA VAL A 366 -1.02 53.07 -11.44
C VAL A 366 -2.52 52.93 -11.63
N LYS A 367 -3.12 53.88 -12.37
CA LYS A 367 -4.50 53.75 -12.83
C LYS A 367 -4.46 53.54 -14.33
N VAL A 368 -5.19 52.53 -14.78
CA VAL A 368 -5.33 52.20 -16.19
C VAL A 368 -6.80 52.36 -16.55
N THR A 369 -7.08 52.48 -17.85
CA THR A 369 -8.46 52.48 -18.30
C THR A 369 -8.72 51.22 -19.10
N PHE A 370 -9.76 50.47 -18.72
CA PHE A 370 -10.06 49.15 -19.28
C PHE A 370 -11.56 49.07 -19.49
N GLN A 371 -11.98 48.97 -20.76
CA GLN A 371 -13.38 48.99 -21.19
C GLN A 371 -14.20 50.09 -20.50
N ASN A 372 -13.72 51.32 -20.64
CA ASN A 372 -14.37 52.58 -20.24
C ASN A 372 -14.28 52.86 -18.75
N ARG A 373 -13.80 51.93 -17.93
CA ARG A 373 -13.75 52.15 -16.51
C ARG A 373 -12.31 52.35 -16.03
N PRO A 374 -12.11 53.11 -14.97
CA PRO A 374 -10.78 53.17 -14.35
C PRO A 374 -10.65 52.13 -13.26
N TYR A 375 -9.40 51.72 -13.05
CA TYR A 375 -9.04 50.76 -12.00
C TYR A 375 -7.68 51.15 -11.46
N ASN A 376 -7.61 51.39 -10.15
CA ASN A 376 -6.34 51.59 -9.49
C ASN A 376 -5.64 50.27 -9.26
N LEU A 377 -4.34 50.23 -9.51
CA LEU A 377 -3.52 49.03 -9.33
C LEU A 377 -2.34 49.37 -8.44
N PRO A 378 -2.28 48.88 -7.19
CA PRO A 378 -1.11 49.12 -6.33
C PRO A 378 0.16 48.55 -6.97
N PRO A 379 1.34 48.93 -6.47
CA PRO A 379 2.57 48.33 -6.98
C PRO A 379 2.57 46.81 -6.86
N TRP A 380 3.07 46.13 -7.90
CA TRP A 380 3.31 44.69 -7.86
C TRP A 380 2.02 43.90 -7.62
N SER A 381 0.98 44.25 -8.35
CA SER A 381 -0.31 43.62 -8.09
C SER A 381 -1.09 43.39 -9.38
N ILE A 382 -2.05 42.47 -9.28
CA ILE A 382 -3.02 42.18 -10.32
C ILE A 382 -4.41 42.27 -9.69
N SER A 383 -5.37 42.84 -10.42
CA SER A 383 -6.78 42.80 -10.06
C SER A 383 -7.50 41.78 -10.93
N ILE A 384 -8.35 40.97 -10.32
CA ILE A 384 -9.16 39.99 -11.05
C ILE A 384 -10.58 40.51 -11.19
N LEU A 385 -11.13 40.38 -12.39
CA LEU A 385 -12.44 40.92 -12.75
C LEU A 385 -13.24 39.81 -13.42
N PRO A 386 -13.80 38.88 -12.63
CA PRO A 386 -14.38 37.66 -13.22
C PRO A 386 -15.48 37.90 -14.22
N ASP A 387 -15.96 39.13 -14.37
CA ASP A 387 -16.97 39.53 -15.35
C ASP A 387 -16.47 40.70 -16.18
N CYS A 388 -15.15 40.78 -16.40
CA CYS A 388 -14.50 41.83 -17.18
C CYS A 388 -14.88 43.24 -16.72
N LYS A 389 -15.30 43.40 -15.47
CA LYS A 389 -15.94 44.65 -15.07
C LYS A 389 -15.69 44.99 -13.60
N THR A 390 -16.01 44.06 -12.70
CA THR A 390 -15.87 44.29 -11.27
C THR A 390 -14.53 43.76 -10.75
N ALA A 391 -13.76 44.62 -10.07
CA ALA A 391 -12.47 44.25 -9.48
C ALA A 391 -12.67 43.64 -8.08
N VAL A 392 -13.17 42.40 -8.05
CA VAL A 392 -13.50 41.72 -6.80
C VAL A 392 -12.28 41.48 -5.90
N TYR A 393 -11.07 41.42 -6.46
CA TYR A 393 -9.85 41.05 -5.75
C TYR A 393 -8.68 41.81 -6.36
N ASN A 394 -7.71 42.14 -5.51
CA ASN A 394 -6.41 42.64 -5.97
C ASN A 394 -5.33 42.02 -5.09
N THR A 395 -4.37 41.34 -5.73
CA THR A 395 -3.34 40.59 -5.01
C THR A 395 -2.70 41.38 -3.87
N ALA A 396 -2.63 42.72 -3.98
CA ALA A 396 -1.98 43.56 -2.96
C ALA A 396 -2.95 44.14 -1.95
N GLN A 397 -4.26 43.96 -2.11
CA GLN A 397 -5.26 44.49 -1.19
C GLN A 397 -5.69 43.35 -0.28
N VAL A 398 -5.13 43.30 0.93
CA VAL A 398 -5.32 42.19 1.86
C VAL A 398 -6.43 42.55 2.83
N ASN A 399 -7.54 41.79 2.77
CA ASN A 399 -8.73 42.08 3.56
C ASN A 399 -8.97 41.02 4.62
N SER A 400 -7.94 40.26 5.00
CA SER A 400 -7.98 39.42 6.18
C SER A 400 -7.21 40.10 7.30
N GLN A 401 -7.47 39.66 8.55
CA GLN A 401 -6.79 40.19 9.72
C GLN A 401 -5.44 39.51 9.91
N SER A 402 -4.48 40.26 10.44
CA SER A 402 -3.23 39.67 10.86
C SER A 402 -3.45 38.75 12.05
N SER A 403 -2.39 38.08 12.50
CA SER A 403 -2.49 37.22 13.68
C SER A 403 -1.09 36.86 14.18
N SER A 404 -0.68 37.49 15.28
CA SER A 404 0.58 37.18 15.95
C SER A 404 0.47 35.88 16.74
N ILE A 405 1.62 35.20 16.89
CA ILE A 405 1.70 33.92 17.61
C ILE A 405 2.13 34.15 19.05
N LYS A 406 1.49 33.46 19.98
CA LYS A 406 1.84 33.53 21.40
C LYS A 406 2.11 32.11 21.90
N MET A 407 3.31 31.88 22.43
CA MET A 407 3.66 30.62 23.06
C MET A 407 3.67 30.85 24.55
N THR A 408 2.66 30.32 25.25
CA THR A 408 2.52 30.65 26.66
C THR A 408 2.65 29.41 27.53
N PRO A 409 3.26 29.53 28.70
CA PRO A 409 3.64 28.36 29.50
C PRO A 409 2.46 27.48 29.89
N ALA A 410 2.80 26.33 30.46
CA ALA A 410 1.83 25.33 30.90
C ALA A 410 2.47 24.31 31.83
N GLY A 411 3.74 24.53 32.17
CA GLY A 411 4.46 23.66 33.09
C GLY A 411 5.20 24.40 34.19
N GLY A 412 6.19 25.21 33.79
CA GLY A 412 6.96 26.01 34.74
C GLY A 412 7.97 25.23 35.56
N GLY A 413 8.41 24.07 35.08
CA GLY A 413 9.30 23.21 35.82
C GLY A 413 8.71 21.86 36.12
N LEU A 414 9.56 20.82 36.17
CA LEU A 414 9.12 19.45 36.40
C LEU A 414 10.14 18.73 37.28
N SER A 415 9.89 17.44 37.50
CA SER A 415 10.74 16.60 38.35
C SER A 415 11.61 15.72 37.44
N TRP A 416 12.91 16.05 37.39
CA TRP A 416 13.82 15.42 36.45
C TRP A 416 14.78 14.47 37.15
N GLN A 417 15.11 13.38 36.47
CA GLN A 417 16.19 12.48 36.84
C GLN A 417 17.17 12.37 35.68
N SER A 418 18.43 12.11 35.98
CA SER A 418 19.49 12.14 34.99
C SER A 418 20.22 10.81 34.94
N TYR A 419 20.62 10.39 33.75
CA TYR A 419 21.53 9.27 33.56
C TYR A 419 22.61 9.70 32.59
N ASN A 420 23.87 9.51 32.98
CA ASN A 420 25.01 9.98 32.19
C ASN A 420 25.52 8.90 31.26
N GLU A 421 25.90 9.31 30.06
CA GLU A 421 26.22 8.35 29.01
C GLU A 421 27.69 8.00 29.08
N GLU A 422 27.97 6.71 28.94
CA GLU A 422 29.32 6.19 28.73
C GLU A 422 30.15 7.11 27.87
N THR A 423 31.45 7.17 28.11
CA THR A 423 32.40 7.87 27.22
C THR A 423 33.40 6.80 26.82
N PRO A 424 33.15 6.09 25.71
CA PRO A 424 33.92 4.87 25.44
C PRO A 424 35.36 5.12 25.04
N THR A 425 36.21 4.14 25.34
CA THR A 425 37.62 4.15 24.99
C THR A 425 37.97 2.85 24.28
N ALA A 426 39.00 2.89 23.44
CA ALA A 426 39.39 1.70 22.69
C ALA A 426 39.85 0.59 23.64
N ASP A 427 39.56 -0.65 23.24
CA ASP A 427 39.75 -1.81 24.09
C ASP A 427 40.18 -3.01 23.24
N ASP A 428 41.02 -3.87 23.82
CA ASP A 428 41.48 -5.06 23.12
C ASP A 428 40.35 -6.04 22.83
N SER A 429 39.25 -5.97 23.59
CA SER A 429 38.11 -6.84 23.34
C SER A 429 37.21 -6.36 22.18
N ASP A 430 37.27 -5.06 21.83
CA ASP A 430 36.36 -4.41 20.89
C ASP A 430 36.08 -5.27 19.66
N THR A 431 34.78 -5.44 19.36
CA THR A 431 34.30 -6.35 18.31
C THR A 431 34.66 -5.85 16.91
N LEU A 432 34.38 -4.58 16.65
CA LEU A 432 34.30 -4.02 15.31
C LEU A 432 35.44 -3.03 15.10
N THR A 433 36.54 -3.51 14.52
CA THR A 433 37.69 -2.66 14.27
C THR A 433 38.12 -2.82 12.82
N ALA A 434 39.11 -2.02 12.43
CA ALA A 434 39.74 -2.08 11.11
C ALA A 434 41.03 -1.27 11.20
N ASN A 435 41.78 -1.28 10.10
CA ASN A 435 43.10 -0.66 10.12
C ASN A 435 43.08 0.61 9.29
N GLY A 436 42.27 1.55 9.74
CA GLY A 436 42.04 2.80 9.02
C GLY A 436 40.68 3.34 9.40
N LEU A 437 40.31 4.42 8.71
CA LEU A 437 39.10 5.16 9.04
C LEU A 437 37.96 4.83 8.08
N TRP A 438 36.78 4.64 8.65
CA TRP A 438 35.61 4.16 7.93
C TRP A 438 34.55 5.24 7.79
N GLU A 439 33.89 5.29 6.62
CA GLU A 439 32.86 6.29 6.38
C GLU A 439 31.62 5.94 7.18
N GLN A 440 30.99 6.97 7.75
CA GLN A 440 30.02 6.76 8.83
C GLN A 440 28.82 5.94 8.41
N LYS A 441 28.16 6.33 7.30
CA LYS A 441 26.97 5.63 6.85
C LYS A 441 27.23 4.13 6.66
N ASN A 442 28.37 3.80 6.01
CA ASN A 442 28.89 2.43 5.78
C ASN A 442 28.97 1.65 7.09
N VAL A 443 29.25 2.32 8.21
CA VAL A 443 29.31 1.66 9.52
C VAL A 443 27.96 1.67 10.26
N THR A 444 27.24 2.79 10.25
CA THR A 444 26.00 2.88 11.00
C THR A 444 24.77 2.49 10.20
N ARG A 445 24.85 2.51 8.86
CA ARG A 445 23.68 2.23 8.03
C ARG A 445 22.50 3.09 8.45
N ASP A 446 22.81 4.35 8.80
CA ASP A 446 21.85 5.30 9.36
C ASP A 446 21.08 4.74 10.54
N SER A 447 21.69 3.81 11.29
CA SER A 447 21.01 3.24 12.45
C SER A 447 20.89 4.24 13.60
N SER A 448 21.89 5.12 13.73
CA SER A 448 21.93 6.16 14.75
C SER A 448 22.62 7.36 14.14
N ASP A 449 22.41 8.54 14.73
CA ASP A 449 23.21 9.67 14.27
C ASP A 449 24.66 9.54 14.68
N TYR A 450 24.91 8.78 15.75
CA TYR A 450 26.16 8.79 16.49
C TYR A 450 27.02 7.61 16.10
N LEU A 451 28.33 7.85 15.90
CA LEU A 451 29.29 6.80 15.60
C LEU A 451 30.63 7.10 16.28
N TRP A 452 31.00 6.26 17.24
CA TRP A 452 32.27 6.42 17.94
C TRP A 452 33.42 5.86 17.09
N TYR A 453 34.45 6.68 16.90
CA TYR A 453 35.76 6.25 16.44
C TYR A 453 36.71 6.28 17.63
N MET A 454 37.41 5.17 17.89
CA MET A 454 38.34 5.10 19.01
C MET A 454 39.66 4.51 18.56
N THR A 455 40.75 5.05 19.09
CA THR A 455 42.06 4.48 18.81
C THR A 455 42.99 4.68 20.01
N ASN A 456 44.10 3.94 19.99
CA ASN A 456 45.13 4.03 21.03
C ASN A 456 46.31 4.81 20.49
N VAL A 457 46.87 5.69 21.31
CA VAL A 457 48.06 6.45 20.97
C VAL A 457 49.13 6.08 21.98
N ASN A 458 50.21 5.46 21.49
CA ASN A 458 51.35 5.10 22.32
C ASN A 458 52.27 6.31 22.46
N ILE A 459 52.52 6.72 23.70
CA ILE A 459 53.40 7.83 24.01
C ILE A 459 54.48 7.33 24.97
N ALA A 460 55.70 7.22 24.48
CA ALA A 460 56.81 6.69 25.26
C ALA A 460 57.37 7.77 26.18
N SER A 461 58.44 7.43 26.91
CA SER A 461 59.05 8.34 27.88
C SER A 461 60.12 9.22 27.26
N ASN A 462 60.79 8.73 26.22
CA ASN A 462 61.76 9.54 25.50
C ASN A 462 61.16 10.86 25.02
N GLU A 463 59.86 10.86 24.66
CA GLU A 463 59.25 11.96 23.94
C GLU A 463 59.52 13.30 24.63
N GLY A 464 59.80 14.32 23.82
CA GLY A 464 60.36 15.55 24.34
C GLY A 464 59.37 16.39 25.11
N PHE A 465 58.12 16.44 24.65
CA PHE A 465 57.17 17.36 25.26
C PHE A 465 56.80 16.97 26.69
N LEU A 466 57.30 15.84 27.19
CA LEU A 466 56.95 15.40 28.54
C LEU A 466 57.71 16.16 29.62
N LYS A 467 58.94 16.56 29.32
CA LYS A 467 59.74 17.31 30.29
C LYS A 467 59.30 18.76 30.38
N ASN A 468 59.20 19.43 29.23
CA ASN A 468 58.79 20.82 29.18
C ASN A 468 57.26 20.94 29.18
N GLY A 469 56.78 22.13 29.57
CA GLY A 469 55.35 22.40 29.59
C GLY A 469 54.74 22.62 28.23
N LYS A 470 54.92 21.65 27.33
CA LYS A 470 54.38 21.67 25.98
C LYS A 470 53.18 20.74 25.88
N ASP A 471 52.34 20.99 24.89
CA ASP A 471 51.32 20.02 24.54
C ASP A 471 51.44 19.66 23.07
N PRO A 472 51.12 18.42 22.69
CA PRO A 472 51.14 18.05 21.27
C PRO A 472 49.88 18.49 20.55
N TYR A 473 49.98 18.57 19.23
CA TYR A 473 48.95 19.18 18.38
C TYR A 473 48.15 18.08 17.68
N LEU A 474 46.90 17.89 18.12
CA LEU A 474 46.01 16.94 17.46
C LEU A 474 45.18 17.63 16.39
N THR A 475 45.06 16.99 15.22
CA THR A 475 44.32 17.56 14.08
C THR A 475 43.45 16.50 13.42
N VAL A 476 42.13 16.67 13.51
CA VAL A 476 41.14 15.70 13.05
C VAL A 476 40.26 16.35 12.01
N MET A 477 40.33 15.86 10.78
CA MET A 477 39.44 16.30 9.70
C MET A 477 38.35 15.26 9.49
N SER A 478 37.10 15.72 9.30
CA SER A 478 35.97 14.80 9.21
C SER A 478 34.92 15.37 8.24
N ALA A 479 34.23 14.46 7.55
CA ALA A 479 33.26 14.83 6.53
C ALA A 479 32.01 15.48 7.09
N GLY A 480 31.79 15.40 8.40
CA GLY A 480 30.70 16.05 9.07
C GLY A 480 29.93 15.08 9.93
N HIS A 481 29.03 15.64 10.74
CA HIS A 481 28.61 17.04 10.69
C HIS A 481 28.90 17.77 12.00
N VAL A 482 28.96 17.00 13.09
CA VAL A 482 29.42 17.47 14.39
C VAL A 482 30.57 16.57 14.79
N LEU A 483 31.48 17.09 15.60
CA LEU A 483 32.58 16.29 16.12
C LEU A 483 32.91 16.71 17.54
N HIS A 484 32.97 15.73 18.44
CA HIS A 484 33.54 15.92 19.76
C HIS A 484 34.81 15.08 19.85
N VAL A 485 35.91 15.71 20.24
CA VAL A 485 37.19 15.05 20.44
C VAL A 485 37.34 14.77 21.92
N PHE A 486 37.60 13.49 22.26
CA PHE A 486 37.74 13.05 23.65
C PHE A 486 39.11 12.41 23.83
N VAL A 487 39.93 12.98 24.73
CA VAL A 487 41.32 12.59 24.92
C VAL A 487 41.48 12.05 26.34
N ASN A 488 41.54 10.72 26.47
CA ASN A 488 41.57 10.03 27.77
C ASN A 488 40.30 10.34 28.58
N GLY A 489 39.14 10.23 27.91
CA GLY A 489 37.87 10.53 28.53
C GLY A 489 37.64 11.99 28.80
N LYS A 490 38.62 12.84 28.45
CA LYS A 490 38.54 14.28 28.54
C LYS A 490 37.94 14.82 27.25
N LEU A 491 36.91 15.65 27.34
CA LEU A 491 36.44 16.35 26.14
C LEU A 491 37.32 17.55 25.89
N SER A 492 38.09 17.49 24.83
CA SER A 492 38.93 18.62 24.44
C SER A 492 38.12 19.71 23.76
N GLY A 493 37.23 19.37 22.83
CA GLY A 493 36.38 20.39 22.23
C GLY A 493 35.38 19.83 21.24
N THR A 494 34.56 20.74 20.73
CA THR A 494 33.44 20.40 19.87
C THR A 494 33.38 21.35 18.68
N VAL A 495 33.18 20.77 17.50
CA VAL A 495 33.22 21.50 16.25
C VAL A 495 32.03 21.04 15.42
N TYR A 496 31.47 21.95 14.63
CA TYR A 496 30.34 21.58 13.80
C TYR A 496 30.30 22.42 12.54
N GLY A 497 29.60 21.91 11.53
CA GLY A 497 29.52 22.52 10.23
C GLY A 497 28.21 23.24 9.96
N THR A 498 27.93 23.46 8.69
CA THR A 498 26.78 24.20 8.22
C THR A 498 26.09 23.34 7.16
N LEU A 499 24.93 23.80 6.67
CA LEU A 499 24.29 23.04 5.59
C LEU A 499 25.13 23.08 4.32
N ASP A 500 25.84 24.17 4.05
CA ASP A 500 26.64 24.31 2.85
C ASP A 500 28.08 23.83 3.02
N ASN A 501 28.55 23.71 4.26
CA ASN A 501 29.89 23.17 4.56
C ASN A 501 29.72 22.29 5.76
N PRO A 502 29.34 21.03 5.55
CA PRO A 502 29.27 20.09 6.67
C PRO A 502 30.63 19.53 7.09
N LYS A 503 31.70 19.76 6.33
CA LYS A 503 33.02 19.27 6.69
C LYS A 503 33.60 20.09 7.83
N LEU A 504 34.35 19.44 8.71
CA LEU A 504 34.81 20.10 9.92
C LEU A 504 36.26 19.72 10.25
N THR A 505 36.91 20.56 11.05
CA THR A 505 38.29 20.37 11.44
C THR A 505 38.43 20.70 12.91
N TYR A 506 38.93 19.76 13.70
CA TYR A 506 39.45 20.08 15.02
C TYR A 506 40.96 20.16 14.92
N SER A 507 41.54 21.12 15.65
CA SER A 507 42.98 21.31 15.64
C SER A 507 43.34 22.07 16.91
N GLY A 508 44.09 21.45 17.80
CA GLY A 508 44.39 22.09 19.06
C GLY A 508 45.33 21.25 19.91
N ASN A 509 45.52 21.71 21.14
CA ASN A 509 46.50 21.12 22.06
C ASN A 509 45.79 20.13 22.97
N VAL A 510 46.44 18.98 23.19
CA VAL A 510 45.86 17.86 23.93
C VAL A 510 46.88 17.34 24.94
N LYS A 511 46.40 16.98 26.13
CA LYS A 511 47.27 16.55 27.22
C LYS A 511 47.45 15.03 27.18
N LEU A 512 48.63 14.60 26.75
CA LEU A 512 48.98 13.19 26.62
C LEU A 512 50.11 12.86 27.59
N ARG A 513 49.78 12.26 28.74
CA ARG A 513 50.78 11.81 29.68
C ARG A 513 51.56 10.62 29.10
N ALA A 514 52.54 10.14 29.86
CA ALA A 514 53.36 9.03 29.38
C ALA A 514 52.56 7.73 29.42
N GLY A 515 52.73 6.91 28.38
CA GLY A 515 52.03 5.65 28.30
C GLY A 515 51.06 5.57 27.13
N ILE A 516 50.05 4.69 27.26
CA ILE A 516 49.04 4.56 26.21
C ILE A 516 47.96 5.61 26.44
N ASN A 517 47.48 6.21 25.35
CA ASN A 517 46.47 7.26 25.44
C ASN A 517 45.21 6.89 24.64
N LYS A 518 44.06 7.36 25.13
CA LYS A 518 42.76 6.99 24.60
C LYS A 518 42.12 8.19 23.91
N ILE A 519 42.21 8.23 22.58
CA ILE A 519 41.51 9.23 21.76
C ILE A 519 40.17 8.68 21.32
N SER A 520 39.09 9.37 21.66
CA SER A 520 37.75 8.96 21.31
C SER A 520 37.03 10.08 20.57
N LEU A 521 36.53 9.79 19.37
CA LEU A 521 35.82 10.77 18.55
C LEU A 521 34.37 10.32 18.37
N LEU A 522 33.43 11.09 18.92
CA LEU A 522 32.00 10.93 18.63
C LEU A 522 31.66 11.77 17.40
N SER A 523 31.09 11.14 16.39
CA SER A 523 30.86 11.77 15.09
C SER A 523 29.37 11.77 14.76
N VAL A 524 28.74 12.93 14.75
CA VAL A 524 27.29 13.05 14.63
C VAL A 524 26.91 13.46 13.21
N SER A 525 25.82 12.88 12.70
CA SER A 525 25.13 13.33 11.49
C SER A 525 23.84 14.05 11.85
N VAL A 526 23.43 15.01 11.01
CA VAL A 526 22.18 15.75 11.24
C VAL A 526 21.24 15.51 10.06
N GLY A 527 20.79 14.28 9.85
CA GLY A 527 20.10 13.97 8.63
C GLY A 527 21.05 13.81 7.46
N LEU A 528 20.57 13.16 6.43
CA LEU A 528 21.44 12.92 5.29
C LEU A 528 21.08 13.84 4.11
N PRO A 529 22.03 14.14 3.24
CA PRO A 529 21.75 15.04 2.11
C PRO A 529 20.59 14.55 1.26
N ASN A 530 19.84 15.49 0.69
CA ASN A 530 18.62 15.16 -0.04
C ASN A 530 18.54 15.80 -1.42
N VAL A 531 19.63 16.39 -1.92
CA VAL A 531 19.60 17.13 -3.18
C VAL A 531 21.02 17.37 -3.67
N GLY A 532 21.24 17.19 -4.98
CA GLY A 532 22.55 17.38 -5.58
C GLY A 532 22.91 16.17 -6.42
N VAL A 533 23.67 16.41 -7.50
CA VAL A 533 24.09 15.31 -8.35
C VAL A 533 25.00 14.40 -7.54
N HIS A 534 24.61 13.12 -7.44
CA HIS A 534 25.37 12.13 -6.68
C HIS A 534 25.42 12.44 -5.19
N TYR A 535 24.39 13.11 -4.65
CA TYR A 535 24.46 13.51 -3.25
C TYR A 535 24.63 12.32 -2.31
N ASP A 536 24.20 11.13 -2.73
CA ASP A 536 24.29 9.91 -1.92
C ASP A 536 25.71 9.36 -1.82
N THR A 537 26.65 9.93 -2.57
CA THR A 537 28.04 9.49 -2.55
C THR A 537 28.94 10.44 -1.76
N TRP A 538 28.34 11.40 -1.02
CA TRP A 538 29.08 12.22 -0.08
C TRP A 538 29.14 11.51 1.27
N ASN A 539 30.16 11.85 2.05
CA ASN A 539 30.48 11.12 3.25
C ASN A 539 30.07 11.86 4.51
N ALA A 540 30.00 11.10 5.58
CA ALA A 540 29.88 11.60 6.94
C ALA A 540 30.96 10.89 7.75
N GLY A 541 31.17 11.32 8.98
CA GLY A 541 32.14 10.68 9.84
C GLY A 541 33.55 11.13 9.52
N VAL A 542 34.50 10.67 10.31
CA VAL A 542 35.89 11.08 10.13
C VAL A 542 36.57 10.12 9.15
N LEU A 543 37.03 10.68 8.02
CA LEU A 543 37.94 9.97 7.12
C LEU A 543 39.29 10.67 7.04
N GLY A 544 39.56 11.57 7.99
CA GLY A 544 40.86 12.15 8.15
C GLY A 544 41.16 13.19 7.10
N PRO A 545 42.44 13.57 6.98
CA PRO A 545 43.58 12.98 7.69
C PRO A 545 43.56 13.26 9.19
N VAL A 546 44.26 12.44 9.97
CA VAL A 546 44.36 12.61 11.41
C VAL A 546 45.85 12.56 11.75
N THR A 547 46.35 13.61 12.39
CA THR A 547 47.79 13.75 12.62
C THR A 547 48.05 14.29 14.02
N LEU A 548 49.10 13.76 14.65
CA LEU A 548 49.60 14.21 15.95
C LEU A 548 51.02 14.70 15.76
N SER A 549 51.29 15.93 16.21
CA SER A 549 52.55 16.58 15.89
C SER A 549 53.09 17.32 17.11
N GLY A 550 54.34 17.77 16.99
CA GLY A 550 55.04 18.35 18.11
C GLY A 550 55.81 17.34 18.92
N LEU A 551 56.24 16.24 18.30
CA LEU A 551 56.90 15.15 18.99
C LEU A 551 58.35 15.05 18.53
N ASN A 552 59.04 14.03 19.05
CA ASN A 552 60.39 13.75 18.61
C ASN A 552 60.42 13.46 17.11
N GLU A 553 59.44 12.71 16.62
CA GLU A 553 59.18 12.67 15.19
C GLU A 553 58.47 13.95 14.76
N GLY A 554 58.48 14.21 13.46
CA GLY A 554 57.79 15.37 12.93
C GLY A 554 56.30 15.37 13.22
N SER A 555 55.58 14.46 12.57
CA SER A 555 54.14 14.33 12.76
C SER A 555 53.73 12.88 12.50
N ARG A 556 52.84 12.36 13.34
CA ARG A 556 52.43 10.96 13.30
C ARG A 556 51.02 10.87 12.71
N ASN A 557 50.90 10.24 11.56
CA ASN A 557 49.61 10.04 10.90
C ASN A 557 48.86 8.93 11.63
N LEU A 558 47.89 9.32 12.44
CA LEU A 558 47.07 8.35 13.13
C LEU A 558 46.05 7.66 12.22
N ALA A 559 45.92 8.07 10.95
CA ALA A 559 44.98 7.41 10.07
C ALA A 559 45.45 6.04 9.59
N LYS A 560 46.75 5.76 9.68
CA LYS A 560 47.31 4.48 9.29
C LYS A 560 47.63 3.64 10.53
N GLN A 561 46.60 3.36 11.32
CA GLN A 561 46.72 2.47 12.46
C GLN A 561 45.32 1.92 12.77
N LYS A 562 45.18 1.21 13.88
CA LYS A 562 43.95 0.47 14.14
C LYS A 562 42.91 1.37 14.81
N TRP A 563 41.65 1.19 14.41
CA TRP A 563 40.54 1.94 14.97
C TRP A 563 39.41 0.98 15.35
N SER A 564 38.78 1.27 16.49
CA SER A 564 37.60 0.58 17.01
C SER A 564 36.36 1.44 16.81
N TYR A 565 35.20 0.78 16.69
CA TYR A 565 33.94 1.45 16.40
C TYR A 565 32.85 1.03 17.36
N LYS A 566 31.97 1.98 17.72
CA LYS A 566 30.75 1.67 18.47
C LYS A 566 29.59 2.46 17.88
N VAL A 567 28.57 1.78 17.37
CA VAL A 567 27.48 2.42 16.62
C VAL A 567 26.42 2.88 17.61
N GLY A 568 26.12 4.16 17.62
CA GLY A 568 25.07 4.68 18.48
C GLY A 568 25.52 4.85 19.91
N LEU A 569 24.57 5.28 20.74
CA LEU A 569 24.86 5.48 22.15
C LEU A 569 24.50 4.23 22.95
N LYS A 570 25.24 4.02 24.04
CA LYS A 570 24.83 2.97 24.99
C LYS A 570 23.38 3.16 25.39
N GLY A 571 23.02 4.39 25.79
CA GLY A 571 21.64 4.68 26.14
C GLY A 571 20.65 4.28 25.06
N GLU A 572 21.06 4.34 23.78
CA GLU A 572 20.24 3.84 22.70
C GLU A 572 20.14 2.32 22.76
N SER A 573 21.28 1.65 22.96
CA SER A 573 21.32 0.20 23.04
C SER A 573 20.48 -0.33 24.20
N LEU A 574 20.39 0.43 25.28
CA LEU A 574 19.52 0.10 26.38
C LEU A 574 18.11 0.65 26.18
N SER A 575 17.87 1.28 25.03
CA SER A 575 16.55 1.81 24.64
C SER A 575 15.90 2.62 25.75
N LEU A 576 16.64 3.57 26.29
CA LEU A 576 16.21 4.42 27.40
C LEU A 576 15.16 5.41 27.01
N HIS A 577 14.65 5.33 25.79
CA HIS A 577 13.67 6.27 25.26
C HIS A 577 12.26 5.71 25.23
N SER A 578 12.11 4.39 25.39
CA SER A 578 10.83 3.71 25.27
C SER A 578 10.11 3.63 26.61
N LEU A 579 8.81 3.30 26.56
CA LEU A 579 8.05 3.05 27.78
C LEU A 579 8.63 1.89 28.57
N SER A 580 8.74 0.71 27.93
CA SER A 580 9.23 -0.50 28.57
C SER A 580 10.69 -0.42 29.04
N GLY A 581 11.63 -0.39 28.08
CA GLY A 581 13.06 -0.46 28.41
C GLY A 581 13.67 0.79 29.00
N SER A 582 12.88 1.62 29.70
CA SER A 582 13.37 2.90 30.20
C SER A 582 14.12 2.76 31.52
N SER A 583 13.51 2.12 32.52
CA SER A 583 14.11 2.01 33.85
C SER A 583 14.89 0.70 34.00
N SER A 584 15.85 0.52 33.09
CA SER A 584 16.77 -0.61 33.13
C SER A 584 18.09 -0.28 33.84
N VAL A 585 18.22 0.93 34.39
CA VAL A 585 19.53 1.50 34.65
C VAL A 585 19.49 2.49 35.82
N GLU A 586 20.66 3.02 36.21
CA GLU A 586 20.83 3.80 37.43
C GLU A 586 20.60 5.29 37.18
N TRP A 587 19.40 5.79 37.47
CA TRP A 587 19.08 7.19 37.29
C TRP A 587 19.25 7.95 38.60
N VAL A 588 19.57 9.24 38.47
CA VAL A 588 19.97 10.10 39.59
C VAL A 588 18.88 11.15 39.78
N ARG A 589 18.18 11.07 40.91
CA ARG A 589 17.12 12.03 41.25
C ARG A 589 17.68 13.17 42.09
N GLY A 590 16.93 14.27 42.13
CA GLY A 590 17.24 15.40 42.98
C GLY A 590 18.53 16.12 42.61
N SER A 591 18.89 17.09 43.45
CA SER A 591 20.02 17.99 43.26
C SER A 591 21.23 17.39 42.57
N LEU A 592 21.43 16.07 42.70
CA LEU A 592 22.53 15.40 42.00
C LEU A 592 22.28 15.25 40.50
N MET A 593 21.05 15.50 40.03
CA MET A 593 20.75 15.50 38.59
C MET A 593 21.66 16.46 37.86
N ALA A 594 22.25 15.97 36.76
CA ALA A 594 23.38 16.67 36.15
C ALA A 594 22.93 17.94 35.44
N GLN A 595 23.60 19.05 35.75
CA GLN A 595 23.49 20.27 34.97
C GLN A 595 24.66 20.34 34.00
N LYS A 596 24.46 21.11 32.92
CA LYS A 596 25.52 21.46 31.99
C LYS A 596 26.61 20.39 31.84
N GLN A 597 26.18 19.14 31.72
CA GLN A 597 27.01 18.01 31.38
C GLN A 597 26.68 17.52 29.97
N PRO A 598 27.68 17.20 29.15
CA PRO A 598 27.43 16.63 27.83
C PRO A 598 27.13 15.14 27.90
N LEU A 599 26.35 14.68 26.93
CA LEU A 599 26.01 13.27 26.76
C LEU A 599 25.24 12.75 27.98
N THR A 600 24.06 13.31 28.18
CA THR A 600 23.26 13.10 29.39
C THR A 600 21.82 12.83 29.02
N TRP A 601 21.28 11.70 29.45
CA TRP A 601 19.86 11.46 29.30
C TRP A 601 19.10 12.08 30.48
N TYR A 602 17.89 12.57 30.20
CA TYR A 602 16.98 13.07 31.23
C TYR A 602 15.62 12.39 31.11
N LYS A 603 14.88 12.45 32.21
CA LYS A 603 13.62 11.75 32.37
C LYS A 603 12.65 12.61 33.17
N ALA A 604 11.37 12.47 32.87
CA ALA A 604 10.34 13.22 33.58
C ALA A 604 8.97 12.72 33.12
N THR A 605 8.07 12.46 34.06
CA THR A 605 6.68 12.21 33.69
C THR A 605 5.87 13.47 33.94
N PHE A 606 4.94 13.74 33.03
CA PHE A 606 4.12 14.94 33.07
C PHE A 606 2.69 14.57 32.68
N ASN A 607 1.75 15.45 33.01
CA ASN A 607 0.35 15.28 32.66
C ASN A 607 -0.03 16.27 31.57
N ALA A 608 -0.98 15.88 30.73
CA ALA A 608 -1.36 16.68 29.57
C ALA A 608 -2.08 17.94 30.01
N PRO A 609 -1.60 19.13 29.65
CA PRO A 609 -2.20 20.35 30.15
C PRO A 609 -3.64 20.51 29.69
N GLY A 610 -4.33 21.46 30.31
CA GLY A 610 -5.69 21.73 29.91
C GLY A 610 -5.73 22.49 28.60
N GLY A 611 -6.84 22.33 27.90
CA GLY A 611 -7.14 23.14 26.74
C GLY A 611 -7.22 22.32 25.45
N ASN A 612 -7.66 23.02 24.41
CA ASN A 612 -7.69 22.50 23.05
C ASN A 612 -6.37 22.67 22.33
N ASP A 613 -5.55 23.61 22.81
CA ASP A 613 -4.44 24.17 22.05
C ASP A 613 -3.42 23.10 21.69
N PRO A 614 -2.72 23.29 20.58
CA PRO A 614 -1.52 22.48 20.31
C PRO A 614 -0.36 22.97 21.15
N LEU A 615 0.63 22.10 21.34
CA LEU A 615 1.65 22.31 22.36
C LEU A 615 3.06 22.01 21.88
N ALA A 616 4.02 22.82 22.32
CA ALA A 616 5.44 22.56 22.12
C ALA A 616 6.19 22.57 23.45
N LEU A 617 7.37 21.93 23.44
CA LEU A 617 8.33 21.98 24.53
C LEU A 617 9.31 23.14 24.28
N ASP A 618 9.36 24.10 25.22
CA ASP A 618 10.37 25.16 25.15
C ASP A 618 11.73 24.57 25.55
N MET A 619 12.67 24.58 24.60
CA MET A 619 13.95 23.92 24.81
C MET A 619 15.12 24.89 24.84
N ALA A 620 14.86 26.16 25.14
CA ALA A 620 15.90 27.17 24.99
C ALA A 620 17.02 26.96 26.01
N SER A 621 16.71 26.34 27.14
CA SER A 621 17.70 26.02 28.17
C SER A 621 18.64 24.90 27.78
N MET A 622 18.43 24.29 26.62
CA MET A 622 19.13 23.08 26.22
C MET A 622 20.10 23.41 25.09
N GLY A 623 20.86 22.40 24.67
CA GLY A 623 21.84 22.58 23.62
C GLY A 623 21.49 21.89 22.32
N LYS A 624 21.66 20.57 22.30
CA LYS A 624 21.36 19.77 21.13
C LYS A 624 21.06 18.35 21.61
N GLY A 625 20.14 17.67 20.92
CA GLY A 625 19.92 16.24 21.17
C GLY A 625 18.74 15.64 20.43
N GLN A 626 18.03 14.69 21.06
CA GLN A 626 16.77 14.14 20.56
C GLN A 626 15.72 14.16 21.66
N ILE A 627 14.47 14.43 21.28
CA ILE A 627 13.35 14.40 22.20
C ILE A 627 12.48 13.20 21.87
N TRP A 628 11.89 12.60 22.91
CA TRP A 628 10.95 11.48 22.82
C TRP A 628 9.78 11.72 23.75
N ILE A 629 8.58 11.27 23.36
CA ILE A 629 7.42 11.34 24.25
C ILE A 629 6.64 10.04 24.12
N ASN A 630 6.47 9.33 25.24
CA ASN A 630 5.85 8.00 25.27
C ASN A 630 6.48 7.08 24.23
N GLY A 631 7.79 7.25 24.06
CA GLY A 631 8.57 6.39 23.19
C GLY A 631 8.54 6.80 21.74
N GLU A 632 7.89 7.92 21.43
CA GLU A 632 7.70 8.41 20.07
C GLU A 632 8.56 9.64 19.88
N GLY A 633 9.53 9.54 18.97
CA GLY A 633 10.41 10.67 18.76
C GLY A 633 9.77 11.94 18.24
N VAL A 634 9.71 12.96 19.10
CA VAL A 634 9.36 14.32 18.68
C VAL A 634 10.33 14.80 17.60
N GLY A 635 11.60 14.42 17.69
CA GLY A 635 12.62 14.79 16.74
C GLY A 635 13.82 15.42 17.42
N ARG A 636 14.86 15.64 16.61
CA ARG A 636 16.06 16.36 17.02
C ARG A 636 15.70 17.75 17.55
N HIS A 637 16.46 18.20 18.55
CA HIS A 637 16.44 19.58 18.98
C HIS A 637 17.85 20.15 18.94
N TRP A 638 17.98 21.41 18.55
CA TRP A 638 19.29 22.04 18.46
C TRP A 638 19.22 23.52 18.76
N PRO A 639 18.62 23.92 19.88
CA PRO A 639 18.50 25.35 20.17
C PRO A 639 19.82 26.06 20.37
N GLY A 640 20.87 25.32 20.74
CA GLY A 640 22.19 25.91 20.84
C GLY A 640 22.75 26.43 19.53
N TYR A 641 22.14 26.07 18.40
CA TYR A 641 22.57 26.55 17.08
C TYR A 641 21.82 27.84 16.78
N ILE A 642 22.48 28.97 17.00
CA ILE A 642 21.86 30.29 16.84
C ILE A 642 21.86 30.63 15.36
N ALA A 643 20.81 31.35 14.94
CA ALA A 643 20.55 31.62 13.52
C ALA A 643 21.39 32.77 13.01
N GLN A 644 22.13 32.52 11.93
CA GLN A 644 22.92 33.51 11.21
C GLN A 644 22.17 33.93 9.95
N GLY A 645 22.58 35.05 9.38
CA GLY A 645 22.02 35.48 8.12
C GLY A 645 21.60 36.94 8.12
N ASP A 646 21.62 37.55 6.93
CA ASP A 646 21.14 38.92 6.76
C ASP A 646 19.63 38.88 6.74
N CYS A 647 19.00 39.34 7.80
CA CYS A 647 17.54 39.33 7.81
C CYS A 647 17.01 40.71 8.23
N SER A 648 17.05 41.64 7.26
CA SER A 648 16.47 42.97 7.34
C SER A 648 15.03 43.00 6.78
N LYS A 649 14.38 44.15 6.96
CA LYS A 649 12.93 44.25 6.76
C LYS A 649 12.55 44.23 5.27
N CYS A 650 11.27 43.91 5.04
CA CYS A 650 10.81 43.37 3.77
C CYS A 650 9.61 44.14 3.23
N SER A 651 9.53 44.24 1.91
CA SER A 651 8.32 44.71 1.26
C SER A 651 7.82 43.67 0.25
N TYR A 652 6.49 43.50 0.20
CA TYR A 652 5.91 42.50 -0.69
C TYR A 652 6.37 42.70 -2.13
N ALA A 653 6.51 43.96 -2.55
CA ALA A 653 6.76 44.28 -3.96
C ALA A 653 8.16 43.86 -4.42
N GLY A 654 8.22 43.30 -5.63
CA GLY A 654 9.46 43.04 -6.33
C GLY A 654 9.84 41.56 -6.29
N THR A 655 10.67 41.16 -7.27
CA THR A 655 11.11 39.76 -7.39
C THR A 655 11.56 39.21 -6.03
N PHE A 656 10.93 38.12 -5.61
CA PHE A 656 11.23 37.50 -4.34
C PHE A 656 12.32 36.46 -4.53
N ASN A 657 13.29 36.46 -3.63
CA ASN A 657 14.22 35.34 -3.42
C ASN A 657 14.12 34.91 -1.96
N GLU A 658 14.60 33.71 -1.66
CA GLU A 658 14.25 33.16 -0.36
C GLU A 658 14.92 33.89 0.79
N LYS A 659 16.01 34.58 0.54
CA LYS A 659 16.65 35.34 1.59
C LYS A 659 16.04 36.73 1.77
N LYS A 660 14.94 37.06 1.08
CA LYS A 660 14.45 38.43 1.05
C LYS A 660 13.79 38.84 2.35
N CYS A 661 12.79 38.08 2.82
CA CYS A 661 12.18 38.35 4.13
C CYS A 661 12.60 37.20 5.01
N GLN A 662 13.72 37.38 5.69
CA GLN A 662 14.16 36.42 6.69
C GLN A 662 13.93 37.05 8.06
N THR A 663 13.53 36.21 9.01
CA THR A 663 13.36 36.64 10.39
C THR A 663 14.13 35.71 11.32
N ASN A 664 14.48 36.25 12.50
CA ASN A 664 14.80 35.50 13.72
C ASN A 664 16.29 35.45 14.00
N CYS A 665 17.07 36.30 13.33
CA CYS A 665 18.52 36.20 13.45
C CYS A 665 18.98 36.46 14.89
N GLY A 666 20.12 35.90 15.24
CA GLY A 666 20.61 36.05 16.59
C GLY A 666 19.88 35.26 17.64
N GLN A 667 18.96 34.41 17.25
CA GLN A 667 18.20 33.59 18.17
C GLN A 667 18.39 32.11 17.86
N PRO A 668 18.07 31.23 18.79
CA PRO A 668 18.09 29.79 18.48
C PRO A 668 17.38 29.51 17.16
N SER A 669 17.98 28.65 16.35
CA SER A 669 17.40 28.32 15.05
C SER A 669 15.99 27.79 15.22
N GLN A 670 15.81 26.87 16.15
CA GLN A 670 14.50 26.39 16.57
C GLN A 670 14.52 26.28 18.10
N ARG A 671 13.60 26.97 18.76
CA ARG A 671 13.49 26.94 20.21
C ARG A 671 12.31 26.11 20.70
N TRP A 672 11.15 26.24 20.06
CA TRP A 672 9.97 25.49 20.45
C TRP A 672 9.86 24.26 19.56
N TYR A 673 9.53 23.14 20.18
CA TYR A 673 9.57 21.84 19.51
C TYR A 673 8.22 21.17 19.64
N HIS A 674 7.49 21.12 18.52
CA HIS A 674 6.05 20.78 18.48
C HIS A 674 5.77 19.41 19.06
N VAL A 675 4.88 19.37 20.04
CA VAL A 675 4.43 18.13 20.68
C VAL A 675 3.00 17.85 20.24
N PRO A 676 2.74 16.76 19.54
CA PRO A 676 1.37 16.47 19.10
C PRO A 676 0.51 15.98 20.27
N ARG A 677 -0.65 16.65 20.47
CA ARG A 677 -1.60 16.18 21.46
C ARG A 677 -2.00 14.75 21.16
N SER A 678 -2.07 14.41 19.89
CA SER A 678 -2.34 13.08 19.36
C SER A 678 -1.48 12.00 20.00
N TRP A 679 -0.43 12.38 20.74
CA TRP A 679 0.50 11.43 21.35
C TRP A 679 0.40 11.37 22.87
N LEU A 680 -0.42 12.21 23.50
CA LEU A 680 -0.49 12.27 24.96
C LEU A 680 -1.70 11.54 25.53
N LYS A 681 -1.50 10.98 26.74
CA LYS A 681 -2.52 10.49 27.66
C LYS A 681 -2.78 11.56 28.72
N PRO A 682 -3.91 11.50 29.44
CA PRO A 682 -4.20 12.61 30.35
C PRO A 682 -3.20 12.71 31.49
N SER A 683 -2.66 11.59 31.95
CA SER A 683 -1.65 11.61 32.99
C SER A 683 -0.70 10.44 32.81
N GLY A 684 0.54 10.64 33.28
CA GLY A 684 1.54 9.59 33.26
C GLY A 684 2.43 9.56 32.04
N ASN A 685 2.61 10.71 31.38
CA ASN A 685 3.29 10.76 30.09
C ASN A 685 4.79 10.82 30.28
N LEU A 686 5.52 10.04 29.47
CA LEU A 686 6.95 9.85 29.61
C LEU A 686 7.72 10.77 28.67
N LEU A 687 8.54 11.66 29.25
CA LEU A 687 9.42 12.55 28.50
C LEU A 687 10.87 12.10 28.71
N VAL A 688 11.57 11.77 27.63
CA VAL A 688 12.97 11.36 27.66
C VAL A 688 13.75 12.22 26.66
N VAL A 689 14.77 12.92 27.15
CA VAL A 689 15.64 13.74 26.30
C VAL A 689 17.06 13.20 26.38
N PHE A 690 17.72 13.08 25.25
CA PHE A 690 19.17 12.90 25.23
C PHE A 690 19.77 14.25 24.87
N GLU A 691 20.28 14.95 25.88
CA GLU A 691 21.05 16.15 25.63
C GLU A 691 22.47 15.78 25.24
N GLU A 692 22.91 16.30 24.10
CA GLU A 692 24.20 15.96 23.50
C GLU A 692 25.29 16.91 23.95
N TRP A 693 24.96 18.19 24.03
CA TRP A 693 25.92 19.25 24.26
C TRP A 693 26.01 19.65 25.73
N GLY A 694 24.87 19.96 26.35
CA GLY A 694 24.85 20.46 27.70
C GLY A 694 23.67 21.39 27.87
N GLY A 695 22.91 21.21 28.95
CA GLY A 695 21.73 22.03 29.16
C GLY A 695 21.27 21.98 30.60
N ASN A 696 20.16 22.66 30.85
CA ASN A 696 19.58 22.79 32.19
C ASN A 696 18.11 22.39 32.15
N PRO A 697 17.82 21.09 32.33
CA PRO A 697 16.44 20.62 32.14
C PRO A 697 15.38 21.35 32.95
N THR A 698 15.74 21.93 34.10
CA THR A 698 14.73 22.64 34.89
C THR A 698 14.14 23.83 34.16
N GLY A 699 14.71 24.21 33.02
CA GLY A 699 14.16 25.26 32.18
C GLY A 699 13.16 24.73 31.18
N ILE A 700 13.16 23.40 30.94
CA ILE A 700 12.25 22.84 29.96
C ILE A 700 10.82 23.06 30.43
N SER A 701 10.04 23.78 29.62
CA SER A 701 8.62 23.97 29.86
C SER A 701 7.79 23.48 28.68
N LEU A 702 6.54 23.10 28.96
CA LEU A 702 5.54 23.00 27.93
C LEU A 702 4.96 24.39 27.68
N VAL A 703 4.33 24.56 26.51
CA VAL A 703 3.67 25.82 26.18
C VAL A 703 2.42 25.53 25.36
N ARG A 704 1.45 26.42 25.49
CA ARG A 704 0.26 26.45 24.64
C ARG A 704 0.47 27.43 23.51
N ARG A 705 0.10 27.00 22.30
CA ARG A 705 0.20 27.83 21.11
C ARG A 705 -1.15 28.45 20.78
N SER A 706 -1.17 29.77 20.59
CA SER A 706 -2.40 30.46 20.22
C SER A 706 -2.04 31.67 19.38
N ARG A 707 -2.87 31.96 18.37
CA ARG A 707 -2.75 33.14 17.53
C ARG A 707 -3.96 34.05 17.71
N SER A 708 -3.71 35.34 17.92
CA SER A 708 -4.74 36.38 18.08
C SER A 708 -4.45 37.53 17.13
N ALA A 709 -5.40 38.44 16.99
CA ALA A 709 -5.20 39.61 16.11
C ALA A 709 -4.96 40.89 16.90
N GLU B 5 -18.14 -35.04 -39.29
CA GLU B 5 -19.32 -35.53 -38.53
C GLU B 5 -19.60 -34.61 -37.33
N PHE B 6 -18.62 -34.47 -36.42
CA PHE B 6 -18.60 -33.41 -35.42
C PHE B 6 -17.30 -32.65 -35.56
N SER B 7 -17.35 -31.33 -35.37
CA SER B 7 -16.18 -30.49 -35.58
C SER B 7 -16.32 -29.20 -34.79
N VAL B 8 -15.19 -28.67 -34.33
CA VAL B 8 -15.11 -27.33 -33.76
C VAL B 8 -14.06 -26.52 -34.50
N SER B 9 -14.46 -25.33 -34.96
CA SER B 9 -13.58 -24.42 -35.67
C SER B 9 -13.90 -22.98 -35.24
N TYR B 10 -13.24 -22.02 -35.88
CA TYR B 10 -13.62 -20.64 -35.61
C TYR B 10 -13.23 -19.79 -36.80
N ASP B 11 -13.98 -18.71 -37.00
CA ASP B 11 -13.63 -17.69 -37.96
C ASP B 11 -13.70 -16.32 -37.28
N ASP B 12 -13.50 -15.27 -38.08
CA ASP B 12 -13.47 -13.91 -37.55
C ASP B 12 -14.70 -13.60 -36.70
N ARG B 13 -15.80 -14.33 -36.91
CA ARG B 13 -17.08 -13.96 -36.31
C ARG B 13 -17.37 -14.73 -35.02
N ALA B 14 -17.29 -16.06 -35.03
CA ALA B 14 -17.67 -16.85 -33.88
C ALA B 14 -16.90 -18.17 -33.84
N ILE B 15 -17.20 -18.95 -32.81
CA ILE B 15 -16.86 -20.37 -32.78
C ILE B 15 -17.80 -21.11 -33.71
N ILE B 16 -17.28 -22.10 -34.43
CA ILE B 16 -18.08 -22.93 -35.33
C ILE B 16 -18.15 -24.33 -34.75
N ILE B 17 -19.33 -24.72 -34.26
CA ILE B 17 -19.61 -26.10 -33.83
C ILE B 17 -20.35 -26.79 -34.95
N ASN B 18 -19.75 -27.81 -35.53
CA ASN B 18 -20.45 -28.65 -36.49
C ASN B 18 -20.94 -27.83 -37.69
N GLY B 19 -20.10 -26.90 -38.13
CA GLY B 19 -20.36 -26.12 -39.33
C GLY B 19 -21.22 -24.89 -39.14
N LYS B 20 -21.68 -24.60 -37.92
CA LYS B 20 -22.55 -23.46 -37.66
C LYS B 20 -21.94 -22.56 -36.60
N ARG B 21 -21.79 -21.27 -36.93
CA ARG B 21 -21.39 -20.27 -35.93
C ARG B 21 -22.42 -20.18 -34.81
N LYS B 22 -21.92 -20.12 -33.57
CA LYS B 22 -22.76 -20.05 -32.38
C LYS B 22 -22.36 -18.83 -31.56
N ILE B 23 -23.36 -18.14 -31.02
CA ILE B 23 -23.10 -17.18 -29.94
C ILE B 23 -23.28 -17.95 -28.64
N LEU B 24 -22.17 -18.19 -27.94
CA LEU B 24 -22.10 -19.18 -26.87
C LEU B 24 -22.11 -18.51 -25.49
N ILE B 25 -23.12 -18.85 -24.69
CA ILE B 25 -23.32 -18.35 -23.33
C ILE B 25 -22.80 -19.38 -22.34
N SER B 26 -21.82 -19.01 -21.54
CA SER B 26 -21.15 -19.97 -20.67
C SER B 26 -21.21 -19.51 -19.22
N GLY B 27 -21.21 -20.47 -18.30
CA GLY B 27 -21.04 -20.20 -16.89
C GLY B 27 -19.95 -21.09 -16.31
N SER B 28 -19.31 -20.59 -15.24
CA SER B 28 -18.24 -21.34 -14.56
C SER B 28 -18.81 -22.06 -13.34
N ILE B 29 -18.52 -23.36 -13.26
CA ILE B 29 -18.77 -24.17 -12.08
C ILE B 29 -17.55 -25.05 -11.87
N HIS B 30 -16.92 -24.93 -10.71
CA HIS B 30 -15.77 -25.76 -10.38
C HIS B 30 -16.26 -27.01 -9.64
N TYR B 31 -16.12 -28.16 -10.28
CA TYR B 31 -16.58 -29.42 -9.70
C TYR B 31 -16.09 -29.69 -8.27
N PRO B 32 -14.88 -29.28 -7.84
CA PRO B 32 -14.50 -29.55 -6.44
C PRO B 32 -15.13 -28.62 -5.43
N ARG B 33 -15.84 -27.57 -5.87
CA ARG B 33 -16.48 -26.62 -4.97
C ARG B 33 -17.94 -26.98 -4.68
N SER B 34 -18.39 -28.13 -5.17
CA SER B 34 -19.71 -28.68 -4.89
C SER B 34 -19.52 -30.17 -4.63
N THR B 35 -20.63 -30.89 -4.44
CA THR B 35 -20.56 -32.35 -4.24
C THR B 35 -21.14 -33.07 -5.43
N PRO B 36 -20.59 -34.23 -5.81
CA PRO B 36 -21.12 -34.93 -7.00
C PRO B 36 -22.63 -35.05 -7.00
N GLN B 37 -23.22 -35.37 -5.85
CA GLN B 37 -24.66 -35.55 -5.73
C GLN B 37 -25.33 -34.21 -5.50
N MET B 38 -25.09 -33.28 -6.42
CA MET B 38 -25.37 -31.86 -6.30
C MET B 38 -24.98 -31.17 -7.61
N TRP B 39 -24.09 -31.82 -8.39
CA TRP B 39 -23.74 -31.37 -9.73
C TRP B 39 -24.90 -31.36 -10.71
N PRO B 40 -25.66 -32.44 -10.88
CA PRO B 40 -26.70 -32.42 -11.93
C PRO B 40 -27.75 -31.36 -11.69
N ASP B 41 -28.05 -31.05 -10.43
CA ASP B 41 -29.01 -29.98 -10.15
C ASP B 41 -28.38 -28.62 -10.43
N LEU B 42 -27.08 -28.47 -10.13
CA LEU B 42 -26.38 -27.26 -10.52
C LEU B 42 -26.39 -27.10 -12.02
N ILE B 43 -26.01 -28.16 -12.75
CA ILE B 43 -25.96 -28.06 -14.21
C ILE B 43 -27.33 -27.71 -14.76
N GLN B 44 -28.39 -28.30 -14.19
CA GLN B 44 -29.75 -28.13 -14.72
C GLN B 44 -30.19 -26.66 -14.62
N LYS B 45 -29.96 -26.04 -13.46
CA LYS B 45 -30.25 -24.62 -13.32
C LYS B 45 -29.47 -23.80 -14.34
N ALA B 46 -28.25 -24.21 -14.63
CA ALA B 46 -27.49 -23.52 -15.67
C ALA B 46 -28.22 -23.63 -17.02
N LYS B 47 -28.63 -24.85 -17.40
CA LYS B 47 -29.37 -25.03 -18.66
C LYS B 47 -30.63 -24.17 -18.66
N ASP B 48 -31.46 -24.29 -17.61
CA ASP B 48 -32.64 -23.45 -17.45
C ASP B 48 -32.33 -21.96 -17.43
N GLY B 49 -31.10 -21.59 -17.10
CA GLY B 49 -30.72 -20.21 -16.95
C GLY B 49 -30.21 -19.57 -18.21
N GLY B 50 -30.15 -20.34 -19.31
CA GLY B 50 -29.73 -19.84 -20.61
C GLY B 50 -28.35 -20.26 -21.07
N LEU B 51 -27.64 -21.07 -20.30
CA LEU B 51 -26.25 -21.39 -20.61
C LEU B 51 -26.14 -22.44 -21.71
N ASP B 52 -25.23 -22.21 -22.65
CA ASP B 52 -24.83 -23.24 -23.61
C ASP B 52 -23.58 -23.99 -23.19
N VAL B 53 -22.70 -23.38 -22.38
CA VAL B 53 -21.44 -24.00 -22.01
C VAL B 53 -21.27 -23.98 -20.49
N ILE B 54 -20.62 -25.02 -19.96
CA ILE B 54 -20.13 -25.04 -18.59
C ILE B 54 -18.63 -25.01 -18.65
N GLU B 55 -18.03 -24.04 -17.97
CA GLU B 55 -16.59 -23.83 -17.93
C GLU B 55 -16.06 -24.24 -16.56
N THR B 56 -14.87 -24.85 -16.54
CA THR B 56 -14.24 -25.18 -15.26
C THR B 56 -12.72 -25.30 -15.42
N TYR B 57 -12.05 -25.10 -14.29
CA TYR B 57 -10.64 -25.40 -14.17
C TYR B 57 -10.43 -26.87 -13.85
N VAL B 58 -9.22 -27.35 -14.15
CA VAL B 58 -8.68 -28.58 -13.57
C VAL B 58 -7.83 -28.19 -12.37
N PHE B 59 -8.03 -28.85 -11.24
CA PHE B 59 -7.28 -28.53 -10.02
C PHE B 59 -6.25 -29.63 -9.75
N TRP B 60 -5.03 -29.42 -10.25
CA TRP B 60 -3.89 -30.34 -10.12
C TRP B 60 -3.62 -30.84 -8.70
N ASN B 61 -3.22 -29.94 -7.81
CA ASN B 61 -2.94 -30.34 -6.44
C ASN B 61 -4.07 -31.17 -5.84
N GLY B 62 -5.29 -31.01 -6.36
CA GLY B 62 -6.36 -31.90 -5.95
C GLY B 62 -6.23 -33.27 -6.56
N HIS B 63 -5.72 -33.35 -7.79
CA HIS B 63 -5.66 -34.58 -8.55
C HIS B 63 -4.36 -35.37 -8.35
N GLU B 64 -3.29 -34.71 -7.90
CA GLU B 64 -2.00 -35.35 -7.65
C GLU B 64 -1.50 -34.91 -6.28
N PRO B 65 -2.05 -35.48 -5.22
CA PRO B 65 -1.59 -35.10 -3.87
C PRO B 65 -0.14 -35.46 -3.61
N SER B 66 0.23 -36.67 -3.88
CA SER B 66 1.65 -37.03 -3.82
C SER B 66 2.16 -37.25 -5.23
N PRO B 67 3.42 -36.93 -5.52
CA PRO B 67 3.93 -37.15 -6.89
C PRO B 67 3.67 -38.58 -7.32
N GLY B 68 2.89 -38.73 -8.40
CA GLY B 68 2.60 -40.05 -8.93
C GLY B 68 1.27 -40.60 -8.50
N LYS B 69 0.89 -40.39 -7.24
CA LYS B 69 -0.37 -40.89 -6.71
C LYS B 69 -1.51 -39.97 -7.14
N TYR B 70 -2.59 -40.54 -7.68
CA TYR B 70 -3.63 -39.72 -8.29
C TYR B 70 -4.94 -39.82 -7.51
N ASN B 71 -5.88 -38.93 -7.87
CA ASN B 71 -7.15 -38.84 -7.17
C ASN B 71 -8.21 -38.25 -8.08
N PHE B 72 -9.16 -39.08 -8.51
CA PHE B 72 -10.30 -38.61 -9.27
C PHE B 72 -11.57 -39.19 -8.69
N GLU B 73 -11.67 -39.19 -7.37
CA GLU B 73 -12.80 -39.75 -6.66
C GLU B 73 -13.63 -38.62 -6.06
N GLY B 74 -14.91 -38.89 -5.84
CA GLY B 74 -15.78 -37.96 -5.14
C GLY B 74 -15.89 -36.64 -5.88
N ARG B 75 -15.85 -35.54 -5.12
CA ARG B 75 -15.90 -34.25 -5.80
C ARG B 75 -14.63 -33.95 -6.65
N TYR B 76 -13.74 -34.92 -6.90
CA TYR B 76 -12.67 -34.72 -7.86
C TYR B 76 -12.83 -35.66 -9.05
N ASP B 77 -13.98 -36.33 -9.17
CA ASP B 77 -14.23 -37.09 -10.39
C ASP B 77 -14.53 -36.14 -11.55
N LEU B 78 -13.47 -35.72 -12.24
CA LEU B 78 -13.62 -34.75 -13.30
C LEU B 78 -14.36 -35.33 -14.51
N VAL B 79 -14.08 -36.61 -14.83
CA VAL B 79 -14.80 -37.29 -15.93
C VAL B 79 -16.28 -37.43 -15.59
N ARG B 80 -16.59 -37.72 -14.33
CA ARG B 80 -18.00 -37.75 -13.95
C ARG B 80 -18.65 -36.38 -14.16
N PHE B 81 -17.98 -35.32 -13.68
CA PHE B 81 -18.56 -33.99 -13.79
C PHE B 81 -18.87 -33.65 -15.25
N ILE B 82 -17.99 -34.05 -16.16
CA ILE B 82 -18.13 -33.62 -17.53
C ILE B 82 -19.19 -34.44 -18.25
N LYS B 83 -19.26 -35.75 -17.95
CA LYS B 83 -20.34 -36.56 -18.49
C LYS B 83 -21.69 -36.01 -18.06
N MET B 84 -21.79 -35.56 -16.80
CA MET B 84 -23.03 -34.95 -16.34
C MET B 84 -23.35 -33.65 -17.10
N VAL B 85 -22.34 -32.90 -17.52
CA VAL B 85 -22.58 -31.75 -18.38
C VAL B 85 -23.09 -32.22 -19.74
N GLN B 86 -22.36 -33.16 -20.36
CA GLN B 86 -22.79 -33.73 -21.62
C GLN B 86 -24.19 -34.31 -21.52
N ARG B 87 -24.56 -34.85 -20.36
CA ARG B 87 -25.92 -35.38 -20.18
C ARG B 87 -26.97 -34.28 -20.16
N ALA B 88 -26.59 -33.04 -19.91
CA ALA B 88 -27.56 -31.96 -19.97
C ALA B 88 -27.57 -31.28 -21.33
N GLY B 89 -26.81 -31.79 -22.29
CA GLY B 89 -26.77 -31.20 -23.61
C GLY B 89 -26.02 -29.90 -23.68
N LEU B 90 -25.11 -29.68 -22.76
CA LEU B 90 -24.28 -28.50 -22.71
C LEU B 90 -22.84 -28.87 -23.05
N TYR B 91 -22.09 -27.87 -23.48
CA TYR B 91 -20.70 -28.08 -23.85
C TYR B 91 -19.78 -27.69 -22.68
N VAL B 92 -18.47 -27.93 -22.86
CA VAL B 92 -17.51 -27.64 -21.80
C VAL B 92 -16.31 -26.88 -22.35
N ASN B 93 -15.78 -25.98 -21.53
CA ASN B 93 -14.57 -25.21 -21.79
C ASN B 93 -13.60 -25.62 -20.69
N LEU B 94 -12.67 -26.52 -21.03
CA LEU B 94 -11.78 -27.12 -20.05
C LEU B 94 -10.56 -26.23 -19.85
N ARG B 95 -10.54 -25.48 -18.76
CA ARG B 95 -9.41 -24.60 -18.46
C ARG B 95 -8.39 -25.41 -17.66
N ILE B 96 -7.41 -25.96 -18.37
CA ILE B 96 -6.53 -26.99 -17.78
C ILE B 96 -5.36 -26.39 -17.02
N GLY B 97 -4.88 -25.22 -17.40
CA GLY B 97 -3.81 -24.58 -16.66
C GLY B 97 -2.47 -25.21 -16.96
N PRO B 98 -1.83 -25.79 -15.94
CA PRO B 98 -2.44 -26.13 -14.66
C PRO B 98 -2.36 -25.02 -13.60
N TYR B 99 -1.61 -23.96 -13.85
CA TYR B 99 -1.82 -22.77 -13.02
C TYR B 99 -3.23 -22.24 -13.23
N VAL B 100 -4.09 -22.29 -12.22
CA VAL B 100 -5.49 -21.91 -12.39
C VAL B 100 -5.88 -20.65 -11.63
N CYS B 101 -5.06 -20.18 -10.69
CA CYS B 101 -5.37 -19.03 -9.85
C CYS B 101 -6.59 -19.27 -8.97
N ALA B 102 -7.76 -18.81 -9.42
CA ALA B 102 -9.06 -19.28 -8.96
C ALA B 102 -9.29 -19.05 -7.47
N GLU B 103 -8.52 -18.15 -6.84
CA GLU B 103 -8.44 -18.04 -5.39
C GLU B 103 -8.24 -19.42 -4.76
N TRP B 104 -7.48 -20.28 -5.43
CA TRP B 104 -7.31 -21.67 -5.06
C TRP B 104 -5.91 -21.90 -4.51
N ASN B 105 -5.82 -22.71 -3.44
CA ASN B 105 -4.55 -23.05 -2.80
C ASN B 105 -3.41 -23.15 -3.82
N PHE B 106 -2.44 -22.24 -3.71
CA PHE B 106 -1.17 -22.29 -4.43
C PHE B 106 -1.34 -22.12 -5.94
N GLY B 107 -2.45 -21.53 -6.39
CA GLY B 107 -2.73 -21.42 -7.80
C GLY B 107 -3.01 -22.73 -8.50
N GLY B 108 -3.22 -23.81 -7.75
CA GLY B 108 -3.41 -25.13 -8.28
C GLY B 108 -2.20 -26.02 -8.21
N PHE B 109 -1.05 -25.46 -7.91
CA PHE B 109 0.17 -26.26 -7.96
C PHE B 109 0.26 -27.15 -6.72
N PRO B 110 0.68 -28.41 -6.90
CA PRO B 110 0.98 -29.25 -5.74
C PRO B 110 2.17 -28.68 -4.98
N VAL B 111 2.07 -28.61 -3.65
CA VAL B 111 3.21 -28.07 -2.91
C VAL B 111 4.47 -28.88 -3.20
N TRP B 112 4.33 -30.21 -3.30
CA TRP B 112 5.48 -31.06 -3.59
C TRP B 112 6.21 -30.63 -4.87
N LEU B 113 5.50 -30.00 -5.80
CA LEU B 113 6.13 -29.61 -7.05
C LEU B 113 7.19 -28.52 -6.87
N LYS B 114 6.95 -27.59 -5.94
CA LYS B 114 7.94 -26.54 -5.69
C LYS B 114 9.29 -27.13 -5.31
N TYR B 115 9.27 -28.24 -4.56
CA TYR B 115 10.44 -28.79 -3.90
C TYR B 115 11.16 -29.83 -4.71
N VAL B 116 10.93 -29.89 -6.02
CA VAL B 116 11.65 -30.87 -6.83
C VAL B 116 12.94 -30.20 -7.31
N PRO B 117 14.02 -30.96 -7.48
CA PRO B 117 15.34 -30.35 -7.74
C PRO B 117 15.42 -29.60 -9.07
N GLY B 118 15.78 -28.33 -8.99
CA GLY B 118 15.96 -27.49 -10.16
C GLY B 118 14.75 -26.65 -10.53
N MET B 119 13.71 -26.66 -9.71
CA MET B 119 12.37 -26.27 -10.13
C MET B 119 12.16 -24.77 -9.97
N GLU B 120 11.63 -24.13 -11.00
CA GLU B 120 11.05 -22.81 -10.81
C GLU B 120 9.80 -22.68 -11.68
N PHE B 121 8.78 -22.04 -11.10
CA PHE B 121 7.40 -22.05 -11.59
C PHE B 121 7.20 -21.10 -12.77
N ARG B 122 6.26 -21.46 -13.65
CA ARG B 122 5.70 -20.58 -14.68
C ARG B 122 6.77 -19.79 -15.42
N THR B 123 7.76 -20.52 -15.94
CA THR B 123 8.84 -19.97 -16.78
C THR B 123 9.54 -21.13 -17.47
N ASN B 124 10.39 -20.79 -18.44
CA ASN B 124 11.00 -21.75 -19.35
C ASN B 124 12.04 -22.65 -18.67
N ASN B 125 11.61 -23.40 -17.67
CA ASN B 125 12.51 -24.19 -16.83
C ASN B 125 12.20 -25.66 -17.04
N GLN B 126 13.26 -26.46 -17.23
CA GLN B 126 13.08 -27.84 -17.66
C GLN B 126 12.28 -28.70 -16.69
N PRO B 127 12.57 -28.75 -15.39
CA PRO B 127 11.77 -29.62 -14.51
C PRO B 127 10.30 -29.20 -14.41
N PHE B 128 9.98 -27.92 -14.60
CA PHE B 128 8.59 -27.47 -14.53
C PHE B 128 7.81 -27.84 -15.76
N LYS B 129 8.40 -27.64 -16.94
CA LYS B 129 7.73 -28.00 -18.19
C LYS B 129 7.38 -29.47 -18.20
N VAL B 130 8.30 -30.32 -17.76
CA VAL B 130 8.04 -31.76 -17.74
C VAL B 130 6.84 -32.06 -16.84
N ALA B 131 6.84 -31.51 -15.63
CA ALA B 131 5.73 -31.77 -14.71
C ALA B 131 4.40 -31.33 -15.34
N MET B 132 4.31 -30.05 -15.74
CA MET B 132 3.09 -29.50 -16.31
C MET B 132 2.69 -30.23 -17.59
N GLN B 133 3.61 -30.36 -18.55
CA GLN B 133 3.31 -31.05 -19.79
C GLN B 133 2.88 -32.47 -19.52
N GLY B 134 3.41 -33.08 -18.46
CA GLY B 134 2.98 -34.41 -18.10
C GLY B 134 1.53 -34.44 -17.67
N PHE B 135 1.16 -33.51 -16.80
CA PHE B 135 -0.19 -33.50 -16.24
C PHE B 135 -1.24 -33.14 -17.29
N VAL B 136 -0.98 -32.07 -18.06
CA VAL B 136 -1.92 -31.71 -19.13
C VAL B 136 -2.14 -32.90 -20.05
N GLN B 137 -1.07 -33.65 -20.33
CA GLN B 137 -1.17 -34.79 -21.22
C GLN B 137 -2.02 -35.89 -20.59
N LYS B 138 -1.91 -36.05 -19.27
CA LYS B 138 -2.76 -37.02 -18.60
C LYS B 138 -4.22 -36.65 -18.76
N ILE B 139 -4.54 -35.38 -18.51
CA ILE B 139 -5.92 -34.90 -18.58
C ILE B 139 -6.48 -34.99 -20.00
N VAL B 140 -5.68 -34.62 -21.00
CA VAL B 140 -6.15 -34.57 -22.39
C VAL B 140 -6.28 -35.97 -22.98
N ASN B 141 -5.41 -36.89 -22.58
CA ASN B 141 -5.57 -38.27 -23.02
C ASN B 141 -6.71 -38.95 -22.26
N MET B 142 -6.95 -38.56 -21.02
CA MET B 142 -8.09 -39.09 -20.28
C MET B 142 -9.41 -38.72 -20.94
N MET B 143 -9.50 -37.49 -21.45
CA MET B 143 -10.72 -37.05 -22.08
C MET B 143 -10.90 -37.71 -23.44
N LYS B 144 -9.82 -37.74 -24.24
CA LYS B 144 -9.86 -38.41 -25.55
C LYS B 144 -10.39 -39.83 -25.42
N SER B 145 -9.86 -40.59 -24.46
CA SER B 145 -10.21 -42.00 -24.30
C SER B 145 -11.69 -42.25 -24.13
N GLU B 146 -12.48 -41.23 -23.79
CA GLU B 146 -13.92 -41.44 -23.71
C GLU B 146 -14.65 -40.60 -24.72
N ASN B 147 -13.97 -40.28 -25.83
CA ASN B 147 -14.45 -39.31 -26.80
C ASN B 147 -15.23 -38.20 -26.11
N LEU B 148 -14.53 -37.34 -25.38
CA LEU B 148 -15.20 -36.28 -24.64
C LEU B 148 -14.97 -34.90 -25.24
N PHE B 149 -14.02 -34.76 -26.15
CA PHE B 149 -13.97 -33.56 -26.94
C PHE B 149 -15.09 -33.60 -27.98
N GLU B 150 -15.54 -32.42 -28.41
CA GLU B 150 -16.66 -32.37 -29.34
C GLU B 150 -16.29 -32.97 -30.68
N SER B 151 -15.00 -32.92 -31.02
CA SER B 151 -14.51 -33.47 -32.28
C SER B 151 -14.71 -34.97 -32.37
N GLN B 152 -14.97 -35.62 -31.24
CA GLN B 152 -15.29 -37.04 -31.17
C GLN B 152 -16.72 -37.28 -30.68
N GLY B 153 -17.56 -36.25 -30.67
CA GLY B 153 -18.91 -36.37 -30.13
C GLY B 153 -19.10 -36.03 -28.67
N GLY B 154 -18.10 -35.47 -27.98
CA GLY B 154 -18.22 -35.11 -26.58
C GLY B 154 -18.58 -33.64 -26.32
N PRO B 155 -18.55 -33.23 -25.06
CA PRO B 155 -18.96 -31.85 -24.76
C PRO B 155 -17.85 -30.82 -24.87
N ILE B 156 -16.59 -31.22 -24.76
CA ILE B 156 -15.49 -30.25 -24.68
C ILE B 156 -15.30 -29.60 -26.04
N ILE B 157 -15.71 -28.35 -26.16
CA ILE B 157 -15.57 -27.58 -27.40
C ILE B 157 -14.31 -26.71 -27.42
N MET B 158 -13.58 -26.60 -26.31
CA MET B 158 -12.35 -25.83 -26.28
C MET B 158 -11.66 -26.14 -24.97
N ALA B 159 -10.37 -25.80 -24.90
CA ALA B 159 -9.60 -25.93 -23.66
C ALA B 159 -8.63 -24.75 -23.50
N GLN B 160 -8.28 -24.48 -22.26
CA GLN B 160 -7.34 -23.41 -21.92
C GLN B 160 -6.04 -24.01 -21.39
N ILE B 161 -4.89 -23.54 -21.93
CA ILE B 161 -3.56 -23.81 -21.37
C ILE B 161 -3.09 -22.57 -20.61
N GLU B 162 -2.44 -22.80 -19.47
CA GLU B 162 -1.96 -21.73 -18.60
C GLU B 162 -3.17 -20.89 -18.17
N ASN B 163 -2.95 -19.81 -17.43
CA ASN B 163 -4.04 -18.91 -17.05
C ASN B 163 -3.44 -17.54 -16.79
N ALA B 164 -4.08 -16.51 -17.38
CA ALA B 164 -3.72 -15.10 -17.28
C ALA B 164 -2.21 -14.88 -17.12
N TYR B 165 -1.43 -15.24 -18.14
CA TYR B 165 0.02 -15.21 -18.01
C TYR B 165 0.65 -13.92 -18.52
N GLY B 166 0.01 -13.26 -19.49
CA GLY B 166 0.53 -12.08 -20.13
C GLY B 166 1.30 -11.13 -19.25
N PRO B 167 0.66 -10.63 -18.18
CA PRO B 167 1.33 -9.65 -17.33
C PRO B 167 2.38 -10.25 -16.41
N VAL B 168 2.42 -11.58 -16.28
CA VAL B 168 3.58 -12.21 -15.68
C VAL B 168 4.70 -12.30 -16.70
N GLU B 169 4.35 -12.72 -17.93
CA GLU B 169 5.32 -12.74 -19.02
C GLU B 169 6.01 -11.40 -19.18
N TRP B 170 5.26 -10.30 -19.06
CA TRP B 170 5.85 -8.98 -19.23
C TRP B 170 6.89 -8.70 -18.16
N GLU B 171 6.62 -9.06 -16.91
CA GLU B 171 7.55 -8.68 -15.86
C GLU B 171 8.79 -9.57 -15.84
N ILE B 172 8.71 -10.84 -16.26
CA ILE B 172 9.90 -11.69 -16.21
C ILE B 172 10.58 -11.84 -17.58
N GLY B 173 10.07 -11.19 -18.62
CA GLY B 173 10.80 -11.08 -19.86
C GLY B 173 11.06 -12.38 -20.61
N ALA B 174 12.23 -12.42 -21.26
CA ALA B 174 12.52 -13.42 -22.28
C ALA B 174 12.33 -14.87 -21.86
N PRO B 175 12.66 -15.29 -20.64
CA PRO B 175 12.28 -16.67 -20.25
C PRO B 175 10.78 -16.90 -20.32
N GLY B 176 9.96 -15.88 -20.04
CA GLY B 176 8.52 -16.01 -20.12
C GLY B 176 8.04 -16.04 -21.55
N LYS B 177 8.37 -14.99 -22.31
CA LYS B 177 8.04 -14.96 -23.73
C LYS B 177 8.40 -16.27 -24.41
N ALA B 178 9.48 -16.94 -23.97
CA ALA B 178 9.81 -18.24 -24.51
C ALA B 178 8.83 -19.30 -24.00
N TYR B 179 8.56 -19.30 -22.69
CA TYR B 179 7.70 -20.30 -22.08
C TYR B 179 6.26 -20.23 -22.61
N THR B 180 5.79 -19.01 -22.92
CA THR B 180 4.48 -18.83 -23.53
C THR B 180 4.37 -19.64 -24.83
N LYS B 181 5.27 -19.36 -25.78
CA LYS B 181 5.16 -20.05 -27.06
C LYS B 181 5.44 -21.55 -26.91
N TRP B 182 6.29 -21.96 -25.97
CA TRP B 182 6.40 -23.38 -25.68
C TRP B 182 5.04 -23.93 -25.24
N ALA B 183 4.46 -23.32 -24.21
CA ALA B 183 3.19 -23.80 -23.66
C ALA B 183 2.11 -23.84 -24.75
N ALA B 184 2.03 -22.80 -25.59
CA ALA B 184 1.04 -22.77 -26.65
C ALA B 184 1.12 -24.04 -27.49
N GLN B 185 2.18 -24.26 -28.31
CA GLN B 185 2.11 -25.43 -29.18
C GLN B 185 2.24 -26.75 -28.42
N MET B 186 2.90 -26.74 -27.25
CA MET B 186 2.83 -27.93 -26.40
C MET B 186 1.42 -28.46 -26.33
N ALA B 187 0.48 -27.57 -25.96
CA ALA B 187 -0.94 -27.92 -25.86
C ALA B 187 -1.56 -28.11 -27.24
N VAL B 188 -1.33 -27.18 -28.16
CA VAL B 188 -1.88 -27.29 -29.51
C VAL B 188 -1.53 -28.63 -30.14
N GLY B 189 -0.34 -29.15 -29.84
CA GLY B 189 0.16 -30.38 -30.40
C GLY B 189 -0.37 -31.66 -29.79
N LEU B 190 -1.27 -31.57 -28.82
CA LEU B 190 -1.91 -32.77 -28.30
C LEU B 190 -3.04 -33.28 -29.19
N LYS B 191 -3.40 -32.53 -30.23
CA LYS B 191 -4.40 -32.92 -31.21
C LYS B 191 -5.75 -33.21 -30.52
N THR B 192 -6.22 -32.20 -29.78
CA THR B 192 -7.52 -32.29 -29.14
C THR B 192 -8.65 -32.25 -30.16
N GLY B 193 -8.42 -31.60 -31.30
CA GLY B 193 -9.45 -31.41 -32.30
C GLY B 193 -10.31 -30.18 -32.09
N VAL B 194 -10.10 -29.45 -31.00
CA VAL B 194 -10.89 -28.26 -30.65
C VAL B 194 -9.96 -27.10 -30.32
N PRO B 195 -10.42 -25.86 -30.47
CA PRO B 195 -9.54 -24.71 -30.25
C PRO B 195 -8.94 -24.67 -28.86
N TRP B 196 -7.71 -24.16 -28.78
CA TRP B 196 -7.09 -23.83 -27.51
C TRP B 196 -7.22 -22.34 -27.26
N ILE B 197 -7.36 -21.97 -25.99
CA ILE B 197 -7.49 -20.57 -25.62
C ILE B 197 -6.50 -20.22 -24.51
N MET B 198 -6.24 -18.93 -24.43
CA MET B 198 -5.32 -18.36 -23.46
C MET B 198 -5.94 -17.03 -23.07
N CYS B 199 -6.44 -16.96 -21.86
CA CYS B 199 -6.99 -15.70 -21.40
C CYS B 199 -5.82 -14.78 -21.19
N LYS B 200 -5.93 -13.59 -21.78
CA LYS B 200 -5.07 -12.54 -21.32
C LYS B 200 -3.64 -12.79 -21.78
N GLN B 201 -3.44 -12.75 -23.08
CA GLN B 201 -2.26 -13.31 -23.68
C GLN B 201 -2.13 -12.74 -25.07
N GLU B 202 -1.85 -11.43 -25.17
CA GLU B 202 -1.79 -10.76 -26.45
C GLU B 202 -0.82 -11.44 -27.41
N ASP B 203 0.25 -12.04 -26.88
CA ASP B 203 1.26 -12.69 -27.69
C ASP B 203 0.92 -14.15 -28.04
N ALA B 204 -0.36 -14.50 -28.03
CA ALA B 204 -0.72 -15.90 -28.18
C ALA B 204 -0.53 -16.33 -29.63
N PRO B 205 0.28 -17.33 -29.91
CA PRO B 205 0.55 -17.70 -31.29
C PRO B 205 -0.58 -18.53 -31.88
N ASP B 206 -0.75 -18.39 -33.20
CA ASP B 206 -1.72 -19.21 -33.91
C ASP B 206 -1.43 -20.68 -33.62
N PRO B 207 -2.47 -21.52 -33.48
CA PRO B 207 -3.87 -21.12 -33.68
C PRO B 207 -4.60 -20.79 -32.39
N VAL B 208 -3.86 -20.55 -31.30
CA VAL B 208 -4.49 -20.22 -30.02
C VAL B 208 -5.27 -18.92 -30.15
N ILE B 209 -6.50 -18.93 -29.59
CA ILE B 209 -7.36 -17.76 -29.49
C ILE B 209 -7.01 -16.99 -28.22
N ASP B 210 -7.02 -15.68 -28.32
CA ASP B 210 -6.69 -14.78 -27.22
C ASP B 210 -8.00 -14.22 -26.65
N THR B 211 -8.21 -14.36 -25.35
CA THR B 211 -9.45 -13.95 -24.68
C THR B 211 -9.14 -12.93 -23.61
N CYS B 212 -10.16 -12.26 -23.04
CA CYS B 212 -9.94 -11.44 -21.85
C CYS B 212 -10.86 -11.81 -20.70
N ASN B 213 -10.49 -11.29 -19.54
CA ASN B 213 -11.24 -11.35 -18.30
C ASN B 213 -11.47 -9.92 -17.82
N GLY B 214 -12.42 -9.77 -16.90
CA GLY B 214 -12.69 -8.48 -16.29
C GLY B 214 -14.16 -8.23 -16.02
N PHE B 215 -14.46 -7.09 -15.37
CA PHE B 215 -15.85 -6.68 -15.20
C PHE B 215 -16.45 -6.22 -16.52
N TYR B 216 -15.62 -5.75 -17.44
CA TYR B 216 -16.06 -5.22 -18.71
C TYR B 216 -15.05 -5.61 -19.76
N CYS B 217 -15.52 -6.09 -20.91
CA CYS B 217 -14.55 -6.42 -21.95
C CYS B 217 -14.95 -5.89 -23.33
N GLU B 218 -15.78 -4.82 -23.40
CA GLU B 218 -16.51 -4.44 -24.61
C GLU B 218 -15.61 -3.99 -25.77
N GLY B 219 -14.44 -3.42 -25.48
CA GLY B 219 -13.55 -2.94 -26.51
C GLY B 219 -12.28 -3.76 -26.66
N PHE B 220 -12.33 -5.02 -26.21
CA PHE B 220 -11.23 -5.98 -26.36
C PHE B 220 -11.21 -6.52 -27.79
N ARG B 221 -10.02 -6.94 -28.25
CA ARG B 221 -9.83 -7.53 -29.60
C ARG B 221 -8.87 -8.71 -29.50
N PRO B 222 -9.19 -9.86 -30.12
CA PRO B 222 -8.18 -10.92 -30.21
C PRO B 222 -7.00 -10.46 -31.05
N ASN B 223 -5.90 -11.19 -30.95
CA ASN B 223 -4.65 -10.67 -31.52
C ASN B 223 -4.51 -10.91 -33.02
N LYS B 224 -5.54 -11.42 -33.70
CA LYS B 224 -5.57 -11.47 -35.16
C LYS B 224 -7.01 -11.27 -35.59
N PRO B 225 -7.26 -10.72 -36.79
CA PRO B 225 -8.63 -10.35 -37.16
C PRO B 225 -9.52 -11.54 -37.53
N TYR B 226 -8.92 -12.71 -37.77
CA TYR B 226 -9.62 -13.96 -38.09
C TYR B 226 -9.81 -14.85 -36.86
N LYS B 227 -9.70 -14.29 -35.66
CA LYS B 227 -10.04 -14.96 -34.41
C LYS B 227 -11.32 -14.36 -33.84
N PRO B 228 -12.14 -15.16 -33.16
CA PRO B 228 -13.39 -14.61 -32.62
C PRO B 228 -13.15 -13.93 -31.28
N LYS B 229 -14.09 -13.05 -30.92
CA LYS B 229 -13.95 -12.18 -29.76
C LYS B 229 -14.63 -12.83 -28.56
N MET B 230 -13.84 -13.26 -27.58
CA MET B 230 -14.29 -14.12 -26.49
C MET B 230 -13.96 -13.51 -25.14
N TRP B 231 -14.88 -13.62 -24.20
CA TRP B 231 -14.77 -13.05 -22.87
C TRP B 231 -14.87 -14.22 -21.90
N THR B 232 -13.73 -14.68 -21.37
CA THR B 232 -13.75 -15.95 -20.67
C THR B 232 -14.14 -15.83 -19.21
N GLU B 233 -14.07 -14.65 -18.62
CA GLU B 233 -14.40 -14.46 -17.21
C GLU B 233 -15.21 -13.18 -17.07
N VAL B 234 -16.53 -13.31 -17.12
CA VAL B 234 -17.43 -12.20 -16.76
C VAL B 234 -17.61 -12.26 -15.25
N TRP B 235 -16.82 -11.46 -14.52
CA TRP B 235 -16.90 -11.49 -13.07
C TRP B 235 -18.28 -11.03 -12.62
N THR B 236 -18.95 -11.91 -11.88
CA THR B 236 -20.33 -11.77 -11.45
C THR B 236 -20.44 -11.27 -10.02
N GLY B 237 -19.30 -11.06 -9.38
CA GLY B 237 -19.17 -10.45 -8.07
C GLY B 237 -17.69 -10.44 -7.78
N TRP B 238 -17.29 -10.96 -6.62
CA TRP B 238 -15.88 -11.02 -6.28
C TRP B 238 -15.72 -12.07 -5.20
N TYR B 239 -14.48 -12.47 -4.96
CA TYR B 239 -14.25 -13.41 -3.87
C TYR B 239 -14.36 -12.71 -2.52
N THR B 240 -14.83 -13.47 -1.52
CA THR B 240 -14.84 -13.03 -0.12
C THR B 240 -13.51 -13.35 0.58
N LYS B 241 -12.89 -12.32 1.16
CA LYS B 241 -11.71 -12.49 2.00
C LYS B 241 -12.12 -12.85 3.43
N PHE B 242 -11.25 -13.58 4.11
CA PHE B 242 -11.27 -13.56 5.58
C PHE B 242 -10.79 -12.18 6.04
N GLY B 243 -11.59 -11.50 6.86
CA GLY B 243 -11.25 -10.16 7.26
C GLY B 243 -11.81 -9.08 6.36
N GLY B 244 -12.52 -9.47 5.29
CA GLY B 244 -13.07 -8.54 4.34
C GLY B 244 -14.57 -8.71 4.23
N PRO B 245 -15.21 -7.82 3.47
CA PRO B 245 -16.66 -7.85 3.31
C PRO B 245 -17.13 -8.80 2.21
N ILE B 246 -18.44 -8.95 2.12
CA ILE B 246 -19.07 -9.85 1.16
C ILE B 246 -19.42 -9.03 -0.07
N PRO B 247 -18.69 -9.17 -1.18
CA PRO B 247 -18.89 -8.26 -2.32
C PRO B 247 -20.06 -8.69 -3.21
N GLN B 248 -20.70 -7.68 -3.80
CA GLN B 248 -21.83 -7.92 -4.70
C GLN B 248 -21.61 -7.18 -6.02
N ARG B 249 -22.31 -7.61 -7.05
CA ARG B 249 -22.36 -6.90 -8.32
C ARG B 249 -23.81 -6.83 -8.77
N PRO B 250 -24.36 -5.63 -9.01
CA PRO B 250 -25.74 -5.52 -9.49
C PRO B 250 -25.96 -6.30 -10.78
N ALA B 251 -27.02 -7.13 -10.78
CA ALA B 251 -27.46 -7.85 -11.99
C ALA B 251 -27.69 -6.90 -13.17
N GLU B 252 -28.09 -5.65 -12.91
CA GLU B 252 -28.26 -4.68 -13.99
C GLU B 252 -26.93 -4.41 -14.72
N ASP B 253 -25.87 -4.12 -13.97
CA ASP B 253 -24.59 -3.78 -14.55
C ASP B 253 -23.96 -4.98 -15.24
N ILE B 254 -24.09 -6.16 -14.63
CA ILE B 254 -23.66 -7.39 -15.29
C ILE B 254 -24.33 -7.52 -16.65
N ALA B 255 -25.66 -7.46 -16.68
CA ALA B 255 -26.36 -7.54 -17.95
C ALA B 255 -25.90 -6.43 -18.90
N PHE B 256 -25.66 -5.23 -18.38
CA PHE B 256 -25.21 -4.12 -19.23
C PHE B 256 -23.84 -4.44 -19.83
N SER B 257 -22.93 -4.98 -19.01
CA SER B 257 -21.61 -5.36 -19.51
C SER B 257 -21.71 -6.45 -20.56
N VAL B 258 -22.51 -7.48 -20.30
CA VAL B 258 -22.68 -8.55 -21.26
C VAL B 258 -23.22 -7.99 -22.57
N ALA B 259 -24.32 -7.22 -22.50
CA ALA B 259 -24.90 -6.65 -23.72
C ALA B 259 -23.90 -5.77 -24.47
N ARG B 260 -23.13 -4.97 -23.74
CA ARG B 260 -22.20 -4.07 -24.41
C ARG B 260 -21.13 -4.84 -25.16
N PHE B 261 -20.82 -6.06 -24.70
CA PHE B 261 -19.80 -6.88 -25.33
C PHE B 261 -20.37 -7.61 -26.53
N VAL B 262 -21.58 -8.15 -26.37
CA VAL B 262 -22.24 -8.88 -27.44
C VAL B 262 -22.58 -7.94 -28.60
N GLN B 263 -23.09 -6.74 -28.27
CA GLN B 263 -23.36 -5.73 -29.29
C GLN B 263 -22.12 -5.36 -30.07
N ASN B 264 -20.93 -5.63 -29.54
CA ASN B 264 -19.75 -5.12 -30.17
C ASN B 264 -18.90 -6.28 -30.66
N ASN B 265 -19.54 -7.12 -31.49
CA ASN B 265 -18.98 -8.26 -32.21
C ASN B 265 -18.61 -9.44 -31.30
N GLY B 266 -18.88 -9.39 -30.00
CA GLY B 266 -18.50 -10.48 -29.12
C GLY B 266 -19.34 -11.72 -29.37
N SER B 267 -18.71 -12.88 -29.32
CA SER B 267 -19.42 -14.12 -29.66
C SER B 267 -19.39 -15.19 -28.59
N PHE B 268 -18.70 -14.96 -27.46
CA PHE B 268 -18.59 -15.93 -26.38
C PHE B 268 -18.36 -15.19 -25.08
N PHE B 269 -19.20 -15.44 -24.08
CA PHE B 269 -18.98 -14.87 -22.77
C PHE B 269 -19.32 -15.89 -21.70
N ASN B 270 -18.55 -15.83 -20.61
CA ASN B 270 -18.63 -16.79 -19.53
C ASN B 270 -18.67 -16.07 -18.20
N TYR B 271 -19.75 -16.27 -17.45
CA TYR B 271 -19.84 -15.76 -16.10
C TYR B 271 -18.87 -16.51 -15.20
N TYR B 272 -18.00 -15.78 -14.52
CA TYR B 272 -17.10 -16.29 -13.48
C TYR B 272 -17.43 -15.51 -12.22
N MET B 273 -18.17 -16.10 -11.28
CA MET B 273 -18.65 -17.48 -11.31
C MET B 273 -20.12 -17.54 -11.58
N TYR B 274 -20.57 -18.70 -12.07
CA TYR B 274 -22.01 -18.90 -12.18
C TYR B 274 -22.55 -19.63 -10.97
N HIS B 275 -21.85 -20.66 -10.51
CA HIS B 275 -22.01 -21.18 -9.16
C HIS B 275 -20.64 -21.14 -8.48
N GLY B 276 -20.54 -20.40 -7.40
CA GLY B 276 -19.28 -20.29 -6.72
C GLY B 276 -18.96 -21.49 -5.87
N GLY B 277 -19.85 -21.82 -4.98
CA GLY B 277 -19.60 -22.96 -4.14
C GLY B 277 -18.68 -22.64 -2.99
N THR B 278 -18.21 -23.70 -2.35
CA THR B 278 -17.46 -23.64 -1.11
C THR B 278 -16.04 -24.17 -1.34
N ASN B 279 -15.08 -23.56 -0.65
CA ASN B 279 -13.75 -24.13 -0.51
C ASN B 279 -13.78 -25.13 0.65
N PHE B 280 -13.97 -26.40 0.34
CA PHE B 280 -14.04 -27.42 1.38
C PHE B 280 -12.65 -27.79 1.87
N GLY B 281 -12.50 -27.87 3.19
CA GLY B 281 -11.37 -28.58 3.78
C GLY B 281 -10.16 -27.70 4.00
N ARG B 282 -9.00 -28.18 3.55
CA ARG B 282 -7.72 -27.57 3.88
C ARG B 282 -6.88 -27.23 2.65
N THR B 283 -7.25 -27.75 1.47
CA THR B 283 -6.50 -27.63 0.21
C THR B 283 -7.41 -27.06 -0.86
N SER B 284 -8.10 -25.97 -0.53
CA SER B 284 -8.99 -25.31 -1.49
C SER B 284 -8.66 -23.83 -1.54
N SER B 285 -9.00 -23.14 -0.45
CA SER B 285 -8.79 -21.71 -0.33
C SER B 285 -7.32 -21.36 -0.46
N GLY B 286 -7.04 -20.34 -1.28
CA GLY B 286 -5.74 -19.71 -1.31
C GLY B 286 -5.63 -18.69 -0.20
N LEU B 287 -4.48 -18.00 -0.16
CA LEU B 287 -4.18 -17.02 0.86
C LEU B 287 -5.39 -16.17 1.27
N PHE B 288 -5.83 -16.30 2.52
CA PHE B 288 -6.84 -15.46 3.14
C PHE B 288 -8.20 -15.52 2.43
N ILE B 289 -8.42 -16.54 1.60
CA ILE B 289 -9.70 -16.72 0.92
C ILE B 289 -10.63 -17.47 1.85
N ALA B 290 -11.81 -16.91 2.08
CA ALA B 290 -12.79 -17.46 3.00
C ALA B 290 -13.34 -18.78 2.46
N THR B 291 -13.94 -19.56 3.35
CA THR B 291 -14.44 -20.86 2.92
C THR B 291 -15.63 -20.69 1.97
N SER B 292 -16.40 -19.63 2.16
CA SER B 292 -17.43 -19.30 1.18
C SER B 292 -16.80 -18.73 -0.08
N TYR B 293 -17.18 -19.29 -1.22
CA TYR B 293 -16.81 -18.74 -2.51
C TYR B 293 -18.07 -18.30 -3.26
N ASP B 294 -18.96 -17.61 -2.55
CA ASP B 294 -20.30 -17.37 -3.09
C ASP B 294 -20.25 -16.52 -4.35
N TYR B 295 -19.38 -15.50 -4.35
CA TYR B 295 -19.11 -14.66 -5.50
C TYR B 295 -20.32 -13.84 -5.94
N ASP B 296 -21.40 -13.83 -5.14
CA ASP B 296 -22.67 -13.25 -5.53
C ASP B 296 -23.16 -13.85 -6.86
N ALA B 297 -22.87 -15.13 -7.08
CA ALA B 297 -23.07 -15.73 -8.38
C ALA B 297 -24.56 -15.97 -8.67
N PRO B 298 -24.94 -16.19 -9.94
CA PRO B 298 -26.35 -16.52 -10.25
C PRO B 298 -26.93 -17.67 -9.43
N LEU B 299 -26.12 -18.67 -9.09
CA LEU B 299 -26.50 -19.69 -8.13
C LEU B 299 -25.63 -19.53 -6.89
N ASP B 300 -26.27 -19.44 -5.70
CA ASP B 300 -25.51 -19.10 -4.51
C ASP B 300 -24.76 -20.32 -3.98
N GLU B 301 -23.96 -20.09 -2.93
CA GLU B 301 -23.00 -21.09 -2.48
C GLU B 301 -23.68 -22.42 -2.23
N TYR B 302 -24.96 -22.38 -1.81
CA TYR B 302 -25.72 -23.58 -1.45
C TYR B 302 -26.50 -24.17 -2.61
N GLY B 303 -26.47 -23.53 -3.78
CA GLY B 303 -27.12 -24.05 -4.95
C GLY B 303 -28.49 -23.47 -5.22
N LEU B 304 -28.99 -22.60 -4.34
CA LEU B 304 -30.26 -21.94 -4.58
C LEU B 304 -30.10 -20.84 -5.64
N LEU B 305 -31.21 -20.49 -6.27
CA LEU B 305 -31.17 -19.38 -7.23
C LEU B 305 -30.96 -18.03 -6.51
N ASN B 306 -29.97 -17.27 -6.98
CA ASN B 306 -29.73 -15.91 -6.51
C ASN B 306 -30.54 -14.99 -7.43
N GLU B 307 -31.77 -14.73 -7.02
CA GLU B 307 -32.75 -13.85 -7.66
C GLU B 307 -32.59 -12.43 -7.13
N PRO B 308 -32.75 -11.41 -8.00
CA PRO B 308 -33.24 -11.58 -9.37
C PRO B 308 -32.14 -11.91 -10.41
N LYS B 309 -30.86 -11.82 -10.03
CA LYS B 309 -29.77 -11.98 -10.98
C LYS B 309 -29.99 -13.19 -11.91
N TYR B 310 -30.38 -14.34 -11.34
CA TYR B 310 -30.62 -15.54 -12.13
C TYR B 310 -31.61 -15.26 -13.24
N GLY B 311 -32.83 -14.85 -12.86
CA GLY B 311 -33.85 -14.53 -13.84
C GLY B 311 -33.46 -13.41 -14.79
N HIS B 312 -32.90 -12.33 -14.25
CA HIS B 312 -32.56 -11.19 -15.10
C HIS B 312 -31.58 -11.61 -16.19
N LEU B 313 -30.54 -12.38 -15.81
CA LEU B 313 -29.61 -12.93 -16.80
C LEU B 313 -30.29 -13.95 -17.71
N ARG B 314 -31.18 -14.76 -17.14
CA ARG B 314 -31.94 -15.71 -17.95
C ARG B 314 -32.67 -14.99 -19.05
N ASP B 315 -33.30 -13.87 -18.73
CA ASP B 315 -34.01 -13.10 -19.74
C ASP B 315 -33.05 -12.56 -20.79
N LEU B 316 -31.91 -12.01 -20.35
CA LEU B 316 -30.92 -11.52 -21.29
C LEU B 316 -30.55 -12.60 -22.31
N HIS B 317 -30.38 -13.83 -21.85
CA HIS B 317 -29.97 -14.91 -22.78
C HIS B 317 -31.09 -15.24 -23.77
N LYS B 318 -32.35 -15.23 -23.31
CA LYS B 318 -33.47 -15.36 -24.23
C LYS B 318 -33.40 -14.30 -25.32
N ALA B 319 -33.10 -13.06 -24.94
CA ALA B 319 -33.03 -11.99 -25.91
C ALA B 319 -31.91 -12.24 -26.91
N ILE B 320 -30.73 -12.63 -26.40
CA ILE B 320 -29.60 -12.94 -27.27
C ILE B 320 -29.95 -14.08 -28.22
N LYS B 321 -30.55 -15.15 -27.68
CA LYS B 321 -30.93 -16.28 -28.54
C LYS B 321 -31.93 -15.85 -29.61
N LEU B 322 -32.93 -15.04 -29.24
CA LEU B 322 -33.85 -14.47 -30.24
C LEU B 322 -33.09 -13.75 -31.33
N SER B 323 -32.01 -13.04 -30.98
CA SER B 323 -31.19 -12.31 -31.96
C SER B 323 -30.11 -13.15 -32.65
N GLU B 324 -29.87 -14.38 -32.19
CA GLU B 324 -28.69 -15.10 -32.65
C GLU B 324 -28.60 -15.21 -34.17
N PRO B 325 -29.68 -15.56 -34.91
CA PRO B 325 -29.55 -15.67 -36.38
C PRO B 325 -29.01 -14.42 -37.04
N ALA B 326 -29.45 -13.23 -36.61
CA ALA B 326 -28.86 -11.99 -37.09
C ALA B 326 -27.40 -11.87 -36.66
N LEU B 327 -27.09 -12.27 -35.41
CA LEU B 327 -25.74 -12.08 -34.87
C LEU B 327 -24.70 -12.92 -35.60
N VAL B 328 -25.07 -14.08 -36.14
CA VAL B 328 -24.09 -14.98 -36.73
C VAL B 328 -24.02 -14.83 -38.25
N SER B 329 -24.73 -13.85 -38.82
CA SER B 329 -24.70 -13.66 -40.26
C SER B 329 -24.55 -12.20 -40.66
N SER B 330 -23.93 -11.39 -39.80
CA SER B 330 -23.46 -10.04 -40.14
C SER B 330 -22.50 -9.58 -39.05
N TYR B 331 -22.09 -8.32 -39.12
CA TYR B 331 -21.15 -7.75 -38.16
C TYR B 331 -21.83 -6.58 -37.48
N ALA B 332 -21.24 -6.11 -36.38
CA ALA B 332 -21.80 -4.98 -35.65
C ALA B 332 -21.45 -3.69 -36.37
N ALA B 333 -22.46 -2.94 -36.79
CA ALA B 333 -22.27 -1.62 -37.35
C ALA B 333 -22.85 -0.60 -36.38
N VAL B 334 -22.04 0.35 -35.94
CA VAL B 334 -22.48 1.32 -34.94
C VAL B 334 -22.84 2.65 -35.62
N THR B 335 -23.88 3.28 -35.10
CA THR B 335 -24.38 4.57 -35.56
C THR B 335 -24.71 5.40 -34.33
N SER B 336 -24.09 6.59 -34.21
CA SER B 336 -24.35 7.45 -33.05
C SER B 336 -25.80 7.91 -33.03
N LEU B 337 -26.37 7.98 -31.82
CA LEU B 337 -27.77 8.29 -31.60
C LEU B 337 -27.98 9.58 -30.82
N GLY B 338 -26.91 10.19 -30.35
CA GLY B 338 -26.91 11.12 -29.24
C GLY B 338 -25.59 11.01 -28.51
N SER B 339 -25.37 11.96 -27.60
CA SER B 339 -24.00 12.17 -27.14
C SER B 339 -23.51 11.11 -26.16
N ASN B 340 -24.36 10.15 -25.79
CA ASN B 340 -23.90 8.99 -25.03
C ASN B 340 -24.79 7.79 -25.33
N GLN B 341 -25.16 7.65 -26.61
CA GLN B 341 -26.16 6.70 -27.04
C GLN B 341 -25.75 6.17 -28.40
N GLU B 342 -26.09 4.92 -28.67
CA GLU B 342 -25.60 4.25 -29.87
C GLU B 342 -26.63 3.25 -30.36
N ALA B 343 -26.50 2.89 -31.63
CA ALA B 343 -27.15 1.73 -32.21
C ALA B 343 -26.06 0.84 -32.78
N HIS B 344 -25.96 -0.38 -32.27
CA HIS B 344 -25.18 -1.42 -32.92
C HIS B 344 -26.20 -2.31 -33.63
N VAL B 345 -26.16 -2.31 -34.96
CA VAL B 345 -27.10 -3.09 -35.75
C VAL B 345 -26.35 -4.24 -36.41
N TYR B 346 -26.96 -5.42 -36.34
CA TYR B 346 -26.55 -6.60 -37.11
C TYR B 346 -27.61 -6.85 -38.18
N ARG B 347 -27.24 -6.65 -39.45
CA ARG B 347 -28.18 -6.76 -40.57
C ARG B 347 -27.60 -7.66 -41.67
N SER B 348 -28.21 -8.83 -41.88
CA SER B 348 -27.80 -9.77 -42.92
C SER B 348 -28.62 -9.55 -44.19
N LYS B 349 -28.23 -10.21 -45.29
CA LYS B 349 -29.14 -10.13 -46.45
C LYS B 349 -30.32 -11.04 -46.26
N SER B 350 -30.19 -12.11 -45.47
CA SER B 350 -31.37 -12.92 -45.19
C SER B 350 -32.53 -12.10 -44.62
N GLY B 351 -32.33 -10.79 -44.44
CA GLY B 351 -33.33 -9.92 -43.84
C GLY B 351 -33.38 -10.01 -42.34
N ALA B 352 -32.56 -10.88 -41.76
CA ALA B 352 -32.36 -10.92 -40.33
C ALA B 352 -31.83 -9.56 -39.84
N CYS B 353 -32.44 -9.04 -38.77
CA CYS B 353 -31.99 -7.79 -38.20
C CYS B 353 -32.16 -7.82 -36.70
N ALA B 354 -31.08 -7.55 -35.98
CA ALA B 354 -31.11 -7.31 -34.55
C ALA B 354 -30.26 -6.09 -34.26
N ALA B 355 -30.53 -5.46 -33.12
CA ALA B 355 -29.93 -4.16 -32.85
C ALA B 355 -29.97 -3.88 -31.35
N PHE B 356 -29.03 -3.04 -30.93
CA PHE B 356 -28.79 -2.76 -29.52
C PHE B 356 -28.81 -1.25 -29.32
N LEU B 357 -29.78 -0.76 -28.55
CA LEU B 357 -29.88 0.66 -28.23
C LEU B 357 -29.34 0.91 -26.82
N SER B 358 -28.26 1.69 -26.74
CA SER B 358 -27.46 1.88 -25.53
C SER B 358 -27.56 3.31 -25.04
N ASN B 359 -27.53 3.49 -23.72
CA ASN B 359 -27.49 4.80 -23.06
C ASN B 359 -26.40 4.74 -21.98
N TYR B 360 -25.23 5.30 -22.30
CA TYR B 360 -24.08 5.23 -21.41
C TYR B 360 -24.13 6.27 -20.30
N ASP B 361 -25.03 7.26 -20.41
CA ASP B 361 -25.22 8.25 -19.36
C ASP B 361 -25.57 7.55 -18.06
N SER B 362 -24.71 7.70 -17.05
CA SER B 362 -24.96 6.97 -15.82
C SER B 362 -26.10 7.57 -15.00
N ARG B 363 -26.59 8.78 -15.33
CA ARG B 363 -27.52 9.46 -14.43
C ARG B 363 -28.88 9.79 -15.00
N TYR B 364 -29.06 9.82 -16.31
CA TYR B 364 -30.35 10.25 -16.86
C TYR B 364 -30.84 9.30 -17.93
N SER B 365 -32.15 9.00 -17.89
CA SER B 365 -32.79 8.33 -19.00
C SER B 365 -32.70 9.20 -20.25
N VAL B 366 -32.85 8.56 -21.41
CA VAL B 366 -32.82 9.27 -22.69
C VAL B 366 -33.81 8.60 -23.64
N LYS B 367 -34.76 9.37 -24.18
CA LYS B 367 -35.60 8.86 -25.24
C LYS B 367 -34.85 9.00 -26.55
N VAL B 368 -35.02 8.02 -27.42
CA VAL B 368 -34.15 7.84 -28.58
C VAL B 368 -35.04 7.49 -29.76
N THR B 369 -34.66 7.96 -30.94
CA THR B 369 -35.43 7.68 -32.16
C THR B 369 -34.62 6.76 -33.05
N PHE B 370 -35.17 5.58 -33.33
CA PHE B 370 -34.47 4.59 -34.14
C PHE B 370 -35.46 3.99 -35.11
N GLN B 371 -35.16 4.13 -36.41
CA GLN B 371 -36.04 3.71 -37.51
C GLN B 371 -37.51 3.95 -37.19
N ASN B 372 -37.83 5.23 -36.95
CA ASN B 372 -39.17 5.80 -36.87
C ASN B 372 -39.89 5.59 -35.54
N ARG B 373 -39.21 5.06 -34.52
CA ARG B 373 -39.92 4.71 -33.30
C ARG B 373 -39.18 5.21 -32.07
N PRO B 374 -39.90 5.63 -31.03
CA PRO B 374 -39.24 6.07 -29.81
C PRO B 374 -38.93 4.89 -28.91
N TYR B 375 -37.83 5.04 -28.18
CA TYR B 375 -37.36 4.06 -27.22
C TYR B 375 -36.84 4.80 -25.99
N ASN B 376 -37.45 4.55 -24.84
CA ASN B 376 -36.95 5.13 -23.59
C ASN B 376 -35.89 4.20 -23.00
N LEU B 377 -34.74 4.79 -22.67
CA LEU B 377 -33.58 4.04 -22.20
C LEU B 377 -33.15 4.51 -20.82
N PRO B 378 -33.39 3.71 -19.77
CA PRO B 378 -32.88 4.03 -18.42
C PRO B 378 -31.42 4.46 -18.43
N PRO B 379 -30.94 5.10 -17.38
CA PRO B 379 -29.50 5.40 -17.33
C PRO B 379 -28.75 4.08 -17.35
N TRP B 380 -27.64 4.04 -18.09
CA TRP B 380 -26.68 2.94 -17.98
C TRP B 380 -27.33 1.60 -18.35
N SER B 381 -27.87 1.54 -19.57
CA SER B 381 -28.65 0.38 -19.98
C SER B 381 -28.49 0.20 -21.49
N ILE B 382 -28.88 -1.00 -21.95
CA ILE B 382 -28.99 -1.30 -23.37
C ILE B 382 -30.30 -2.03 -23.60
N SER B 383 -31.11 -1.53 -24.53
CA SER B 383 -32.29 -2.23 -24.98
C SER B 383 -31.92 -3.16 -26.11
N ILE B 384 -32.53 -4.35 -26.12
CA ILE B 384 -32.27 -5.38 -27.13
C ILE B 384 -33.52 -5.59 -27.97
N LEU B 385 -33.35 -5.43 -29.29
CA LEU B 385 -34.40 -5.53 -30.30
C LEU B 385 -34.05 -6.64 -31.29
N PRO B 386 -34.54 -7.87 -31.08
CA PRO B 386 -34.12 -8.98 -31.93
C PRO B 386 -34.67 -8.92 -33.36
N ASP B 387 -35.75 -8.15 -33.61
CA ASP B 387 -36.27 -7.95 -34.95
C ASP B 387 -35.93 -6.58 -35.51
N CYS B 388 -35.14 -5.79 -34.79
CA CYS B 388 -34.80 -4.41 -35.10
C CYS B 388 -35.98 -3.48 -34.90
N LYS B 389 -37.11 -3.97 -34.42
CA LYS B 389 -38.22 -3.09 -34.15
C LYS B 389 -38.64 -3.10 -32.69
N THR B 390 -38.65 -4.26 -32.05
CA THR B 390 -39.30 -4.40 -30.76
C THR B 390 -38.28 -4.69 -29.65
N ALA B 391 -38.40 -3.95 -28.54
CA ALA B 391 -37.47 -4.04 -27.40
C ALA B 391 -38.00 -5.05 -26.39
N VAL B 392 -37.54 -6.30 -26.49
CA VAL B 392 -38.05 -7.35 -25.62
C VAL B 392 -37.36 -7.38 -24.26
N TYR B 393 -36.28 -6.62 -24.08
CA TYR B 393 -35.46 -6.70 -22.87
C TYR B 393 -34.61 -5.44 -22.79
N ASN B 394 -34.47 -4.91 -21.58
CA ASN B 394 -33.55 -3.82 -21.32
C ASN B 394 -32.74 -4.19 -20.08
N THR B 395 -31.44 -3.96 -20.16
CA THR B 395 -30.54 -4.48 -19.14
C THR B 395 -30.83 -3.92 -17.76
N ALA B 396 -31.46 -2.74 -17.68
CA ALA B 396 -31.76 -2.10 -16.41
C ALA B 396 -33.22 -2.27 -15.97
N GLN B 397 -34.04 -2.99 -16.75
CA GLN B 397 -35.43 -3.25 -16.38
C GLN B 397 -35.54 -4.72 -15.95
N VAL B 398 -35.43 -4.95 -14.65
CA VAL B 398 -35.56 -6.26 -14.04
C VAL B 398 -37.03 -6.62 -13.91
N ASN B 399 -37.48 -7.68 -14.59
CA ASN B 399 -38.83 -8.19 -14.38
C ASN B 399 -38.75 -9.55 -13.70
N SER B 400 -38.01 -9.64 -12.62
CA SER B 400 -37.84 -10.89 -11.89
C SER B 400 -38.01 -10.62 -10.41
N GLN B 401 -38.69 -11.51 -9.71
CA GLN B 401 -38.84 -11.32 -8.29
C GLN B 401 -37.48 -11.34 -7.63
N SER B 402 -37.21 -10.37 -6.77
CA SER B 402 -36.07 -10.52 -5.89
C SER B 402 -36.38 -11.53 -4.80
N SER B 403 -35.33 -12.07 -4.19
CA SER B 403 -35.49 -13.13 -3.21
C SER B 403 -34.45 -12.95 -2.10
N SER B 404 -34.93 -12.88 -0.85
CA SER B 404 -34.09 -12.61 0.31
C SER B 404 -33.82 -13.89 1.10
N ILE B 405 -32.64 -13.95 1.71
CA ILE B 405 -32.12 -15.16 2.32
C ILE B 405 -32.55 -15.23 3.77
N LYS B 406 -33.02 -16.41 4.23
CA LYS B 406 -33.13 -16.61 5.67
C LYS B 406 -32.53 -17.92 6.12
N MET B 407 -31.78 -17.86 7.23
CA MET B 407 -31.13 -18.99 7.86
C MET B 407 -31.97 -19.40 9.07
N THR B 408 -32.60 -20.57 8.99
CA THR B 408 -33.52 -20.96 10.05
C THR B 408 -33.00 -22.19 10.80
N PRO B 409 -32.89 -22.12 12.13
CA PRO B 409 -32.36 -23.26 12.90
C PRO B 409 -33.17 -24.53 12.69
N ALA B 410 -32.45 -25.65 12.68
CA ALA B 410 -33.04 -26.97 12.60
C ALA B 410 -32.67 -27.78 13.84
N GLY B 411 -33.56 -28.70 14.22
CA GLY B 411 -33.45 -29.56 15.40
C GLY B 411 -32.59 -29.08 16.56
N GLY B 412 -32.82 -27.83 17.00
CA GLY B 412 -31.93 -27.09 17.89
C GLY B 412 -31.26 -27.81 19.06
N GLY B 413 -30.10 -27.29 19.48
CA GLY B 413 -29.37 -27.80 20.62
C GLY B 413 -28.71 -29.15 20.45
N LEU B 414 -27.40 -29.23 20.72
CA LEU B 414 -26.68 -30.50 20.66
C LEU B 414 -25.53 -30.48 21.66
N SER B 415 -25.05 -31.67 22.03
CA SER B 415 -24.29 -31.89 23.26
C SER B 415 -22.81 -32.16 22.98
N TRP B 416 -21.94 -31.41 23.63
CA TRP B 416 -20.55 -31.34 23.21
C TRP B 416 -19.62 -32.17 24.11
N GLN B 417 -18.48 -32.57 23.55
CA GLN B 417 -17.35 -33.06 24.31
C GLN B 417 -16.14 -32.20 23.94
N SER B 418 -15.24 -32.03 24.88
CA SER B 418 -14.11 -31.12 24.68
C SER B 418 -12.82 -31.82 25.03
N TYR B 419 -11.77 -31.54 24.26
CA TYR B 419 -10.45 -32.14 24.48
C TYR B 419 -9.39 -31.10 24.21
N ASN B 420 -8.62 -30.71 25.24
CA ASN B 420 -7.67 -29.63 25.09
C ASN B 420 -6.43 -30.08 24.35
N GLU B 421 -5.79 -29.14 23.67
CA GLU B 421 -4.69 -29.45 22.77
C GLU B 421 -3.36 -29.11 23.45
N GLU B 422 -2.35 -29.89 23.11
CA GLU B 422 -1.01 -29.74 23.66
C GLU B 422 -0.46 -28.33 23.42
N THR B 423 -0.02 -27.66 24.49
CA THR B 423 0.82 -26.47 24.36
C THR B 423 2.26 -26.90 24.58
N PRO B 424 3.01 -27.27 23.53
CA PRO B 424 4.29 -27.95 23.71
C PRO B 424 5.49 -27.02 23.86
N THR B 425 6.41 -27.41 24.76
CA THR B 425 7.63 -26.66 25.00
C THR B 425 8.85 -27.49 24.67
N ALA B 426 9.96 -26.78 24.45
CA ALA B 426 11.18 -27.33 23.85
C ALA B 426 11.89 -28.28 24.81
N ASP B 427 11.91 -29.56 24.46
CA ASP B 427 12.53 -30.63 25.24
C ASP B 427 13.99 -30.78 24.88
N ASP B 428 14.74 -31.47 25.76
CA ASP B 428 16.11 -31.83 25.44
C ASP B 428 16.16 -32.66 24.17
N SER B 429 15.54 -33.85 24.19
CA SER B 429 15.57 -34.83 23.11
C SER B 429 14.82 -34.38 21.85
N ASP B 430 14.26 -33.17 21.82
CA ASP B 430 13.54 -32.66 20.65
C ASP B 430 14.29 -33.00 19.37
N THR B 431 13.65 -33.80 18.51
CA THR B 431 14.35 -34.38 17.37
C THR B 431 14.46 -33.37 16.23
N LEU B 432 13.37 -32.70 15.89
CA LEU B 432 13.34 -31.73 14.81
C LEU B 432 13.87 -30.41 15.35
N THR B 433 15.18 -30.17 15.17
CA THR B 433 15.85 -29.00 15.69
C THR B 433 16.80 -28.44 14.63
N ALA B 434 17.16 -27.18 14.84
CA ALA B 434 18.26 -26.54 14.13
C ALA B 434 18.56 -25.20 14.81
N ASN B 435 19.62 -24.56 14.36
CA ASN B 435 19.96 -23.22 14.82
C ASN B 435 19.49 -22.21 13.79
N GLY B 436 18.73 -21.22 14.24
CA GLY B 436 18.04 -20.30 13.36
C GLY B 436 16.57 -20.67 13.19
N LEU B 437 15.84 -19.75 12.56
CA LEU B 437 14.42 -19.95 12.26
C LEU B 437 14.27 -20.47 10.83
N TRP B 438 13.32 -21.38 10.65
CA TRP B 438 13.08 -22.06 9.38
C TRP B 438 11.78 -21.57 8.75
N GLU B 439 11.74 -21.57 7.42
CA GLU B 439 10.52 -21.20 6.70
C GLU B 439 9.46 -22.31 6.80
N GLN B 440 8.20 -21.90 7.07
CA GLN B 440 7.15 -22.84 7.47
C GLN B 440 6.76 -23.79 6.33
N LYS B 441 6.55 -23.27 5.12
CA LYS B 441 6.24 -24.14 3.99
C LYS B 441 7.22 -25.31 3.95
N ASN B 442 8.51 -25.00 4.02
CA ASN B 442 9.55 -26.01 3.89
C ASN B 442 9.50 -27.04 5.01
N VAL B 443 9.24 -26.61 6.24
CA VAL B 443 9.11 -27.57 7.34
C VAL B 443 7.83 -28.40 7.18
N THR B 444 6.69 -27.74 6.97
CA THR B 444 5.44 -28.50 6.97
C THR B 444 5.14 -29.18 5.65
N ARG B 445 5.74 -28.71 4.55
CA ARG B 445 5.29 -29.03 3.18
C ARG B 445 3.78 -28.90 3.06
N ASP B 446 3.19 -28.06 3.91
CA ASP B 446 1.75 -27.78 3.86
C ASP B 446 0.93 -29.03 4.14
N SER B 447 1.33 -29.78 5.15
CA SER B 447 0.48 -30.84 5.65
C SER B 447 -0.46 -30.36 6.74
N SER B 448 -0.18 -29.19 7.31
CA SER B 448 -1.02 -28.66 8.37
C SER B 448 -0.85 -27.14 8.38
N ASP B 449 -1.88 -26.44 8.84
CA ASP B 449 -1.77 -25.00 8.95
C ASP B 449 -0.72 -24.59 9.97
N TYR B 450 -0.37 -25.47 10.91
CA TYR B 450 0.29 -25.10 12.15
C TYR B 450 1.74 -25.59 12.17
N LEU B 451 2.64 -24.70 12.57
CA LEU B 451 4.05 -25.02 12.83
C LEU B 451 4.43 -24.43 14.19
N TRP B 452 5.09 -25.22 15.02
CA TRP B 452 5.50 -24.76 16.35
C TRP B 452 6.95 -24.33 16.29
N TYR B 453 7.22 -23.11 16.75
CA TYR B 453 8.57 -22.57 16.89
C TYR B 453 8.88 -22.53 18.39
N MET B 454 9.87 -23.33 18.81
CA MET B 454 10.11 -23.59 20.23
C MET B 454 11.56 -23.33 20.58
N THR B 455 11.79 -22.49 21.59
CA THR B 455 13.16 -22.24 22.03
C THR B 455 13.21 -21.92 23.51
N ASN B 456 14.40 -22.11 24.08
CA ASN B 456 14.72 -21.81 25.47
C ASN B 456 15.39 -20.44 25.58
N VAL B 457 14.97 -19.66 26.58
CA VAL B 457 15.58 -18.36 26.86
C VAL B 457 16.01 -18.31 28.33
N ASN B 458 17.30 -17.99 28.56
CA ASN B 458 17.91 -18.04 29.88
C ASN B 458 18.01 -16.66 30.50
N ILE B 459 17.79 -16.59 31.82
CA ILE B 459 17.73 -15.33 32.53
C ILE B 459 18.54 -15.44 33.81
N ALA B 460 19.70 -14.78 33.84
CA ALA B 460 20.50 -14.70 35.05
C ALA B 460 19.80 -13.83 36.10
N SER B 461 20.02 -14.19 37.37
CA SER B 461 19.27 -13.60 38.48
C SER B 461 19.56 -12.12 38.69
N ASN B 462 20.67 -11.61 38.15
CA ASN B 462 21.02 -10.20 38.28
C ASN B 462 20.37 -9.33 37.20
N GLU B 463 19.27 -9.77 36.61
CA GLU B 463 18.67 -9.06 35.49
C GLU B 463 17.86 -7.87 35.99
N GLY B 464 18.18 -6.69 35.45
CA GLY B 464 17.62 -5.45 35.97
C GLY B 464 16.12 -5.50 36.11
N PHE B 465 15.43 -6.03 35.09
CA PHE B 465 13.97 -6.11 35.15
C PHE B 465 13.51 -6.97 36.32
N LEU B 466 14.36 -7.92 36.75
CA LEU B 466 13.95 -8.92 37.72
C LEU B 466 13.81 -8.32 39.11
N LYS B 467 14.69 -7.39 39.47
CA LYS B 467 14.61 -6.77 40.79
C LYS B 467 13.63 -5.60 40.85
N ASN B 468 13.02 -5.24 39.72
CA ASN B 468 11.80 -4.45 39.69
C ASN B 468 10.63 -5.37 39.34
N GLY B 469 9.41 -4.81 39.42
CA GLY B 469 8.27 -5.58 38.98
C GLY B 469 8.15 -5.70 37.48
N LYS B 470 8.79 -4.78 36.76
CA LYS B 470 8.65 -4.67 35.32
C LYS B 470 9.31 -5.84 34.59
N ASP B 471 8.78 -6.18 33.44
CA ASP B 471 9.17 -7.35 32.67
C ASP B 471 9.92 -6.97 31.42
N PRO B 472 10.64 -7.91 30.82
CA PRO B 472 11.26 -7.64 29.51
C PRO B 472 10.21 -7.50 28.43
N TYR B 473 10.66 -6.93 27.31
CA TYR B 473 9.84 -6.70 26.13
C TYR B 473 10.25 -7.68 25.05
N LEU B 474 9.28 -8.26 24.36
CA LEU B 474 9.56 -9.24 23.31
C LEU B 474 9.03 -8.75 21.96
N THR B 475 9.90 -8.67 20.98
CA THR B 475 9.50 -8.37 19.60
C THR B 475 9.75 -9.60 18.75
N VAL B 476 8.68 -10.13 18.14
CA VAL B 476 8.73 -11.25 17.20
C VAL B 476 8.09 -10.81 15.88
N MET B 477 8.85 -10.86 14.79
CA MET B 477 8.35 -10.55 13.46
C MET B 477 8.23 -11.84 12.64
N SER B 478 7.04 -12.09 12.07
CA SER B 478 6.78 -13.28 11.27
C SER B 478 6.32 -12.92 9.86
N ALA B 479 6.67 -13.80 8.91
CA ALA B 479 6.22 -13.66 7.53
C ALA B 479 4.74 -13.92 7.37
N GLY B 480 4.10 -14.54 8.37
CA GLY B 480 2.66 -14.73 8.39
C GLY B 480 2.29 -16.17 8.65
N HIS B 481 0.98 -16.38 8.89
CA HIS B 481 -0.04 -15.33 8.77
C HIS B 481 -0.78 -15.05 10.07
N VAL B 482 -0.60 -15.95 11.04
CA VAL B 482 -1.13 -15.75 12.38
C VAL B 482 0.01 -16.06 13.34
N LEU B 483 -0.10 -15.52 14.55
CA LEU B 483 0.93 -15.76 15.57
C LEU B 483 0.32 -15.75 16.96
N HIS B 484 0.51 -16.85 17.67
CA HIS B 484 0.31 -16.92 19.11
C HIS B 484 1.67 -17.08 19.77
N VAL B 485 1.93 -16.26 20.78
CA VAL B 485 3.16 -16.34 21.56
C VAL B 485 2.81 -16.90 22.94
N PHE B 486 3.57 -17.91 23.37
CA PHE B 486 3.33 -18.62 24.62
C PHE B 486 4.53 -18.46 25.56
N VAL B 487 4.33 -17.77 26.68
CA VAL B 487 5.37 -17.57 27.68
C VAL B 487 5.16 -18.60 28.79
N ASN B 488 6.02 -19.62 28.82
CA ASN B 488 5.98 -20.68 29.85
C ASN B 488 4.61 -21.36 29.87
N GLY B 489 4.04 -21.59 28.70
CA GLY B 489 2.83 -22.37 28.58
C GLY B 489 1.55 -21.58 28.53
N LYS B 490 1.59 -20.29 28.87
CA LYS B 490 0.40 -19.46 28.88
C LYS B 490 0.44 -18.48 27.71
N LEU B 491 -0.63 -18.47 26.91
CA LEU B 491 -0.72 -17.57 25.78
C LEU B 491 -0.69 -16.11 26.24
N SER B 492 0.20 -15.33 25.64
CA SER B 492 0.38 -13.93 26.04
C SER B 492 -0.03 -12.93 24.96
N GLY B 493 -0.50 -13.39 23.81
CA GLY B 493 -1.04 -12.48 22.81
C GLY B 493 -1.06 -13.10 21.43
N THR B 494 -1.86 -12.48 20.55
CA THR B 494 -2.05 -12.99 19.20
C THR B 494 -2.12 -11.88 18.15
N VAL B 495 -1.25 -11.98 17.13
CA VAL B 495 -1.18 -11.02 16.03
C VAL B 495 -1.47 -11.74 14.70
N TYR B 496 -2.23 -11.08 13.82
CA TYR B 496 -2.57 -11.63 12.50
C TYR B 496 -2.66 -10.51 11.49
N GLY B 497 -2.59 -10.86 10.21
CA GLY B 497 -2.51 -9.90 9.13
C GLY B 497 -3.71 -9.90 8.19
N THR B 498 -3.52 -9.22 7.06
CA THR B 498 -4.50 -9.12 5.97
C THR B 498 -4.04 -9.96 4.78
N LEU B 499 -4.92 -10.06 3.77
CA LEU B 499 -4.48 -10.53 2.46
C LEU B 499 -3.45 -9.57 1.87
N ASP B 500 -3.74 -8.27 1.90
CA ASP B 500 -2.82 -7.28 1.34
C ASP B 500 -1.48 -7.30 2.06
N ASN B 501 -1.51 -7.33 3.40
CA ASN B 501 -0.28 -7.53 4.18
C ASN B 501 -0.47 -8.68 5.16
N PRO B 502 0.01 -9.87 4.82
CA PRO B 502 0.01 -10.98 5.79
C PRO B 502 1.25 -11.07 6.67
N LYS B 503 2.13 -10.07 6.65
CA LYS B 503 3.29 -10.09 7.54
C LYS B 503 2.88 -9.57 8.92
N LEU B 504 3.61 -10.04 9.95
CA LEU B 504 3.20 -9.91 11.34
C LEU B 504 4.31 -9.34 12.19
N THR B 505 3.91 -8.62 13.24
CA THR B 505 4.85 -8.17 14.26
C THR B 505 4.17 -8.22 15.62
N TYR B 506 4.57 -9.20 16.44
CA TYR B 506 4.21 -9.20 17.85
C TYR B 506 5.18 -8.31 18.62
N SER B 507 4.62 -7.50 19.51
CA SER B 507 5.41 -6.53 20.26
C SER B 507 4.81 -6.43 21.65
N GLY B 508 5.47 -7.00 22.65
CA GLY B 508 4.91 -6.91 23.98
C GLY B 508 5.79 -7.34 25.14
N ASN B 509 5.50 -6.77 26.32
CA ASN B 509 6.11 -7.25 27.56
C ASN B 509 5.67 -8.67 27.87
N VAL B 510 6.61 -9.49 28.31
CA VAL B 510 6.33 -10.86 28.68
C VAL B 510 6.90 -11.10 30.08
N LYS B 511 6.14 -11.80 30.92
CA LYS B 511 6.54 -12.02 32.32
C LYS B 511 7.37 -13.28 32.42
N LEU B 512 8.67 -13.12 32.65
CA LEU B 512 9.65 -14.20 32.76
C LEU B 512 10.28 -14.15 34.16
N ARG B 513 11.31 -15.01 34.38
CA ARG B 513 12.23 -14.86 35.50
C ARG B 513 13.38 -15.87 35.46
N ALA B 514 14.17 -15.92 36.54
CA ALA B 514 15.47 -16.55 36.59
C ALA B 514 15.41 -18.02 36.21
N GLY B 515 16.50 -18.49 35.62
CA GLY B 515 16.53 -19.83 35.13
C GLY B 515 15.93 -19.89 33.74
N ILE B 516 15.45 -21.08 33.38
CA ILE B 516 15.12 -21.43 32.01
C ILE B 516 13.62 -21.23 31.78
N ASN B 517 13.28 -20.27 30.92
CA ASN B 517 11.91 -19.99 30.51
C ASN B 517 11.62 -20.68 29.17
N LYS B 518 10.40 -21.21 29.04
CA LYS B 518 9.95 -21.87 27.81
C LYS B 518 9.15 -20.89 26.97
N ILE B 519 9.62 -20.62 25.76
CA ILE B 519 8.96 -19.71 24.84
C ILE B 519 8.61 -20.48 23.57
N SER B 520 7.31 -20.47 23.22
CA SER B 520 6.79 -21.25 22.11
C SER B 520 5.90 -20.38 21.22
N LEU B 521 6.09 -20.51 19.91
CA LEU B 521 5.35 -19.74 18.91
C LEU B 521 4.50 -20.68 18.06
N LEU B 522 3.17 -20.50 18.13
CA LEU B 522 2.25 -21.15 17.20
C LEU B 522 2.15 -20.31 15.92
N SER B 523 2.66 -20.85 14.81
CA SER B 523 2.63 -20.17 13.52
C SER B 523 1.59 -20.83 12.64
N VAL B 524 0.69 -20.02 12.06
CA VAL B 524 -0.47 -20.51 11.32
C VAL B 524 -0.50 -19.89 9.92
N SER B 525 -0.59 -20.75 8.90
CA SER B 525 -0.77 -20.29 7.53
C SER B 525 -2.22 -20.53 7.10
N VAL B 526 -2.81 -19.55 6.42
CA VAL B 526 -4.24 -19.66 6.13
C VAL B 526 -4.47 -19.71 4.61
N GLY B 527 -4.08 -20.83 4.00
CA GLY B 527 -4.10 -20.97 2.56
C GLY B 527 -2.85 -20.36 1.94
N LEU B 528 -2.31 -20.99 0.84
CA LEU B 528 -1.12 -20.43 0.19
C LEU B 528 -1.50 -19.47 -0.93
N PRO B 529 -0.67 -18.46 -1.21
CA PRO B 529 -1.00 -17.46 -2.24
C PRO B 529 -1.18 -18.07 -3.63
N ASN B 530 -1.98 -17.40 -4.45
CA ASN B 530 -2.36 -17.96 -5.74
C ASN B 530 -2.18 -17.00 -6.91
N VAL B 531 -1.67 -15.79 -6.67
CA VAL B 531 -1.55 -14.81 -7.73
C VAL B 531 -0.32 -13.96 -7.43
N GLY B 532 0.37 -13.53 -8.50
CA GLY B 532 1.48 -12.62 -8.40
C GLY B 532 2.81 -13.21 -8.82
N VAL B 533 3.64 -12.42 -9.51
CA VAL B 533 4.96 -12.88 -9.96
C VAL B 533 5.71 -13.48 -8.78
N HIS B 534 6.23 -14.71 -8.99
CA HIS B 534 7.00 -15.46 -8.00
C HIS B 534 6.30 -15.50 -6.64
N TYR B 535 4.98 -15.75 -6.64
CA TYR B 535 4.28 -15.88 -5.37
C TYR B 535 4.68 -17.15 -4.64
N ASP B 536 5.03 -18.22 -5.38
CA ASP B 536 5.46 -19.46 -4.76
C ASP B 536 6.74 -19.28 -3.95
N THR B 537 7.48 -18.20 -4.19
CA THR B 537 8.74 -17.92 -3.52
C THR B 537 8.57 -16.99 -2.31
N TRP B 538 7.34 -16.69 -1.90
CA TRP B 538 7.09 -15.91 -0.71
C TRP B 538 7.18 -16.83 0.52
N ASN B 539 7.16 -16.24 1.71
CA ASN B 539 7.40 -16.98 2.94
C ASN B 539 6.22 -16.90 3.89
N ALA B 540 6.07 -17.96 4.70
CA ALA B 540 5.21 -17.95 5.87
C ALA B 540 6.00 -18.48 7.06
N GLY B 541 5.69 -17.96 8.24
CA GLY B 541 6.32 -18.40 9.46
C GLY B 541 7.27 -17.37 10.05
N VAL B 542 7.71 -17.66 11.27
CA VAL B 542 8.58 -16.78 12.04
C VAL B 542 10.00 -16.95 11.53
N LEU B 543 10.44 -16.01 10.69
CA LEU B 543 11.81 -15.99 10.18
C LEU B 543 12.64 -14.90 10.85
N GLY B 544 12.05 -14.08 11.70
CA GLY B 544 12.77 -13.10 12.46
C GLY B 544 12.51 -11.67 12.01
N PRO B 545 13.18 -10.70 12.66
CA PRO B 545 14.00 -10.91 13.86
C PRO B 545 13.16 -11.11 15.10
N VAL B 546 13.68 -11.83 16.08
CA VAL B 546 12.98 -12.09 17.33
C VAL B 546 13.88 -11.59 18.45
N THR B 547 13.47 -10.51 19.12
CA THR B 547 14.38 -9.80 20.01
C THR B 547 13.78 -9.60 21.39
N LEU B 548 14.60 -9.82 22.41
CA LEU B 548 14.24 -9.67 23.81
C LEU B 548 15.02 -8.47 24.37
N SER B 549 14.36 -7.33 24.45
CA SER B 549 14.99 -6.12 24.96
C SER B 549 14.58 -5.89 26.40
N GLY B 550 15.27 -4.95 27.05
CA GLY B 550 15.02 -4.66 28.46
C GLY B 550 15.89 -5.45 29.42
N LEU B 551 17.01 -6.00 28.95
CA LEU B 551 17.85 -6.91 29.70
C LEU B 551 19.07 -6.18 30.27
N ASN B 552 20.05 -6.94 30.75
CA ASN B 552 21.31 -6.34 31.19
C ASN B 552 22.19 -6.03 29.99
N GLU B 553 22.43 -7.05 29.15
CA GLU B 553 22.83 -6.82 27.77
C GLU B 553 21.80 -5.91 27.12
N GLY B 554 22.15 -5.37 25.95
CA GLY B 554 21.21 -4.50 25.26
C GLY B 554 19.91 -5.22 24.95
N SER B 555 19.85 -5.84 23.78
CA SER B 555 18.81 -6.78 23.43
C SER B 555 19.45 -8.09 23.01
N ARG B 556 18.70 -9.18 23.17
CA ARG B 556 19.09 -10.49 22.69
C ARG B 556 18.35 -10.75 21.39
N ASN B 557 19.06 -11.30 20.40
CA ASN B 557 18.42 -11.76 19.17
C ASN B 557 18.21 -13.27 19.29
N LEU B 558 16.99 -13.65 19.68
CA LEU B 558 16.60 -15.04 19.83
C LEU B 558 16.66 -15.82 18.51
N ALA B 559 16.85 -15.13 17.38
CA ALA B 559 16.95 -15.82 16.11
C ALA B 559 18.17 -16.74 16.04
N LYS B 560 19.22 -16.44 16.80
CA LYS B 560 20.44 -17.24 16.78
C LYS B 560 20.62 -17.95 18.12
N GLN B 561 19.78 -18.95 18.34
CA GLN B 561 19.99 -20.02 19.31
C GLN B 561 19.37 -21.27 18.72
N LYS B 562 19.07 -22.26 19.56
CA LYS B 562 18.45 -23.48 19.06
C LYS B 562 16.93 -23.35 19.13
N TRP B 563 16.28 -23.76 18.04
CA TRP B 563 14.84 -23.86 17.95
C TRP B 563 14.47 -25.30 17.65
N SER B 564 13.36 -25.77 18.23
CA SER B 564 12.80 -27.05 17.86
C SER B 564 11.44 -26.83 17.20
N TYR B 565 11.05 -27.79 16.37
CA TYR B 565 9.83 -27.67 15.58
C TYR B 565 8.88 -28.85 15.82
N LYS B 566 7.59 -28.55 15.93
CA LYS B 566 6.54 -29.56 15.90
C LYS B 566 5.52 -29.21 14.81
N VAL B 567 5.38 -30.09 13.82
CA VAL B 567 4.53 -29.84 12.65
C VAL B 567 3.12 -30.33 12.94
N GLY B 568 2.15 -29.45 12.79
CA GLY B 568 0.76 -29.81 13.04
C GLY B 568 0.45 -29.88 14.51
N LEU B 569 -0.73 -30.40 14.85
CA LEU B 569 -1.16 -30.53 16.24
C LEU B 569 -1.45 -31.97 16.58
N LYS B 570 -1.59 -32.20 17.90
CA LYS B 570 -1.75 -33.56 18.43
C LYS B 570 -3.02 -34.19 17.88
N GLY B 571 -4.13 -33.44 17.94
CA GLY B 571 -5.40 -33.94 17.44
C GLY B 571 -5.38 -34.23 15.96
N GLU B 572 -4.54 -33.52 15.21
CA GLU B 572 -4.39 -33.82 13.80
C GLU B 572 -3.81 -35.20 13.62
N SER B 573 -2.76 -35.51 14.38
CA SER B 573 -2.09 -36.81 14.27
C SER B 573 -2.98 -37.94 14.81
N LEU B 574 -3.75 -37.67 15.85
CA LEU B 574 -4.72 -38.66 16.29
C LEU B 574 -5.90 -38.79 15.34
N SER B 575 -5.96 -37.96 14.28
CA SER B 575 -7.12 -37.84 13.40
C SER B 575 -8.41 -37.69 14.21
N LEU B 576 -8.40 -36.73 15.14
CA LEU B 576 -9.59 -36.58 15.99
C LEU B 576 -10.83 -36.27 15.17
N HIS B 577 -10.65 -35.85 13.92
CA HIS B 577 -11.73 -35.48 13.03
C HIS B 577 -12.40 -36.67 12.39
N SER B 578 -11.70 -37.79 12.30
CA SER B 578 -12.18 -39.03 11.71
C SER B 578 -13.09 -39.77 12.69
N LEU B 579 -13.95 -40.62 12.14
CA LEU B 579 -14.94 -41.33 12.96
C LEU B 579 -14.25 -42.27 13.93
N SER B 580 -13.29 -43.06 13.44
CA SER B 580 -12.56 -43.96 14.33
C SER B 580 -11.59 -43.20 15.23
N GLY B 581 -10.72 -42.39 14.64
CA GLY B 581 -9.73 -41.65 15.42
C GLY B 581 -10.32 -40.72 16.45
N SER B 582 -11.58 -40.31 16.28
CA SER B 582 -12.24 -39.44 17.23
C SER B 582 -12.19 -39.99 18.65
N SER B 583 -12.11 -41.31 18.81
CA SER B 583 -12.14 -41.97 20.12
C SER B 583 -10.72 -42.30 20.64
N SER B 584 -9.68 -41.72 20.03
CA SER B 584 -8.32 -42.00 20.49
C SER B 584 -8.05 -41.42 21.88
N VAL B 585 -8.90 -40.55 22.39
CA VAL B 585 -8.64 -39.82 23.62
C VAL B 585 -9.88 -39.82 24.49
N GLU B 586 -9.67 -39.49 25.75
CA GLU B 586 -10.76 -39.30 26.68
C GLU B 586 -11.28 -37.89 26.49
N TRP B 587 -12.59 -37.76 26.34
CA TRP B 587 -13.20 -36.45 26.15
C TRP B 587 -13.87 -35.99 27.45
N VAL B 588 -13.78 -34.68 27.69
CA VAL B 588 -14.49 -34.08 28.82
C VAL B 588 -15.95 -33.87 28.45
N ARG B 589 -16.85 -34.56 29.14
CA ARG B 589 -18.27 -34.42 28.92
C ARG B 589 -18.86 -33.47 29.97
N GLY B 590 -20.12 -33.08 29.74
CA GLY B 590 -20.88 -32.33 30.73
C GLY B 590 -20.24 -31.05 31.20
N SER B 591 -20.74 -30.51 32.32
CA SER B 591 -20.52 -29.15 32.78
C SER B 591 -19.07 -28.66 32.79
N LEU B 592 -18.10 -29.52 32.49
CA LEU B 592 -16.70 -29.12 32.53
C LEU B 592 -16.12 -28.82 31.14
N MET B 593 -16.97 -28.46 30.18
CA MET B 593 -16.50 -28.16 28.83
C MET B 593 -15.80 -26.83 28.79
N ALA B 594 -14.77 -26.75 27.97
CA ALA B 594 -13.94 -25.56 27.89
C ALA B 594 -14.68 -24.45 27.14
N GLN B 595 -15.00 -23.36 27.82
CA GLN B 595 -15.51 -22.16 27.17
C GLN B 595 -14.36 -21.19 26.93
N LYS B 596 -14.33 -20.60 25.73
CA LYS B 596 -13.31 -19.64 25.29
C LYS B 596 -11.92 -20.06 25.78
N GLN B 597 -11.45 -21.21 25.27
CA GLN B 597 -10.11 -21.68 25.58
C GLN B 597 -9.37 -21.98 24.28
N PRO B 598 -8.23 -21.35 24.03
CA PRO B 598 -7.48 -21.60 22.80
C PRO B 598 -7.14 -23.07 22.64
N LEU B 599 -6.92 -23.46 21.38
CA LEU B 599 -6.59 -24.83 21.00
C LEU B 599 -7.45 -25.87 21.69
N THR B 600 -8.75 -25.88 21.40
CA THR B 600 -9.65 -26.87 21.97
C THR B 600 -10.36 -27.61 20.85
N TRP B 601 -10.41 -28.94 20.96
CA TRP B 601 -11.23 -29.77 20.10
C TRP B 601 -12.60 -29.97 20.73
N TYR B 602 -13.62 -30.09 19.87
CA TYR B 602 -14.98 -30.31 20.28
C TYR B 602 -15.61 -31.36 19.39
N LYS B 603 -16.48 -32.19 19.98
CA LYS B 603 -17.22 -33.15 19.16
C LYS B 603 -18.65 -33.25 19.64
N ALA B 604 -19.53 -33.61 18.71
CA ALA B 604 -20.96 -33.73 18.98
C ALA B 604 -21.60 -34.60 17.91
N THR B 605 -22.68 -35.27 18.30
CA THR B 605 -23.46 -36.12 17.41
C THR B 605 -24.83 -35.48 17.21
N PHE B 606 -25.40 -35.66 16.01
CA PHE B 606 -26.70 -35.09 15.70
C PHE B 606 -27.40 -35.91 14.62
N ASN B 607 -28.72 -35.75 14.57
CA ASN B 607 -29.58 -36.40 13.58
C ASN B 607 -29.84 -35.46 12.40
N ALA B 608 -29.80 -36.03 11.19
CA ALA B 608 -30.06 -35.34 9.95
C ALA B 608 -31.39 -34.59 10.00
N PRO B 609 -31.40 -33.27 9.78
CA PRO B 609 -32.67 -32.55 9.75
C PRO B 609 -33.53 -32.99 8.58
N GLY B 610 -34.81 -32.65 8.67
CA GLY B 610 -35.76 -33.05 7.66
C GLY B 610 -35.77 -32.09 6.47
N GLY B 611 -36.14 -32.63 5.32
CA GLY B 611 -36.35 -31.82 4.15
C GLY B 611 -35.20 -31.84 3.18
N ASN B 612 -35.19 -30.82 2.32
CA ASN B 612 -34.19 -30.66 1.28
C ASN B 612 -33.50 -29.31 1.33
N ASP B 613 -33.73 -28.52 2.37
CA ASP B 613 -33.04 -27.24 2.44
C ASP B 613 -31.53 -27.48 2.58
N PRO B 614 -30.71 -26.69 1.93
CA PRO B 614 -29.28 -26.75 2.23
C PRO B 614 -29.04 -26.41 3.69
N LEU B 615 -27.95 -26.94 4.23
CA LEU B 615 -27.60 -26.73 5.63
C LEU B 615 -26.33 -25.89 5.77
N ALA B 616 -26.25 -25.17 6.87
CA ALA B 616 -25.02 -24.52 7.26
C ALA B 616 -24.88 -24.60 8.77
N LEU B 617 -23.66 -24.39 9.25
CA LEU B 617 -23.37 -24.30 10.67
C LEU B 617 -23.24 -22.84 11.07
N ASP B 618 -24.07 -22.41 12.02
CA ASP B 618 -23.85 -21.11 12.63
C ASP B 618 -22.65 -21.21 13.57
N MET B 619 -21.60 -20.44 13.28
CA MET B 619 -20.39 -20.40 14.08
C MET B 619 -20.12 -19.00 14.63
N ALA B 620 -21.17 -18.19 14.79
CA ALA B 620 -20.99 -16.86 15.34
C ALA B 620 -20.37 -16.91 16.73
N SER B 621 -20.65 -17.99 17.49
CA SER B 621 -20.13 -18.11 18.84
C SER B 621 -18.66 -18.52 18.89
N MET B 622 -18.13 -19.05 17.79
CA MET B 622 -16.77 -19.56 17.77
C MET B 622 -15.77 -18.49 17.35
N GLY B 623 -14.50 -18.89 17.28
CA GLY B 623 -13.44 -17.94 17.00
C GLY B 623 -12.77 -18.18 15.66
N LYS B 624 -12.05 -19.29 15.51
CA LYS B 624 -11.42 -19.69 14.25
C LYS B 624 -10.89 -21.10 14.37
N GLY B 625 -10.86 -21.83 13.25
CA GLY B 625 -10.33 -23.18 13.20
C GLY B 625 -10.78 -24.01 12.00
N GLN B 626 -11.05 -25.31 12.22
CA GLN B 626 -11.51 -26.20 11.17
C GLN B 626 -12.74 -26.97 11.62
N ILE B 627 -13.50 -27.47 10.63
CA ILE B 627 -14.76 -28.17 10.85
C ILE B 627 -14.77 -29.43 10.01
N TRP B 628 -15.38 -30.49 10.55
CA TRP B 628 -15.53 -31.78 9.90
C TRP B 628 -16.94 -32.31 10.17
N ILE B 629 -17.54 -32.96 9.18
CA ILE B 629 -18.76 -33.72 9.37
C ILE B 629 -18.51 -35.12 8.84
N ASN B 630 -18.57 -36.11 9.74
CA ASN B 630 -18.26 -37.51 9.43
C ASN B 630 -16.92 -37.65 8.71
N GLY B 631 -15.92 -36.91 9.17
CA GLY B 631 -14.56 -37.01 8.70
C GLY B 631 -14.23 -36.39 7.36
N GLU B 632 -15.18 -35.71 6.71
CA GLU B 632 -14.88 -34.90 5.53
C GLU B 632 -14.79 -33.44 5.96
N GLY B 633 -13.83 -32.73 5.37
CA GLY B 633 -13.52 -31.37 5.79
C GLY B 633 -14.50 -30.33 5.28
N VAL B 634 -15.23 -29.72 6.21
CA VAL B 634 -16.16 -28.64 5.85
C VAL B 634 -15.38 -27.43 5.39
N GLY B 635 -14.28 -27.11 6.05
CA GLY B 635 -13.48 -25.97 5.68
C GLY B 635 -12.95 -25.27 6.92
N ARG B 636 -12.09 -24.27 6.71
CA ARG B 636 -11.67 -23.43 7.82
C ARG B 636 -12.83 -22.53 8.23
N HIS B 637 -12.86 -22.11 9.52
CA HIS B 637 -13.81 -21.09 9.95
C HIS B 637 -13.06 -19.95 10.65
N TRP B 638 -13.55 -18.75 10.47
CA TRP B 638 -12.84 -17.64 11.09
C TRP B 638 -13.79 -16.49 11.36
N PRO B 639 -14.91 -16.70 12.05
CA PRO B 639 -15.74 -15.56 12.44
C PRO B 639 -15.04 -14.62 13.39
N GLY B 640 -13.97 -15.09 14.03
CA GLY B 640 -13.17 -14.21 14.85
C GLY B 640 -12.70 -13.00 14.09
N TYR B 641 -12.37 -13.17 12.81
CA TYR B 641 -12.00 -12.02 11.97
C TYR B 641 -13.23 -11.19 11.63
N ILE B 642 -13.13 -9.88 11.85
CA ILE B 642 -14.26 -9.00 11.60
C ILE B 642 -14.08 -8.37 10.22
N ALA B 643 -15.16 -8.28 9.44
CA ALA B 643 -15.07 -7.73 8.10
C ALA B 643 -14.65 -6.25 8.14
N GLN B 644 -13.56 -5.94 7.45
CA GLN B 644 -13.01 -4.58 7.37
C GLN B 644 -13.29 -4.00 5.98
N GLY B 645 -13.81 -2.77 5.93
CA GLY B 645 -13.87 -2.03 4.69
C GLY B 645 -15.08 -1.12 4.60
N ASP B 646 -15.19 -0.48 3.44
CA ASP B 646 -16.21 0.52 3.12
C ASP B 646 -17.43 -0.16 2.52
N CYS B 647 -18.65 0.17 3.01
CA CYS B 647 -19.89 -0.47 2.50
C CYS B 647 -21.05 0.51 2.41
N SER B 648 -20.90 1.50 1.54
CA SER B 648 -22.01 2.35 1.13
C SER B 648 -23.03 1.56 0.31
N LYS B 649 -24.29 1.98 0.38
CA LYS B 649 -25.29 1.29 -0.41
C LYS B 649 -25.15 1.69 -1.87
N CYS B 650 -25.71 0.85 -2.76
CA CYS B 650 -25.24 0.79 -4.13
C CYS B 650 -26.29 1.30 -5.10
N SER B 651 -25.80 1.85 -6.20
CA SER B 651 -26.57 2.10 -7.42
C SER B 651 -26.08 1.20 -8.53
N TYR B 652 -27.01 0.61 -9.30
CA TYR B 652 -26.56 -0.24 -10.42
C TYR B 652 -25.79 0.57 -11.45
N ALA B 653 -26.08 1.87 -11.57
CA ALA B 653 -25.56 2.66 -12.68
C ALA B 653 -24.12 3.05 -12.47
N GLY B 654 -23.35 3.05 -13.55
CA GLY B 654 -22.00 3.55 -13.52
C GLY B 654 -20.98 2.43 -13.37
N THR B 655 -19.76 2.72 -13.82
CA THR B 655 -18.60 1.84 -13.73
C THR B 655 -18.52 1.11 -12.40
N PHE B 656 -18.52 -0.22 -12.48
CA PHE B 656 -18.44 -1.06 -11.30
C PHE B 656 -16.99 -1.44 -11.00
N ASN B 657 -16.64 -1.44 -9.72
CA ASN B 657 -15.42 -2.08 -9.25
C ASN B 657 -15.78 -2.94 -8.05
N GLU B 658 -14.86 -3.85 -7.69
CA GLU B 658 -15.17 -4.92 -6.74
C GLU B 658 -15.49 -4.41 -5.35
N LYS B 659 -15.20 -3.14 -5.05
CA LYS B 659 -15.56 -2.57 -3.76
C LYS B 659 -16.84 -1.74 -3.80
N LYS B 660 -17.48 -1.58 -4.97
CA LYS B 660 -18.58 -0.64 -5.09
C LYS B 660 -19.77 -1.05 -4.25
N CYS B 661 -20.16 -2.32 -4.31
CA CYS B 661 -21.28 -2.84 -3.52
C CYS B 661 -20.78 -3.90 -2.57
N GLN B 662 -20.28 -3.48 -1.41
CA GLN B 662 -19.87 -4.43 -0.38
C GLN B 662 -20.92 -4.44 0.73
N THR B 663 -21.07 -5.62 1.35
CA THR B 663 -22.01 -5.82 2.43
C THR B 663 -21.27 -6.43 3.62
N ASN B 664 -22.01 -6.60 4.72
CA ASN B 664 -21.59 -7.40 5.86
C ASN B 664 -20.30 -6.84 6.47
N CYS B 665 -20.42 -5.64 7.03
CA CYS B 665 -19.28 -4.90 7.54
C CYS B 665 -19.41 -4.71 9.03
N GLY B 666 -18.29 -4.88 9.73
CA GLY B 666 -18.30 -5.10 11.16
C GLY B 666 -18.68 -6.50 11.56
N GLN B 667 -19.17 -7.30 10.62
CA GLN B 667 -19.66 -8.64 10.90
C GLN B 667 -18.51 -9.63 10.96
N PRO B 668 -18.77 -10.83 11.49
CA PRO B 668 -17.87 -11.95 11.19
C PRO B 668 -17.76 -12.11 9.68
N SER B 669 -16.52 -12.25 9.19
CA SER B 669 -16.30 -12.26 7.74
C SER B 669 -17.10 -13.38 7.09
N GLN B 670 -17.14 -14.54 7.72
CA GLN B 670 -18.03 -15.62 7.34
C GLN B 670 -18.67 -16.15 8.61
N ARG B 671 -19.99 -16.13 8.67
CA ARG B 671 -20.69 -16.65 9.84
C ARG B 671 -21.31 -18.03 9.59
N TRP B 672 -21.89 -18.24 8.41
CA TRP B 672 -22.54 -19.50 8.07
C TRP B 672 -21.58 -20.42 7.33
N TYR B 673 -21.56 -21.70 7.70
CA TYR B 673 -20.61 -22.64 7.10
C TYR B 673 -21.37 -23.81 6.51
N HIS B 674 -21.28 -23.94 5.19
CA HIS B 674 -22.16 -24.78 4.39
C HIS B 674 -21.86 -26.24 4.66
N VAL B 675 -22.91 -27.03 4.89
CA VAL B 675 -22.76 -28.48 5.04
C VAL B 675 -23.58 -29.16 3.97
N PRO B 676 -22.95 -29.80 2.99
CA PRO B 676 -23.73 -30.55 1.98
C PRO B 676 -24.62 -31.60 2.62
N ARG B 677 -25.85 -31.71 2.11
CA ARG B 677 -26.77 -32.71 2.64
C ARG B 677 -26.23 -34.11 2.44
N SER B 678 -25.53 -34.33 1.32
CA SER B 678 -24.99 -35.63 0.97
C SER B 678 -23.93 -36.16 1.94
N TRP B 679 -23.26 -35.29 2.68
CA TRP B 679 -22.27 -35.75 3.65
C TRP B 679 -22.90 -36.27 4.91
N LEU B 680 -24.20 -36.05 5.10
CA LEU B 680 -24.90 -36.54 6.27
C LEU B 680 -25.29 -38.01 6.11
N LYS B 681 -25.58 -38.63 7.24
CA LYS B 681 -26.40 -39.82 7.37
C LYS B 681 -27.70 -39.44 8.08
N PRO B 682 -28.68 -40.35 8.15
CA PRO B 682 -29.91 -39.99 8.88
C PRO B 682 -29.72 -39.82 10.39
N SER B 683 -28.97 -40.71 11.03
CA SER B 683 -28.68 -40.57 12.46
C SER B 683 -27.20 -40.88 12.74
N GLY B 684 -26.71 -40.27 13.81
CA GLY B 684 -25.35 -40.53 14.26
C GLY B 684 -24.27 -39.72 13.59
N ASN B 685 -24.59 -38.51 13.12
CA ASN B 685 -23.60 -37.71 12.41
C ASN B 685 -22.59 -37.13 13.39
N LEU B 686 -21.29 -37.33 13.10
CA LEU B 686 -20.22 -36.81 13.92
C LEU B 686 -19.80 -35.41 13.47
N LEU B 687 -19.73 -34.48 14.41
CA LEU B 687 -19.35 -33.10 14.15
C LEU B 687 -18.19 -32.73 15.07
N VAL B 688 -17.02 -32.49 14.48
CA VAL B 688 -15.81 -32.17 15.24
C VAL B 688 -15.24 -30.86 14.73
N VAL B 689 -15.12 -29.87 15.60
CA VAL B 689 -14.48 -28.61 15.27
C VAL B 689 -13.20 -28.50 16.10
N PHE B 690 -12.12 -28.02 15.47
CA PHE B 690 -10.98 -27.51 16.22
C PHE B 690 -11.09 -26.01 16.36
N GLU B 691 -11.06 -25.52 17.59
CA GLU B 691 -11.23 -24.11 17.90
C GLU B 691 -9.85 -23.57 18.27
N GLU B 692 -9.25 -22.86 17.32
CA GLU B 692 -7.89 -22.36 17.49
C GLU B 692 -7.82 -21.16 18.41
N TRP B 693 -8.85 -20.30 18.40
CA TRP B 693 -8.87 -19.04 19.12
C TRP B 693 -9.65 -19.11 20.42
N GLY B 694 -10.87 -19.62 20.38
CA GLY B 694 -11.70 -19.71 21.56
C GLY B 694 -13.14 -19.41 21.23
N GLY B 695 -14.03 -20.37 21.50
CA GLY B 695 -15.44 -20.17 21.26
C GLY B 695 -16.27 -20.78 22.39
N ASN B 696 -17.58 -20.50 22.33
CA ASN B 696 -18.56 -21.13 23.21
C ASN B 696 -19.42 -22.07 22.38
N PRO B 697 -19.17 -23.38 22.41
CA PRO B 697 -19.85 -24.28 21.46
C PRO B 697 -21.33 -24.43 21.68
N THR B 698 -21.89 -23.88 22.76
CA THR B 698 -23.32 -23.96 22.97
C THR B 698 -24.07 -22.84 22.27
N GLY B 699 -23.43 -22.20 21.29
CA GLY B 699 -24.06 -21.25 20.40
C GLY B 699 -24.05 -21.78 18.99
N ILE B 700 -23.48 -22.98 18.81
CA ILE B 700 -23.41 -23.60 17.49
C ILE B 700 -24.75 -24.26 17.19
N SER B 701 -25.31 -23.95 16.02
CA SER B 701 -26.56 -24.54 15.58
C SER B 701 -26.46 -24.91 14.11
N LEU B 702 -27.18 -25.97 13.73
CA LEU B 702 -27.50 -26.20 12.34
C LEU B 702 -28.62 -25.26 11.91
N VAL B 703 -28.56 -24.79 10.67
CA VAL B 703 -29.61 -23.96 10.10
C VAL B 703 -29.97 -24.52 8.73
N ARG B 704 -31.24 -24.37 8.37
CA ARG B 704 -31.68 -24.60 7.00
C ARG B 704 -31.77 -23.25 6.26
N ARG B 705 -31.65 -23.32 4.93
CA ARG B 705 -31.49 -22.12 4.12
C ARG B 705 -32.64 -22.03 3.15
N SER B 706 -33.34 -20.91 3.19
CA SER B 706 -34.50 -20.67 2.35
C SER B 706 -34.40 -19.26 1.80
N ARG B 707 -34.81 -19.12 0.53
CA ARG B 707 -34.98 -17.82 -0.10
C ARG B 707 -36.43 -17.72 -0.53
N SER B 708 -37.10 -16.66 -0.08
CA SER B 708 -38.50 -16.37 -0.38
C SER B 708 -38.59 -15.02 -1.08
N ALA B 709 -39.70 -14.78 -1.76
CA ALA B 709 -39.89 -13.56 -2.54
C ALA B 709 -40.22 -12.35 -1.64
#